data_5Y4T
# 
_entry.id   5Y4T 
# 
_audit_conform.dict_name       mmcif_pdbx.dic 
_audit_conform.dict_version    5.380 
_audit_conform.dict_location   http://mmcif.pdb.org/dictionaries/ascii/mmcif_pdbx.dic 
# 
loop_
_database_2.database_id 
_database_2.database_code 
_database_2.pdbx_database_accession 
_database_2.pdbx_DOI 
PDB   5Y4T         pdb_00005y4t 10.2210/pdb5y4t/pdb 
WWPDB D_1300004610 ?            ?                   
# 
_pdbx_database_status.status_code                     REL 
_pdbx_database_status.status_code_sf                  REL 
_pdbx_database_status.status_code_mr                  ? 
_pdbx_database_status.entry_id                        5Y4T 
_pdbx_database_status.recvd_initial_deposition_date   2017-08-05 
_pdbx_database_status.SG_entry                        N 
_pdbx_database_status.deposit_site                    PDBJ 
_pdbx_database_status.process_site                    PDBJ 
_pdbx_database_status.status_code_cs                  ? 
_pdbx_database_status.methods_development_category    ? 
_pdbx_database_status.pdb_format_compatible           Y 
_pdbx_database_status.status_code_nmr_data            ? 
# 
loop_
_audit_author.name 
_audit_author.pdbx_ordinal 
_audit_author.identifier_ORCID 
'Chi, C.B.'   1 ? 
'Tang, Y.J.'  2 ? 
'Zhang, J.H.' 3 ? 
'Dai, Y.N.'   4 ? 
'Abdalla, M.' 5 ? 
'Chen, Y.X.'  6 ? 
'Zhou, C.Z.'  7 ? 
# 
_citation.abstract                  ? 
_citation.abstract_id_CAS           ? 
_citation.book_id_ISBN              ? 
_citation.book_publisher            ? 
_citation.book_publisher_city       ? 
_citation.book_title                ? 
_citation.coordinate_linkage        ? 
_citation.country                   UK 
_citation.database_id_Medline       ? 
_citation.details                   ? 
_citation.id                        primary 
_citation.journal_abbrev            J.Mol.Biol. 
_citation.journal_id_ASTM           JMOBAK 
_citation.journal_id_CSD            0070 
_citation.journal_id_ISSN           1089-8638 
_citation.journal_full              ? 
_citation.journal_issue             ? 
_citation.journal_volume            430 
_citation.language                  ? 
_citation.page_first                1235 
_citation.page_last                 1248 
_citation.title                     'Structural and Biochemical Insights into the Multiple Functions of Yeast Grx3.' 
_citation.year                      2018 
_citation.database_id_CSD           ? 
_citation.pdbx_database_id_DOI      10.1016/j.jmb.2018.02.024 
_citation.pdbx_database_id_PubMed   29524511 
_citation.unpublished_flag          ? 
# 
loop_
_citation_author.citation_id 
_citation_author.name 
_citation_author.ordinal 
_citation_author.identifier_ORCID 
primary 'Chi, C.B.'   1 ? 
primary 'Tang, Y.'    2 ? 
primary 'Zhang, J.'   3 ? 
primary 'Dai, Y.N.'   4 ? 
primary 'Abdalla, M.' 5 ? 
primary 'Chen, Y.'    6 ? 
primary 'Zhou, C.Z.'  7 ? 
# 
_cell.angle_alpha                  90.00 
_cell.angle_alpha_esd              ? 
_cell.angle_beta                   90.00 
_cell.angle_beta_esd               ? 
_cell.angle_gamma                  90.00 
_cell.angle_gamma_esd              ? 
_cell.entry_id                     5Y4T 
_cell.details                      ? 
_cell.formula_units_Z              ? 
_cell.length_a                     77.329 
_cell.length_a_esd                 ? 
_cell.length_b                     77.329 
_cell.length_b_esd                 ? 
_cell.length_c                     37.113 
_cell.length_c_esd                 ? 
_cell.volume                       ? 
_cell.volume_esd                   ? 
_cell.Z_PDB                        8 
_cell.reciprocal_angle_alpha       ? 
_cell.reciprocal_angle_beta        ? 
_cell.reciprocal_angle_gamma       ? 
_cell.reciprocal_angle_alpha_esd   ? 
_cell.reciprocal_angle_beta_esd    ? 
_cell.reciprocal_angle_gamma_esd   ? 
_cell.reciprocal_length_a          ? 
_cell.reciprocal_length_b          ? 
_cell.reciprocal_length_c          ? 
_cell.reciprocal_length_a_esd      ? 
_cell.reciprocal_length_b_esd      ? 
_cell.reciprocal_length_c_esd      ? 
_cell.pdbx_unique_axis             ? 
# 
_symmetry.entry_id                         5Y4T 
_symmetry.cell_setting                     ? 
_symmetry.Int_Tables_number                92 
_symmetry.space_group_name_Hall            ? 
_symmetry.space_group_name_H-M             'P 41 21 2' 
_symmetry.pdbx_full_space_group_name_H-M   ? 
# 
loop_
_entity.id 
_entity.type 
_entity.src_method 
_entity.pdbx_description 
_entity.formula_weight 
_entity.pdbx_number_of_molecules 
_entity.pdbx_ec 
_entity.pdbx_mutation 
_entity.pdbx_fragment 
_entity.details 
1 polymer     man Glutaredoxin 13770.361 1   ? ? ? ? 
2 non-polymer syn GLYCEROL     92.094    2   ? ? ? ? 
3 water       nat water        18.015    102 ? ? ? ? 
# 
_entity_poly.entity_id                      1 
_entity_poly.type                           'polypeptide(L)' 
_entity_poly.nstd_linkage                   no 
_entity_poly.nstd_monomer                   no 
_entity_poly.pdbx_seq_one_letter_code       
;MPVIEINDQEQFTYLTTTAAGDKLIVLYFHTSWAEPCKALKQVFEAISNEPSNSNVSFLSIDADENSEISELFEISAVPY
FIIIHKGTILKELSGADPKEFVSLLEDCKNSVNSLEHHHHHH
;
_entity_poly.pdbx_seq_one_letter_code_can   
;MPVIEINDQEQFTYLTTTAAGDKLIVLYFHTSWAEPCKALKQVFEAISNEPSNSNVSFLSIDADENSEISELFEISAVPY
FIIIHKGTILKELSGADPKEFVSLLEDCKNSVNSLEHHHHHH
;
_entity_poly.pdbx_strand_id                 A 
_entity_poly.pdbx_target_identifier         ? 
# 
loop_
_entity_poly_seq.entity_id 
_entity_poly_seq.num 
_entity_poly_seq.mon_id 
_entity_poly_seq.hetero 
1 1   MET n 
1 2   PRO n 
1 3   VAL n 
1 4   ILE n 
1 5   GLU n 
1 6   ILE n 
1 7   ASN n 
1 8   ASP n 
1 9   GLN n 
1 10  GLU n 
1 11  GLN n 
1 12  PHE n 
1 13  THR n 
1 14  TYR n 
1 15  LEU n 
1 16  THR n 
1 17  THR n 
1 18  THR n 
1 19  ALA n 
1 20  ALA n 
1 21  GLY n 
1 22  ASP n 
1 23  LYS n 
1 24  LEU n 
1 25  ILE n 
1 26  VAL n 
1 27  LEU n 
1 28  TYR n 
1 29  PHE n 
1 30  HIS n 
1 31  THR n 
1 32  SER n 
1 33  TRP n 
1 34  ALA n 
1 35  GLU n 
1 36  PRO n 
1 37  CYS n 
1 38  LYS n 
1 39  ALA n 
1 40  LEU n 
1 41  LYS n 
1 42  GLN n 
1 43  VAL n 
1 44  PHE n 
1 45  GLU n 
1 46  ALA n 
1 47  ILE n 
1 48  SER n 
1 49  ASN n 
1 50  GLU n 
1 51  PRO n 
1 52  SER n 
1 53  ASN n 
1 54  SER n 
1 55  ASN n 
1 56  VAL n 
1 57  SER n 
1 58  PHE n 
1 59  LEU n 
1 60  SER n 
1 61  ILE n 
1 62  ASP n 
1 63  ALA n 
1 64  ASP n 
1 65  GLU n 
1 66  ASN n 
1 67  SER n 
1 68  GLU n 
1 69  ILE n 
1 70  SER n 
1 71  GLU n 
1 72  LEU n 
1 73  PHE n 
1 74  GLU n 
1 75  ILE n 
1 76  SER n 
1 77  ALA n 
1 78  VAL n 
1 79  PRO n 
1 80  TYR n 
1 81  PHE n 
1 82  ILE n 
1 83  ILE n 
1 84  ILE n 
1 85  HIS n 
1 86  LYS n 
1 87  GLY n 
1 88  THR n 
1 89  ILE n 
1 90  LEU n 
1 91  LYS n 
1 92  GLU n 
1 93  LEU n 
1 94  SER n 
1 95  GLY n 
1 96  ALA n 
1 97  ASP n 
1 98  PRO n 
1 99  LYS n 
1 100 GLU n 
1 101 PHE n 
1 102 VAL n 
1 103 SER n 
1 104 LEU n 
1 105 LEU n 
1 106 GLU n 
1 107 ASP n 
1 108 CYS n 
1 109 LYS n 
1 110 ASN n 
1 111 SER n 
1 112 VAL n 
1 113 ASN n 
1 114 SER n 
1 115 LEU n 
1 116 GLU n 
1 117 HIS n 
1 118 HIS n 
1 119 HIS n 
1 120 HIS n 
1 121 HIS n 
1 122 HIS n 
# 
_entity_src_gen.entity_id                          1 
_entity_src_gen.pdbx_src_id                        1 
_entity_src_gen.pdbx_alt_source_flag               sample 
_entity_src_gen.pdbx_seq_type                      'Biological sequence' 
_entity_src_gen.pdbx_beg_seq_num                   1 
_entity_src_gen.pdbx_end_seq_num                   122 
_entity_src_gen.gene_src_common_name               
;Baker's yeast
;
_entity_src_gen.gene_src_genus                     ? 
_entity_src_gen.pdbx_gene_src_gene                 'GRX3, SCY_1000' 
_entity_src_gen.gene_src_species                   ? 
_entity_src_gen.gene_src_strain                    YJM789 
_entity_src_gen.gene_src_tissue                    ? 
_entity_src_gen.gene_src_tissue_fraction           ? 
_entity_src_gen.gene_src_details                   ? 
_entity_src_gen.pdbx_gene_src_fragment             ? 
_entity_src_gen.pdbx_gene_src_scientific_name      'Saccharomyces cerevisiae' 
_entity_src_gen.pdbx_gene_src_ncbi_taxonomy_id     307796 
_entity_src_gen.pdbx_gene_src_variant              ? 
_entity_src_gen.pdbx_gene_src_cell_line            ? 
_entity_src_gen.pdbx_gene_src_atcc                 ? 
_entity_src_gen.pdbx_gene_src_organ                ? 
_entity_src_gen.pdbx_gene_src_organelle            ? 
_entity_src_gen.pdbx_gene_src_cell                 ? 
_entity_src_gen.pdbx_gene_src_cellular_location    ? 
_entity_src_gen.host_org_common_name               ? 
_entity_src_gen.pdbx_host_org_scientific_name      'Escherichia coli' 
_entity_src_gen.pdbx_host_org_ncbi_taxonomy_id     562 
_entity_src_gen.host_org_genus                     ? 
_entity_src_gen.pdbx_host_org_gene                 ? 
_entity_src_gen.pdbx_host_org_organ                ? 
_entity_src_gen.host_org_species                   ? 
_entity_src_gen.pdbx_host_org_tissue               ? 
_entity_src_gen.pdbx_host_org_tissue_fraction      ? 
_entity_src_gen.pdbx_host_org_strain               ? 
_entity_src_gen.pdbx_host_org_variant              ? 
_entity_src_gen.pdbx_host_org_cell_line            ? 
_entity_src_gen.pdbx_host_org_atcc                 ? 
_entity_src_gen.pdbx_host_org_culture_collection   ? 
_entity_src_gen.pdbx_host_org_cell                 ? 
_entity_src_gen.pdbx_host_org_organelle            ? 
_entity_src_gen.pdbx_host_org_cellular_location    ? 
_entity_src_gen.pdbx_host_org_vector_type          ? 
_entity_src_gen.pdbx_host_org_vector               ? 
_entity_src_gen.host_org_details                   ? 
_entity_src_gen.expression_system_id               ? 
_entity_src_gen.plasmid_name                       ? 
_entity_src_gen.plasmid_details                    ? 
_entity_src_gen.pdbx_description                   ? 
# 
_struct_ref.id                         1 
_struct_ref.db_name                    UNP 
_struct_ref.db_code                    A6ZY62_YEAS7 
_struct_ref.pdbx_db_accession          A6ZY62 
_struct_ref.pdbx_db_isoform            ? 
_struct_ref.entity_id                  1 
_struct_ref.pdbx_seq_one_letter_code   
;MPVIEINDQEQFTYLTTTAAGDKLIVLYFHTSWAEPCKALKQVFEAISNEPSNSNVSFLSIDADENSEISELFEISAVPY
FIIIHKGTILKELSGADPKEFVSLLEDCKNSVNS
;
_struct_ref.pdbx_align_begin           36 
# 
_struct_ref_seq.align_id                      1 
_struct_ref_seq.ref_id                        1 
_struct_ref_seq.pdbx_PDB_id_code              5Y4T 
_struct_ref_seq.pdbx_strand_id                A 
_struct_ref_seq.seq_align_beg                 1 
_struct_ref_seq.pdbx_seq_align_beg_ins_code   ? 
_struct_ref_seq.seq_align_end                 114 
_struct_ref_seq.pdbx_seq_align_end_ins_code   ? 
_struct_ref_seq.pdbx_db_accession             A6ZY62 
_struct_ref_seq.db_align_beg                  36 
_struct_ref_seq.pdbx_db_align_beg_ins_code    ? 
_struct_ref_seq.db_align_end                  149 
_struct_ref_seq.pdbx_db_align_end_ins_code    ? 
_struct_ref_seq.pdbx_auth_seq_align_beg       1 
_struct_ref_seq.pdbx_auth_seq_align_end       114 
# 
loop_
_struct_ref_seq_dif.align_id 
_struct_ref_seq_dif.pdbx_pdb_id_code 
_struct_ref_seq_dif.mon_id 
_struct_ref_seq_dif.pdbx_pdb_strand_id 
_struct_ref_seq_dif.seq_num 
_struct_ref_seq_dif.pdbx_pdb_ins_code 
_struct_ref_seq_dif.pdbx_seq_db_name 
_struct_ref_seq_dif.pdbx_seq_db_accession_code 
_struct_ref_seq_dif.db_mon_id 
_struct_ref_seq_dif.pdbx_seq_db_seq_num 
_struct_ref_seq_dif.details 
_struct_ref_seq_dif.pdbx_auth_seq_num 
_struct_ref_seq_dif.pdbx_ordinal 
1 5Y4T LEU A 115 ? UNP A6ZY62 ? ? 'expression tag' 115 1 
1 5Y4T GLU A 116 ? UNP A6ZY62 ? ? 'expression tag' 116 2 
1 5Y4T HIS A 117 ? UNP A6ZY62 ? ? 'expression tag' 117 3 
1 5Y4T HIS A 118 ? UNP A6ZY62 ? ? 'expression tag' 118 4 
1 5Y4T HIS A 119 ? UNP A6ZY62 ? ? 'expression tag' 119 5 
1 5Y4T HIS A 120 ? UNP A6ZY62 ? ? 'expression tag' 120 6 
1 5Y4T HIS A 121 ? UNP A6ZY62 ? ? 'expression tag' 121 7 
1 5Y4T HIS A 122 ? UNP A6ZY62 ? ? 'expression tag' 122 8 
# 
loop_
_chem_comp.id 
_chem_comp.type 
_chem_comp.mon_nstd_flag 
_chem_comp.name 
_chem_comp.pdbx_synonyms 
_chem_comp.formula 
_chem_comp.formula_weight 
ALA 'L-peptide linking' y ALANINE         ?                               'C3 H7 N O2'     89.093  
ASN 'L-peptide linking' y ASPARAGINE      ?                               'C4 H8 N2 O3'    132.118 
ASP 'L-peptide linking' y 'ASPARTIC ACID' ?                               'C4 H7 N O4'     133.103 
CYS 'L-peptide linking' y CYSTEINE        ?                               'C3 H7 N O2 S'   121.158 
GLN 'L-peptide linking' y GLUTAMINE       ?                               'C5 H10 N2 O3'   146.144 
GLU 'L-peptide linking' y 'GLUTAMIC ACID' ?                               'C5 H9 N O4'     147.129 
GLY 'peptide linking'   y GLYCINE         ?                               'C2 H5 N O2'     75.067  
GOL non-polymer         . GLYCEROL        'GLYCERIN; PROPANE-1,2,3-TRIOL' 'C3 H8 O3'       92.094  
HIS 'L-peptide linking' y HISTIDINE       ?                               'C6 H10 N3 O2 1' 156.162 
HOH non-polymer         . WATER           ?                               'H2 O'           18.015  
ILE 'L-peptide linking' y ISOLEUCINE      ?                               'C6 H13 N O2'    131.173 
LEU 'L-peptide linking' y LEUCINE         ?                               'C6 H13 N O2'    131.173 
LYS 'L-peptide linking' y LYSINE          ?                               'C6 H15 N2 O2 1' 147.195 
MET 'L-peptide linking' y METHIONINE      ?                               'C5 H11 N O2 S'  149.211 
PHE 'L-peptide linking' y PHENYLALANINE   ?                               'C9 H11 N O2'    165.189 
PRO 'L-peptide linking' y PROLINE         ?                               'C5 H9 N O2'     115.130 
SER 'L-peptide linking' y SERINE          ?                               'C3 H7 N O3'     105.093 
THR 'L-peptide linking' y THREONINE       ?                               'C4 H9 N O3'     119.119 
TRP 'L-peptide linking' y TRYPTOPHAN      ?                               'C11 H12 N2 O2'  204.225 
TYR 'L-peptide linking' y TYROSINE        ?                               'C9 H11 N O3'    181.189 
VAL 'L-peptide linking' y VALINE          ?                               'C5 H11 N O2'    117.146 
# 
_exptl.absorpt_coefficient_mu     ? 
_exptl.absorpt_correction_T_max   ? 
_exptl.absorpt_correction_T_min   ? 
_exptl.absorpt_correction_type    ? 
_exptl.absorpt_process_details    ? 
_exptl.entry_id                   5Y4T 
_exptl.crystals_number            1 
_exptl.details                    ? 
_exptl.method                     'X-RAY DIFFRACTION' 
_exptl.method_details             ? 
# 
_exptl_crystal.colour                      ? 
_exptl_crystal.density_diffrn              ? 
_exptl_crystal.density_Matthews            2.01 
_exptl_crystal.density_method              ? 
_exptl_crystal.density_percent_sol         38.94 
_exptl_crystal.description                 ? 
_exptl_crystal.F_000                       ? 
_exptl_crystal.id                          1 
_exptl_crystal.preparation                 ? 
_exptl_crystal.size_max                    ? 
_exptl_crystal.size_mid                    ? 
_exptl_crystal.size_min                    ? 
_exptl_crystal.size_rad                    ? 
_exptl_crystal.colour_lustre               ? 
_exptl_crystal.colour_modifier             ? 
_exptl_crystal.colour_primary              ? 
_exptl_crystal.density_meas                ? 
_exptl_crystal.density_meas_esd            ? 
_exptl_crystal.density_meas_gt             ? 
_exptl_crystal.density_meas_lt             ? 
_exptl_crystal.density_meas_temp           ? 
_exptl_crystal.density_meas_temp_esd       ? 
_exptl_crystal.density_meas_temp_gt        ? 
_exptl_crystal.density_meas_temp_lt        ? 
_exptl_crystal.pdbx_crystal_image_url      ? 
_exptl_crystal.pdbx_crystal_image_format   ? 
_exptl_crystal.pdbx_mosaicity              ? 
_exptl_crystal.pdbx_mosaicity_esd          ? 
# 
_exptl_crystal_grow.apparatus       ? 
_exptl_crystal_grow.atmosphere      ? 
_exptl_crystal_grow.crystal_id      1 
_exptl_crystal_grow.details         ? 
_exptl_crystal_grow.method          'VAPOR DIFFUSION, HANGING DROP' 
_exptl_crystal_grow.method_ref      ? 
_exptl_crystal_grow.pH              8.0 
_exptl_crystal_grow.pressure        ? 
_exptl_crystal_grow.pressure_esd    ? 
_exptl_crystal_grow.seeding         ? 
_exptl_crystal_grow.seeding_ref     ? 
_exptl_crystal_grow.temp            289.15 
_exptl_crystal_grow.temp_details    ? 
_exptl_crystal_grow.temp_esd        ? 
_exptl_crystal_grow.time            ? 
_exptl_crystal_grow.pdbx_details    '0.1 M Tris-HCl, pH 8.0, 2 M Ammonium sulfate' 
_exptl_crystal_grow.pdbx_pH_range   7.8-8.2 
# 
_diffrn.ambient_environment              ? 
_diffrn.ambient_temp                     100 
_diffrn.ambient_temp_details             ? 
_diffrn.ambient_temp_esd                 ? 
_diffrn.crystal_id                       1 
_diffrn.crystal_support                  ? 
_diffrn.crystal_treatment                ? 
_diffrn.details                          ? 
_diffrn.id                               1 
_diffrn.ambient_pressure                 ? 
_diffrn.ambient_pressure_esd             ? 
_diffrn.ambient_pressure_gt              ? 
_diffrn.ambient_pressure_lt              ? 
_diffrn.ambient_temp_gt                  ? 
_diffrn.ambient_temp_lt                  ? 
_diffrn.pdbx_serial_crystal_experiment   ? 
# 
_diffrn_detector.details                      ? 
_diffrn_detector.detector                     CCD 
_diffrn_detector.diffrn_id                    1 
_diffrn_detector.type                         'ADSC QUANTUM 315r' 
_diffrn_detector.area_resol_mean              ? 
_diffrn_detector.dtime                        ? 
_diffrn_detector.pdbx_frames_total            ? 
_diffrn_detector.pdbx_collection_time_total   ? 
_diffrn_detector.pdbx_collection_date         2016-03-04 
_diffrn_detector.pdbx_frequency               ? 
# 
_diffrn_radiation.collimation                      ? 
_diffrn_radiation.diffrn_id                        1 
_diffrn_radiation.filter_edge                      ? 
_diffrn_radiation.inhomogeneity                    ? 
_diffrn_radiation.monochromator                    ? 
_diffrn_radiation.polarisn_norm                    ? 
_diffrn_radiation.polarisn_ratio                   ? 
_diffrn_radiation.probe                            ? 
_diffrn_radiation.type                             ? 
_diffrn_radiation.xray_symbol                      ? 
_diffrn_radiation.wavelength_id                    1 
_diffrn_radiation.pdbx_monochromatic_or_laue_m_l   M 
_diffrn_radiation.pdbx_wavelength_list             ? 
_diffrn_radiation.pdbx_wavelength                  ? 
_diffrn_radiation.pdbx_diffrn_protocol             'SINGLE WAVELENGTH' 
_diffrn_radiation.pdbx_analyzer                    ? 
_diffrn_radiation.pdbx_scattering_type             x-ray 
# 
_diffrn_radiation_wavelength.id           1 
_diffrn_radiation_wavelength.wavelength   1.5418 
_diffrn_radiation_wavelength.wt           1.0 
# 
_diffrn_source.current                     ? 
_diffrn_source.details                     ? 
_diffrn_source.diffrn_id                   1 
_diffrn_source.power                       ? 
_diffrn_source.size                        ? 
_diffrn_source.source                      SYNCHROTRON 
_diffrn_source.target                      ? 
_diffrn_source.type                        'SSRF BEAMLINE BL17U1' 
_diffrn_source.voltage                     ? 
_diffrn_source.take-off_angle              ? 
_diffrn_source.pdbx_wavelength_list        1.5418 
_diffrn_source.pdbx_wavelength             ? 
_diffrn_source.pdbx_synchrotron_beamline   BL17U1 
_diffrn_source.pdbx_synchrotron_site       SSRF 
# 
_reflns.B_iso_Wilson_estimate            ? 
_reflns.entry_id                         5Y4T 
_reflns.data_reduction_details           ? 
_reflns.data_reduction_method            ? 
_reflns.d_resolution_high                1.40 
_reflns.d_resolution_low                 50.00 
_reflns.details                          ? 
_reflns.limit_h_max                      ? 
_reflns.limit_h_min                      ? 
_reflns.limit_k_max                      ? 
_reflns.limit_k_min                      ? 
_reflns.limit_l_max                      ? 
_reflns.limit_l_min                      ? 
_reflns.number_all                       ? 
_reflns.number_obs                       22509 
_reflns.observed_criterion               ? 
_reflns.observed_criterion_F_max         ? 
_reflns.observed_criterion_F_min         ? 
_reflns.observed_criterion_I_max         ? 
_reflns.observed_criterion_I_min         ? 
_reflns.observed_criterion_sigma_F       ? 
_reflns.observed_criterion_sigma_I       ? 
_reflns.percent_possible_obs             99.6 
_reflns.R_free_details                   ? 
_reflns.Rmerge_F_all                     ? 
_reflns.Rmerge_F_obs                     ? 
_reflns.Friedel_coverage                 ? 
_reflns.number_gt                        ? 
_reflns.threshold_expression             ? 
_reflns.pdbx_redundancy                  6.9 
_reflns.pdbx_Rmerge_I_obs                ? 
_reflns.pdbx_Rmerge_I_all                ? 
_reflns.pdbx_Rsym_value                  ? 
_reflns.pdbx_netI_over_av_sigmaI         ? 
_reflns.pdbx_netI_over_sigmaI            40.0 
_reflns.pdbx_res_netI_over_av_sigmaI_2   ? 
_reflns.pdbx_res_netI_over_sigmaI_2      ? 
_reflns.pdbx_chi_squared                 ? 
_reflns.pdbx_scaling_rejects             ? 
_reflns.pdbx_d_res_high_opt              ? 
_reflns.pdbx_d_res_low_opt               ? 
_reflns.pdbx_d_res_opt_method            ? 
_reflns.phase_calculation_details        ? 
_reflns.pdbx_Rrim_I_all                  ? 
_reflns.pdbx_Rpim_I_all                  ? 
_reflns.pdbx_d_opt                       ? 
_reflns.pdbx_number_measured_all         ? 
_reflns.pdbx_diffrn_id                   1 
_reflns.pdbx_ordinal                     1 
_reflns.pdbx_CC_half                     ? 
_reflns.pdbx_R_split                     ? 
# 
_reflns_shell.d_res_high                  1.403 
_reflns_shell.d_res_low                   1.440 
_reflns_shell.meanI_over_sigI_all         ? 
_reflns_shell.meanI_over_sigI_obs         2.8 
_reflns_shell.number_measured_all         ? 
_reflns_shell.number_measured_obs         ? 
_reflns_shell.number_possible             ? 
_reflns_shell.number_unique_all           ? 
_reflns_shell.number_unique_obs           ? 
_reflns_shell.percent_possible_all        96.44 
_reflns_shell.percent_possible_obs        ? 
_reflns_shell.Rmerge_F_all                ? 
_reflns_shell.Rmerge_F_obs                ? 
_reflns_shell.Rmerge_I_all                ? 
_reflns_shell.Rmerge_I_obs                0.046 
_reflns_shell.meanI_over_sigI_gt          ? 
_reflns_shell.meanI_over_uI_all           ? 
_reflns_shell.meanI_over_uI_gt            ? 
_reflns_shell.number_measured_gt          ? 
_reflns_shell.number_unique_gt            ? 
_reflns_shell.percent_possible_gt         ? 
_reflns_shell.Rmerge_F_gt                 ? 
_reflns_shell.Rmerge_I_gt                 ? 
_reflns_shell.pdbx_redundancy             6.9 
_reflns_shell.pdbx_Rsym_value             0.046 
_reflns_shell.pdbx_chi_squared            ? 
_reflns_shell.pdbx_netI_over_sigmaI_all   ? 
_reflns_shell.pdbx_netI_over_sigmaI_obs   ? 
_reflns_shell.pdbx_Rrim_I_all             ? 
_reflns_shell.pdbx_Rpim_I_all             ? 
_reflns_shell.pdbx_rejects                ? 
_reflns_shell.pdbx_ordinal                1 
_reflns_shell.pdbx_diffrn_id              1 
_reflns_shell.pdbx_CC_half                ? 
_reflns_shell.pdbx_R_split                ? 
# 
_refine.aniso_B[1][1]                            0.00 
_refine.aniso_B[1][2]                            0.00 
_refine.aniso_B[1][3]                            0.00 
_refine.aniso_B[2][2]                            0.00 
_refine.aniso_B[2][3]                            0.00 
_refine.aniso_B[3][3]                            -0.00 
_refine.B_iso_max                                ? 
_refine.B_iso_mean                               20.830 
_refine.B_iso_min                                ? 
_refine.correlation_coeff_Fo_to_Fc               0.969 
_refine.correlation_coeff_Fo_to_Fc_free          0.956 
_refine.details                                  'HYDROGENS HAVE BEEN ADDED IN THE RIDING POSITIONS' 
_refine.diff_density_max                         ? 
_refine.diff_density_max_esd                     ? 
_refine.diff_density_min                         ? 
_refine.diff_density_min_esd                     ? 
_refine.diff_density_rms                         ? 
_refine.diff_density_rms_esd                     ? 
_refine.entry_id                                 5Y4T 
_refine.pdbx_refine_id                           'X-RAY DIFFRACTION' 
_refine.ls_abs_structure_details                 ? 
_refine.ls_abs_structure_Flack                   ? 
_refine.ls_abs_structure_Flack_esd               ? 
_refine.ls_abs_structure_Rogers                  ? 
_refine.ls_abs_structure_Rogers_esd              ? 
_refine.ls_d_res_high                            1.40 
_refine.ls_d_res_low                             34.58 
_refine.ls_extinction_coef                       ? 
_refine.ls_extinction_coef_esd                   ? 
_refine.ls_extinction_expression                 ? 
_refine.ls_extinction_method                     ? 
_refine.ls_goodness_of_fit_all                   ? 
_refine.ls_goodness_of_fit_all_esd               ? 
_refine.ls_goodness_of_fit_obs                   ? 
_refine.ls_goodness_of_fit_obs_esd               ? 
_refine.ls_hydrogen_treatment                    ? 
_refine.ls_matrix_type                           ? 
_refine.ls_number_constraints                    ? 
_refine.ls_number_parameters                     ? 
_refine.ls_number_reflns_all                     ? 
_refine.ls_number_reflns_obs                     21310 
_refine.ls_number_reflns_R_free                  1152 
_refine.ls_number_reflns_R_work                  ? 
_refine.ls_number_restraints                     ? 
_refine.ls_percent_reflns_obs                    99.40 
_refine.ls_percent_reflns_R_free                 5.1 
_refine.ls_R_factor_all                          ? 
_refine.ls_R_factor_obs                          0.19004 
_refine.ls_R_factor_R_free                       0.21907 
_refine.ls_R_factor_R_free_error                 ? 
_refine.ls_R_factor_R_free_error_details         ? 
_refine.ls_R_factor_R_work                       0.18851 
_refine.ls_R_Fsqd_factor_obs                     ? 
_refine.ls_R_I_factor_obs                        ? 
_refine.ls_redundancy_reflns_all                 ? 
_refine.ls_redundancy_reflns_obs                 ? 
_refine.ls_restrained_S_all                      ? 
_refine.ls_restrained_S_obs                      ? 
_refine.ls_shift_over_esd_max                    ? 
_refine.ls_shift_over_esd_mean                   ? 
_refine.ls_structure_factor_coef                 ? 
_refine.ls_weighting_details                     ? 
_refine.ls_weighting_scheme                      ? 
_refine.ls_wR_factor_all                         ? 
_refine.ls_wR_factor_obs                         ? 
_refine.ls_wR_factor_R_free                      ? 
_refine.ls_wR_factor_R_work                      ? 
_refine.occupancy_max                            ? 
_refine.occupancy_min                            ? 
_refine.solvent_model_details                    ? 
_refine.solvent_model_param_bsol                 ? 
_refine.solvent_model_param_ksol                 ? 
_refine.ls_R_factor_gt                           ? 
_refine.ls_goodness_of_fit_gt                    ? 
_refine.ls_goodness_of_fit_ref                   ? 
_refine.ls_shift_over_su_max                     ? 
_refine.ls_shift_over_su_max_lt                  ? 
_refine.ls_shift_over_su_mean                    ? 
_refine.ls_shift_over_su_mean_lt                 ? 
_refine.pdbx_ls_sigma_I                          ? 
_refine.pdbx_ls_sigma_F                          ? 
_refine.pdbx_ls_sigma_Fsqd                       ? 
_refine.pdbx_data_cutoff_high_absF               ? 
_refine.pdbx_data_cutoff_high_rms_absF           ? 
_refine.pdbx_data_cutoff_low_absF                ? 
_refine.pdbx_isotropic_thermal_model             ? 
_refine.pdbx_ls_cross_valid_method               THROUGHOUT 
_refine.pdbx_method_to_determine_struct          'MOLECULAR REPLACEMENT' 
_refine.pdbx_starting_model                      3D6I 
_refine.pdbx_stereochemistry_target_values       ? 
_refine.pdbx_R_Free_selection_details            RANDOM 
_refine.pdbx_stereochem_target_val_spec_case     ? 
_refine.pdbx_overall_ESU_R                       0.066 
_refine.pdbx_overall_ESU_R_Free                  0.069 
_refine.pdbx_solvent_vdw_probe_radii             1.20 
_refine.pdbx_solvent_ion_probe_radii             0.80 
_refine.pdbx_solvent_shrinkage_radii             0.80 
_refine.pdbx_real_space_R                        ? 
_refine.pdbx_density_correlation                 ? 
_refine.pdbx_pd_number_of_powder_patterns        ? 
_refine.pdbx_pd_number_of_points                 ? 
_refine.pdbx_pd_meas_number_of_points            ? 
_refine.pdbx_pd_proc_ls_prof_R_factor            ? 
_refine.pdbx_pd_proc_ls_prof_wR_factor           ? 
_refine.pdbx_pd_Marquardt_correlation_coeff      ? 
_refine.pdbx_pd_Fsqrd_R_factor                   ? 
_refine.pdbx_pd_ls_matrix_band_width             ? 
_refine.pdbx_overall_phase_error                 ? 
_refine.pdbx_overall_SU_R_free_Cruickshank_DPI   ? 
_refine.pdbx_overall_SU_R_free_Blow_DPI          ? 
_refine.pdbx_overall_SU_R_Blow_DPI               ? 
_refine.pdbx_TLS_residual_ADP_flag               ? 
_refine.pdbx_diffrn_id                           1 
_refine.overall_SU_B                             1.147 
_refine.overall_SU_ML                            0.046 
_refine.overall_SU_R_Cruickshank_DPI             ? 
_refine.overall_SU_R_free                        ? 
_refine.overall_FOM_free_R_set                   ? 
_refine.overall_FOM_work_R_set                   ? 
_refine.pdbx_average_fsc_overall                 ? 
_refine.pdbx_average_fsc_work                    ? 
_refine.pdbx_average_fsc_free                    ? 
# 
_refine_hist.pdbx_refine_id                   'X-RAY DIFFRACTION' 
_refine_hist.cycle_id                         1 
_refine_hist.pdbx_number_atoms_protein        922 
_refine_hist.pdbx_number_atoms_nucleic_acid   0 
_refine_hist.pdbx_number_atoms_ligand         12 
_refine_hist.number_atoms_solvent             102 
_refine_hist.number_atoms_total               1036 
_refine_hist.d_res_high                       1.40 
_refine_hist.d_res_low                        34.58 
# 
loop_
_refine_ls_restr.pdbx_refine_id 
_refine_ls_restr.criterion 
_refine_ls_restr.dev_ideal 
_refine_ls_restr.dev_ideal_target 
_refine_ls_restr.number 
_refine_ls_restr.rejects 
_refine_ls_restr.type 
_refine_ls_restr.weight 
_refine_ls_restr.pdbx_restraint_function 
'X-RAY DIFFRACTION' ? 0.030  0.019  952  ? r_bond_refined_d             ? ? 
'X-RAY DIFFRACTION' ? 0.002  0.020  887  ? r_bond_other_d               ? ? 
'X-RAY DIFFRACTION' ? 2.409  1.958  1290 ? r_angle_refined_deg          ? ? 
'X-RAY DIFFRACTION' ? 0.987  3.000  2059 ? r_angle_other_deg            ? ? 
'X-RAY DIFFRACTION' ? 4.786  5.000  116  ? r_dihedral_angle_1_deg       ? ? 
'X-RAY DIFFRACTION' ? 37.785 26.591 44   ? r_dihedral_angle_2_deg       ? ? 
'X-RAY DIFFRACTION' ? 13.623 15.000 160  ? r_dihedral_angle_3_deg       ? ? 
'X-RAY DIFFRACTION' ? ?      ?      ?    ? r_dihedral_angle_4_deg       ? ? 
'X-RAY DIFFRACTION' ? 0.134  0.200  151  ? r_chiral_restr               ? ? 
'X-RAY DIFFRACTION' ? 0.012  0.020  1059 ? r_gen_planes_refined         ? ? 
'X-RAY DIFFRACTION' ? 0.001  0.020  201  ? r_gen_planes_other           ? ? 
'X-RAY DIFFRACTION' ? ?      ?      ?    ? r_nbd_refined                ? ? 
'X-RAY DIFFRACTION' ? ?      ?      ?    ? r_nbd_other                  ? ? 
'X-RAY DIFFRACTION' ? ?      ?      ?    ? r_nbtor_refined              ? ? 
'X-RAY DIFFRACTION' ? ?      ?      ?    ? r_nbtor_other                ? ? 
'X-RAY DIFFRACTION' ? ?      ?      ?    ? r_xyhbond_nbd_refined        ? ? 
'X-RAY DIFFRACTION' ? ?      ?      ?    ? r_xyhbond_nbd_other          ? ? 
'X-RAY DIFFRACTION' ? ?      ?      ?    ? r_metal_ion_refined          ? ? 
'X-RAY DIFFRACTION' ? ?      ?      ?    ? r_metal_ion_other            ? ? 
'X-RAY DIFFRACTION' ? ?      ?      ?    ? r_symmetry_vdw_refined       ? ? 
'X-RAY DIFFRACTION' ? ?      ?      ?    ? r_symmetry_vdw_other         ? ? 
'X-RAY DIFFRACTION' ? ?      ?      ?    ? r_symmetry_hbond_refined     ? ? 
'X-RAY DIFFRACTION' ? ?      ?      ?    ? r_symmetry_hbond_other       ? ? 
'X-RAY DIFFRACTION' ? ?      ?      ?    ? r_symmetry_metal_ion_refined ? ? 
'X-RAY DIFFRACTION' ? ?      ?      ?    ? r_symmetry_metal_ion_other   ? ? 
'X-RAY DIFFRACTION' ? 1.884  1.770  467  ? r_mcbond_it                  ? ? 
'X-RAY DIFFRACTION' ? 1.874  1.767  466  ? r_mcbond_other               ? ? 
'X-RAY DIFFRACTION' ? 2.576  2.655  582  ? r_mcangle_it                 ? ? 
'X-RAY DIFFRACTION' ? 2.577  2.658  583  ? r_mcangle_other              ? ? 
'X-RAY DIFFRACTION' ? 3.908  2.182  485  ? r_scbond_it                  ? ? 
'X-RAY DIFFRACTION' ? 3.889  2.181  485  ? r_scbond_other               ? ? 
'X-RAY DIFFRACTION' ? ?      ?      ?    ? r_scangle_it                 ? ? 
'X-RAY DIFFRACTION' ? 5.484  3.118  709  ? r_scangle_other              ? ? 
'X-RAY DIFFRACTION' ? 6.278  15.748 1115 ? r_long_range_B_refined       ? ? 
'X-RAY DIFFRACTION' ? 6.271  15.745 1115 ? r_long_range_B_other         ? ? 
'X-RAY DIFFRACTION' ? ?      ?      ?    ? r_rigid_bond_restr           ? ? 
'X-RAY DIFFRACTION' ? ?      ?      ?    ? r_sphericity_free            ? ? 
'X-RAY DIFFRACTION' ? ?      ?      ?    ? r_sphericity_bonded          ? ? 
# 
_refine_ls_shell.pdbx_refine_id                   'X-RAY DIFFRACTION' 
_refine_ls_shell.d_res_high                       1.403 
_refine_ls_shell.d_res_low                        1.440 
_refine_ls_shell.number_reflns_all                ? 
_refine_ls_shell.number_reflns_obs                ? 
_refine_ls_shell.number_reflns_R_free             98 
_refine_ls_shell.number_reflns_R_work             1474 
_refine_ls_shell.percent_reflns_obs               96.44 
_refine_ls_shell.percent_reflns_R_free            ? 
_refine_ls_shell.R_factor_all                     ? 
_refine_ls_shell.R_factor_obs                     ? 
_refine_ls_shell.R_factor_R_free                  0.281 
_refine_ls_shell.R_factor_R_free_error            ? 
_refine_ls_shell.R_factor_R_work                  0.313 
_refine_ls_shell.redundancy_reflns_all            ? 
_refine_ls_shell.redundancy_reflns_obs            ? 
_refine_ls_shell.wR_factor_all                    ? 
_refine_ls_shell.wR_factor_obs                    ? 
_refine_ls_shell.wR_factor_R_free                 ? 
_refine_ls_shell.wR_factor_R_work                 ? 
_refine_ls_shell.pdbx_total_number_of_bins_used   20 
_refine_ls_shell.pdbx_phase_error                 ? 
_refine_ls_shell.pdbx_fsc_work                    ? 
_refine_ls_shell.pdbx_fsc_free                    ? 
# 
_struct.entry_id                     5Y4T 
_struct.title                        'Crystal structure of Trx domain of Grx3 from Saccharomyces cerevisiae' 
_struct.pdbx_model_details           ? 
_struct.pdbx_formula_weight          ? 
_struct.pdbx_formula_weight_method   ? 
_struct.pdbx_model_type_details      ? 
_struct.pdbx_CASP_flag               N 
# 
_struct_keywords.entry_id        5Y4T 
_struct_keywords.text            'Oxidoreductase, glutaredoxins reduction' 
_struct_keywords.pdbx_keywords   OXIDOREDUCTASE 
# 
loop_
_struct_asym.id 
_struct_asym.pdbx_blank_PDB_chainid_flag 
_struct_asym.pdbx_modified 
_struct_asym.entity_id 
_struct_asym.details 
A N N 1 ? 
B N N 2 ? 
C N N 2 ? 
D N N 3 ? 
# 
loop_
_struct_conf.conf_type_id 
_struct_conf.id 
_struct_conf.pdbx_PDB_helix_id 
_struct_conf.beg_label_comp_id 
_struct_conf.beg_label_asym_id 
_struct_conf.beg_label_seq_id 
_struct_conf.pdbx_beg_PDB_ins_code 
_struct_conf.end_label_comp_id 
_struct_conf.end_label_asym_id 
_struct_conf.end_label_seq_id 
_struct_conf.pdbx_end_PDB_ins_code 
_struct_conf.beg_auth_comp_id 
_struct_conf.beg_auth_asym_id 
_struct_conf.beg_auth_seq_id 
_struct_conf.end_auth_comp_id 
_struct_conf.end_auth_asym_id 
_struct_conf.end_auth_seq_id 
_struct_conf.pdbx_PDB_helix_class 
_struct_conf.details 
_struct_conf.pdbx_PDB_helix_length 
HELX_P HELX_P1 AA1 ASP A 8  ? THR A 17  ? ASP A 8  THR A 17  1 ? 10 
HELX_P HELX_P2 AA2 THR A 31 ? GLU A 35  ? THR A 31 GLU A 35  5 ? 5  
HELX_P HELX_P3 AA3 CYS A 37 ? GLU A 50  ? CYS A 37 GLU A 50  1 ? 14 
HELX_P HELX_P4 AA4 PRO A 51 ? SER A 54  ? PRO A 51 SER A 54  5 ? 4  
HELX_P HELX_P5 AA5 ASN A 66 ? GLU A 74  ? ASN A 66 GLU A 74  1 ? 9  
HELX_P HELX_P6 AA6 ASP A 97 ? VAL A 112 ? ASP A 97 VAL A 112 1 ? 16 
# 
_struct_conf_type.id          HELX_P 
_struct_conf_type.criteria    ? 
_struct_conf_type.reference   ? 
# 
_struct_mon_prot_cis.pdbx_id                1 
_struct_mon_prot_cis.label_comp_id          VAL 
_struct_mon_prot_cis.label_seq_id           78 
_struct_mon_prot_cis.label_asym_id          A 
_struct_mon_prot_cis.label_alt_id           . 
_struct_mon_prot_cis.pdbx_PDB_ins_code      ? 
_struct_mon_prot_cis.auth_comp_id           VAL 
_struct_mon_prot_cis.auth_seq_id            78 
_struct_mon_prot_cis.auth_asym_id           A 
_struct_mon_prot_cis.pdbx_label_comp_id_2   PRO 
_struct_mon_prot_cis.pdbx_label_seq_id_2    79 
_struct_mon_prot_cis.pdbx_label_asym_id_2   A 
_struct_mon_prot_cis.pdbx_PDB_ins_code_2    ? 
_struct_mon_prot_cis.pdbx_auth_comp_id_2    PRO 
_struct_mon_prot_cis.pdbx_auth_seq_id_2     79 
_struct_mon_prot_cis.pdbx_auth_asym_id_2    A 
_struct_mon_prot_cis.pdbx_PDB_model_num     1 
_struct_mon_prot_cis.pdbx_omega_angle       0.02 
# 
_struct_sheet.id               AA1 
_struct_sheet.type             ? 
_struct_sheet.number_strands   5 
_struct_sheet.details          ? 
# 
loop_
_struct_sheet_order.sheet_id 
_struct_sheet_order.range_id_1 
_struct_sheet_order.range_id_2 
_struct_sheet_order.offset 
_struct_sheet_order.sense 
AA1 1 2 ? parallel      
AA1 2 3 ? parallel      
AA1 3 4 ? anti-parallel 
AA1 4 5 ? anti-parallel 
# 
loop_
_struct_sheet_range.sheet_id 
_struct_sheet_range.id 
_struct_sheet_range.beg_label_comp_id 
_struct_sheet_range.beg_label_asym_id 
_struct_sheet_range.beg_label_seq_id 
_struct_sheet_range.pdbx_beg_PDB_ins_code 
_struct_sheet_range.end_label_comp_id 
_struct_sheet_range.end_label_asym_id 
_struct_sheet_range.end_label_seq_id 
_struct_sheet_range.pdbx_end_PDB_ins_code 
_struct_sheet_range.beg_auth_comp_id 
_struct_sheet_range.beg_auth_asym_id 
_struct_sheet_range.beg_auth_seq_id 
_struct_sheet_range.end_auth_comp_id 
_struct_sheet_range.end_auth_asym_id 
_struct_sheet_range.end_auth_seq_id 
AA1 1 ILE A 4  ? ILE A 6  ? ILE A 4  ILE A 6  
AA1 2 VAL A 56 ? ASP A 62 ? VAL A 56 ASP A 62 
AA1 3 LEU A 24 ? HIS A 30 ? LEU A 24 HIS A 30 
AA1 4 TYR A 80 ? HIS A 85 ? TYR A 80 HIS A 85 
AA1 5 THR A 88 ? SER A 94 ? THR A 88 SER A 94 
# 
loop_
_pdbx_struct_sheet_hbond.sheet_id 
_pdbx_struct_sheet_hbond.range_id_1 
_pdbx_struct_sheet_hbond.range_id_2 
_pdbx_struct_sheet_hbond.range_1_label_atom_id 
_pdbx_struct_sheet_hbond.range_1_label_comp_id 
_pdbx_struct_sheet_hbond.range_1_label_asym_id 
_pdbx_struct_sheet_hbond.range_1_label_seq_id 
_pdbx_struct_sheet_hbond.range_1_PDB_ins_code 
_pdbx_struct_sheet_hbond.range_1_auth_atom_id 
_pdbx_struct_sheet_hbond.range_1_auth_comp_id 
_pdbx_struct_sheet_hbond.range_1_auth_asym_id 
_pdbx_struct_sheet_hbond.range_1_auth_seq_id 
_pdbx_struct_sheet_hbond.range_2_label_atom_id 
_pdbx_struct_sheet_hbond.range_2_label_comp_id 
_pdbx_struct_sheet_hbond.range_2_label_asym_id 
_pdbx_struct_sheet_hbond.range_2_label_seq_id 
_pdbx_struct_sheet_hbond.range_2_PDB_ins_code 
_pdbx_struct_sheet_hbond.range_2_auth_atom_id 
_pdbx_struct_sheet_hbond.range_2_auth_comp_id 
_pdbx_struct_sheet_hbond.range_2_auth_asym_id 
_pdbx_struct_sheet_hbond.range_2_auth_seq_id 
AA1 1 2 N ILE A 6  ? N ILE A 6  O SER A 60 ? O SER A 60 
AA1 2 3 O ILE A 61 ? O ILE A 61 N TYR A 28 ? N TYR A 28 
AA1 3 4 N PHE A 29 ? N PHE A 29 O TYR A 80 ? O TYR A 80 
AA1 4 5 N ILE A 83 ? N ILE A 83 O LYS A 91 ? O LYS A 91 
# 
loop_
_struct_site.id 
_struct_site.pdbx_evidence_code 
_struct_site.pdbx_auth_asym_id 
_struct_site.pdbx_auth_comp_id 
_struct_site.pdbx_auth_seq_id 
_struct_site.pdbx_auth_ins_code 
_struct_site.pdbx_num_residues 
_struct_site.details 
AC1 Software A GOL 201 ? 6 'binding site for residue GOL A 201' 
AC2 Software A GOL 202 ? 4 'binding site for residue GOL A 202' 
# 
loop_
_struct_site_gen.id 
_struct_site_gen.site_id 
_struct_site_gen.pdbx_num_res 
_struct_site_gen.label_comp_id 
_struct_site_gen.label_asym_id 
_struct_site_gen.label_seq_id 
_struct_site_gen.pdbx_auth_ins_code 
_struct_site_gen.auth_comp_id 
_struct_site_gen.auth_asym_id 
_struct_site_gen.auth_seq_id 
_struct_site_gen.label_atom_id 
_struct_site_gen.label_alt_id 
_struct_site_gen.symmetry 
_struct_site_gen.details 
1  AC1 6 THR A 16 ? THR A 16  . ? 1_555 ? 
2  AC1 6 PHE A 73 ? PHE A 73  . ? 1_555 ? 
3  AC1 6 HOH D .  ? HOH A 301 . ? 1_555 ? 
4  AC1 6 HOH D .  ? HOH A 333 . ? 1_555 ? 
5  AC1 6 HOH D .  ? HOH A 344 . ? 1_555 ? 
6  AC1 6 HOH D .  ? HOH A 372 . ? 1_555 ? 
7  AC2 4 ALA A 63 ? ALA A 63  . ? 1_555 ? 
8  AC2 4 ASP A 64 ? ASP A 64  . ? 1_555 ? 
9  AC2 4 HOH D .  ? HOH A 302 . ? 1_555 ? 
10 AC2 4 HOH D .  ? HOH A 378 . ? 1_555 ? 
# 
_atom_sites.entry_id                    5Y4T 
_atom_sites.fract_transf_matrix[1][1]   0.01182128 
_atom_sites.fract_transf_matrix[1][2]   -0.00186176 
_atom_sites.fract_transf_matrix[1][3]   0.00490181 
_atom_sites.fract_transf_matrix[2][1]   -0.00512480 
_atom_sites.fract_transf_matrix[2][2]   -0.00154486 
_atom_sites.fract_transf_matrix[2][3]   0.01177228 
_atom_sites.fract_transf_matrix[3][1]   -0.00231118 
_atom_sites.fract_transf_matrix[3][2]   -0.02646931 
_atom_sites.fract_transf_matrix[3][3]   -0.00447966 
_atom_sites.fract_transf_vector[1]      -0.005949 
_atom_sites.fract_transf_vector[2]      -0.270030 
_atom_sites.fract_transf_vector[3]      0.255995 
# 
loop_
_atom_type.symbol 
C 
N 
O 
S 
# 
loop_
_atom_site.group_PDB 
_atom_site.id 
_atom_site.type_symbol 
_atom_site.label_atom_id 
_atom_site.label_alt_id 
_atom_site.label_comp_id 
_atom_site.label_asym_id 
_atom_site.label_entity_id 
_atom_site.label_seq_id 
_atom_site.pdbx_PDB_ins_code 
_atom_site.Cartn_x 
_atom_site.Cartn_y 
_atom_site.Cartn_z 
_atom_site.occupancy 
_atom_site.B_iso_or_equiv 
_atom_site.pdbx_formal_charge 
_atom_site.auth_seq_id 
_atom_site.auth_comp_id 
_atom_site.auth_asym_id 
_atom_site.auth_atom_id 
_atom_site.pdbx_PDB_model_num 
ATOM   1    N N   . PRO A 1 2   ? 12.843  3.952   1.210   1.00 22.19 ? 2   PRO A N   1 
ATOM   2    C CA  . PRO A 1 2   ? 11.815  4.532   2.048   1.00 20.15 ? 2   PRO A CA  1 
ATOM   3    C C   . PRO A 1 2   ? 10.409  4.376   1.415   1.00 18.62 ? 2   PRO A C   1 
ATOM   4    O O   . PRO A 1 2   ? 10.261  3.973   0.340   1.00 19.44 ? 2   PRO A O   1 
ATOM   5    C CB  . PRO A 1 2   ? 12.208  5.996   2.074   1.00 23.26 ? 2   PRO A CB  1 
ATOM   6    C CG  . PRO A 1 2   ? 12.947  6.212   0.786   1.00 27.26 ? 2   PRO A CG  1 
ATOM   7    C CD  . PRO A 1 2   ? 13.753  4.977   0.687   1.00 24.61 ? 2   PRO A CD  1 
ATOM   8    N N   . VAL A 1 3   ? 9.428   4.729   2.198   1.00 18.21 ? 3   VAL A N   1 
ATOM   9    C CA  . VAL A 1 3   ? 8.094   4.801   1.756   1.00 15.36 ? 3   VAL A CA  1 
ATOM   10   C C   . VAL A 1 3   ? 8.132   5.958   0.746   1.00 16.17 ? 3   VAL A C   1 
ATOM   11   O O   . VAL A 1 3   ? 8.792   6.932   0.961   1.00 15.13 ? 3   VAL A O   1 
ATOM   12   C CB  . VAL A 1 3   ? 7.196   5.175   2.946   1.00 16.11 ? 3   VAL A CB  1 
ATOM   13   C CG1 . VAL A 1 3   ? 5.835   5.554   2.468   1.00 15.61 ? 3   VAL A CG1 1 
ATOM   14   C CG2 . VAL A 1 3   ? 7.098   4.014   3.909   1.00 17.35 ? 3   VAL A CG2 1 
ATOM   15   N N   . ILE A 1 4   ? 7.453   5.816   -0.358  1.00 13.30 ? 4   ILE A N   1 
ATOM   16   C CA  . ILE A 1 4   ? 7.414   6.869   -1.340  1.00 13.61 ? 4   ILE A CA  1 
ATOM   17   C C   . ILE A 1 4   ? 6.077   7.632   -1.296  1.00 12.81 ? 4   ILE A C   1 
ATOM   18   O O   . ILE A 1 4   ? 5.080   7.060   -1.405  1.00 14.80 ? 4   ILE A O   1 
ATOM   19   C CB  . ILE A 1 4   ? 7.670   6.323   -2.778  1.00 12.54 ? 4   ILE A CB  1 
ATOM   20   C CG1 . ILE A 1 4   ? 9.043   5.633   -2.889  1.00 13.70 ? 4   ILE A CG1 1 
ATOM   21   C CG2 . ILE A 1 4   ? 7.516   7.441   -3.821  1.00 12.84 ? 4   ILE A CG2 1 
ATOM   22   C CD1 . ILE A 1 4   ? 9.215   4.862   -4.173  1.00 18.02 ? 4   ILE A CD1 1 
ATOM   23   N N   . GLU A 1 5   ? 6.154   8.949   -1.123  1.00 12.97 ? 5   GLU A N   1 
ATOM   24   C CA  . GLU A 1 5   ? 4.980   9.801   -1.136  1.00 12.11 ? 5   GLU A CA  1 
ATOM   25   C C   . GLU A 1 5   ? 4.625   10.158  -2.592  1.00 14.38 ? 5   GLU A C   1 
ATOM   26   O O   . GLU A 1 5   ? 5.423   10.673  -3.299  1.00 13.90 ? 5   GLU A O   1 
ATOM   27   C CB  . GLU A 1 5   ? 5.152   11.036  -0.243  1.00 13.35 ? 5   GLU A CB  1 
ATOM   28   C CG  . GLU A 1 5   ? 3.857   11.773  0.050   1.00 13.49 ? 5   GLU A CG  1 
ATOM   29   C CD  . GLU A 1 5   ? 2.940   11.017  0.995   1.00 15.91 ? 5   GLU A CD  1 
ATOM   30   O OE1 . GLU A 1 5   ? 1.748   11.269  0.946   1.00 16.52 ? 5   GLU A OE1 1 
ATOM   31   O OE2 . GLU A 1 5   ? 3.388   10.184  1.732   1.00 15.85 ? 5   GLU A OE2 1 
ATOM   32   N N   . ILE A 1 6   ? 3.413   9.820   -2.984  1.00 12.53 ? 6   ILE A N   1 
ATOM   33   C CA  . ILE A 1 6   ? 2.929   10.064  -4.324  1.00 13.57 ? 6   ILE A CA  1 
ATOM   34   C C   . ILE A 1 6   ? 2.342   11.442  -4.462  1.00 13.87 ? 6   ILE A C   1 
ATOM   35   O O   . ILE A 1 6   ? 1.482   11.787  -3.721  1.00 15.71 ? 6   ILE A O   1 
ATOM   36   C CB  . ILE A 1 6   ? 1.882   8.992   -4.747  1.00 11.92 ? 6   ILE A CB  1 
ATOM   37   C CG1 . ILE A 1 6   ? 2.481   7.610   -4.709  1.00 12.91 ? 6   ILE A CG1 1 
ATOM   38   C CG2 . ILE A 1 6   ? 1.287   9.312   -6.107  1.00 13.29 ? 6   ILE A CG2 1 
ATOM   39   C CD1 . ILE A 1 6   ? 3.623   7.406   -5.684  1.00 14.02 ? 6   ILE A CD1 1 
ATOM   40   N N   . ASN A 1 7   ? 2.839   12.196  -5.430  1.00 13.02 ? 7   ASN A N   1 
ATOM   41   C CA  . ASN A 1 7   ? 2.336   13.529  -5.666  1.00 17.14 ? 7   ASN A CA  1 
ATOM   42   C C   . ASN A 1 7   ? 2.103   13.824  -7.122  1.00 19.21 ? 7   ASN A C   1 
ATOM   43   O O   . ASN A 1 7   ? 1.805   14.924  -7.441  1.00 20.00 ? 7   ASN A O   1 
ATOM   44   C CB  . ASN A 1 7   ? 3.306   14.617  -5.240  1.00 27.07 ? 7   ASN A CB  1 
ATOM   45   C CG  . ASN A 1 7   ? 3.834   14.456  -3.898  1.00 30.94 ? 7   ASN A CG  1 
ATOM   46   O OD1 . ASN A 1 7   ? 5.013   14.239  -3.784  1.00 38.19 ? 7   ASN A OD1 1 
ATOM   47   N ND2 . ASN A 1 7   ? 3.009   14.651  -2.858  1.00 32.61 ? 7   ASN A ND2 1 
ATOM   48   N N   . ASP A 1 8   ? 2.246   12.849  -7.972  1.00 14.19 ? 8   ASP A N   1 
ATOM   49   C CA  . ASP A 1 8   ? 2.105   13.059  -9.379  1.00 15.77 ? 8   ASP A CA  1 
ATOM   50   C C   . ASP A 1 8   ? 1.599   11.798  -10.110 1.00 12.83 ? 8   ASP A C   1 
ATOM   51   O O   . ASP A 1 8   ? 1.947   10.744  -9.745  1.00 12.28 ? 8   ASP A O   1 
ATOM   52   C CB  . ASP A 1 8   ? 3.518   13.472  -9.838  1.00 19.79 ? 8   ASP A CB  1 
ATOM   53   C CG  . ASP A 1 8   ? 3.658   13.565  -11.273 1.00 23.53 ? 8   ASP A CG  1 
ATOM   54   O OD1 . ASP A 1 8   ? 3.241   14.599  -11.808 1.00 27.98 ? 8   ASP A OD1 1 
ATOM   55   O OD2 . ASP A 1 8   ? 4.143   12.634  -11.868 1.00 19.61 ? 8   ASP A OD2 1 
ATOM   56   N N   . GLN A 1 9   ? 0.767   11.971  -11.128 1.00 12.99 ? 9   GLN A N   1 
ATOM   57   C CA  . GLN A 1 9   ? 0.210   10.851  -11.884 1.00 13.22 ? 9   GLN A CA  1 
ATOM   58   C C   . GLN A 1 9   ? 1.235   10.039  -12.664 1.00 14.43 ? 9   GLN A C   1 
ATOM   59   O O   . GLN A 1 9   ? 1.139   8.880   -12.710 1.00 15.35 ? 9   GLN A O   1 
ATOM   60   C CB  . GLN A 1 9   ? -0.900  11.315  -12.827 1.00 14.18 ? 9   GLN A CB  1 
ATOM   61   C CG  . GLN A 1 9   ? -2.071  11.995  -12.121 1.00 16.67 ? 9   GLN A CG  1 
ATOM   62   C CD  . GLN A 1 9   ? -2.959  12.764  -13.078 1.00 21.36 ? 9   GLN A CD  1 
ATOM   63   O OE1 . GLN A 1 9   ? -3.100  13.949  -12.956 1.00 22.88 ? 9   GLN A OE1 1 
ATOM   64   N NE2 . GLN A 1 9   ? -3.485  12.097  -14.019 1.00 21.75 ? 9   GLN A NE2 1 
ATOM   65   N N   . GLU A 1 10  ? 2.216   10.707  -13.261 1.00 13.67 ? 10  GLU A N   1 
ATOM   66   C CA  . GLU A 1 10  ? 3.251   10.009  -14.016 1.00 12.93 ? 10  GLU A CA  1 
ATOM   67   C C   . GLU A 1 10  ? 4.073   9.149   -13.061 1.00 11.03 ? 10  GLU A C   1 
ATOM   68   O O   . GLU A 1 10  ? 4.341   7.978   -13.327 1.00 12.54 ? 10  GLU A O   1 
ATOM   69   C CB  . GLU A 1 10  ? 4.154   11.006  -14.742 1.00 15.39 ? 10  GLU A CB  1 
ATOM   70   C CG  . GLU A 1 10  ? 3.578   11.530  -16.047 1.00 24.34 ? 10  GLU A CG  1 
ATOM   71   C CD  . GLU A 1 10  ? 4.539   12.440  -16.786 1.00 29.10 ? 10  GLU A CD  1 
ATOM   72   O OE1 . GLU A 1 10  ? 4.969   13.455  -16.198 1.00 32.00 ? 10  GLU A OE1 1 
ATOM   73   O OE2 . GLU A 1 10  ? 4.867   12.140  -17.953 1.00 30.42 ? 10  GLU A OE2 1 
ATOM   74   N N   . GLN A 1 11  ? 4.462   9.752   -11.943 1.00 10.92 ? 11  GLN A N   1 
ATOM   75   C CA  . GLN A 1 11  ? 5.228   9.094   -10.921 1.00 11.34 ? 11  GLN A CA  1 
ATOM   76   C C   . GLN A 1 11  ? 4.472   7.822   -10.485 1.00 10.15 ? 11  GLN A C   1 
ATOM   77   O O   . GLN A 1 11  ? 5.027   6.799   -10.413 1.00 10.66 ? 11  GLN A O   1 
ATOM   78   C CB  . GLN A 1 11  ? 5.425   10.068  -9.750  1.00 12.09 ? 11  GLN A CB  1 
ATOM   79   C CG  . GLN A 1 11  ? 6.058   9.509   -8.510  1.00 12.62 ? 11  GLN A CG  1 
ATOM   80   C CD  . GLN A 1 11  ? 5.621   10.213  -7.237  1.00 12.15 ? 11  GLN A CD  1 
ATOM   81   O OE1 . GLN A 1 11  ? 4.607   10.790  -7.185  1.00 14.05 ? 11  GLN A OE1 1 
ATOM   82   N NE2 . GLN A 1 11  ? 6.416   10.130  -6.254  1.00 12.57 ? 11  GLN A NE2 1 
ATOM   83   N N   . PHE A 1 12  ? 3.192   7.958   -10.217 1.00 10.91 ? 12  PHE A N   1 
ATOM   84   C CA  . PHE A 1 12  ? 2.365   6.847   -9.809  1.00 10.59 ? 12  PHE A CA  1 
ATOM   85   C C   . PHE A 1 12  ? 2.347   5.743   -10.866 1.00 10.51 ? 12  PHE A C   1 
ATOM   86   O O   . PHE A 1 12  ? 2.561   4.625   -10.559 1.00 10.52 ? 12  PHE A O   1 
ATOM   87   C CB  . PHE A 1 12  ? 0.951   7.353   -9.505  1.00 11.52 ? 12  PHE A CB  1 
ATOM   88   C CG  . PHE A 1 12  ? -0.023  6.256   -9.175  1.00 12.52 ? 12  PHE A CG  1 
ATOM   89   C CD1 . PHE A 1 12  ? -0.045  5.696   -7.931  1.00 14.41 ? 12  PHE A CD1 1 
ATOM   90   C CD2 . PHE A 1 12  ? -0.906  5.807   -10.116 1.00 13.18 ? 12  PHE A CD2 1 
ATOM   91   C CE1 . PHE A 1 12  ? -0.943  4.690   -7.633  1.00 15.72 ? 12  PHE A CE1 1 
ATOM   92   C CE2 . PHE A 1 12  ? -1.782  4.805   -9.795  1.00 15.13 ? 12  PHE A CE2 1 
ATOM   93   C CZ  . PHE A 1 12  ? -1.775  4.260   -8.572  1.00 15.63 ? 12  PHE A CZ  1 
ATOM   94   N N   . THR A 1 13  ? 2.109   6.120   -12.109 1.00 11.11 ? 13  THR A N   1 
ATOM   95   C CA  . THR A 1 13  ? 2.122   5.138   -13.184 1.00 10.62 ? 13  THR A CA  1 
ATOM   96   C C   . THR A 1 13  ? 3.477   4.359   -13.276 1.00 10.37 ? 13  THR A C   1 
ATOM   97   O O   . THR A 1 13  ? 3.495   3.174   -13.385 1.00 11.45 ? 13  THR A O   1 
ATOM   98   C CB  . THR A 1 13  ? 1.769   5.831   -14.502 1.00 11.82 ? 13  THR A CB  1 
ATOM   99   O OG1 . THR A 1 13  ? 0.435   6.313   -14.420 1.00 15.11 ? 13  THR A OG1 1 
ATOM   100  C CG2 . THR A 1 13  ? 1.893   4.898   -15.679 1.00 12.97 ? 13  THR A CG2 1 
ATOM   101  N N   . TYR A 1 14  ? 4.574   5.073   -13.226 1.00 10.58 ? 14  TYR A N   1 
ATOM   102  C CA  . TYR A 1 14  ? 5.869   4.451   -13.268 1.00 10.60 ? 14  TYR A CA  1 
ATOM   103  C C   . TYR A 1 14  ? 6.051   3.446   -12.139 1.00 11.05 ? 14  TYR A C   1 
ATOM   104  O O   . TYR A 1 14  ? 6.446   2.333   -12.361 1.00 12.01 ? 14  TYR A O   1 
ATOM   105  C CB  . TYR A 1 14  ? 6.968   5.520   -13.212 1.00 11.54 ? 14  TYR A CB  1 
ATOM   106  C CG  . TYR A 1 14  ? 8.382   4.960   -13.165 1.00 11.44 ? 14  TYR A CG  1 
ATOM   107  C CD1 . TYR A 1 14  ? 9.050   4.582   -14.315 1.00 12.92 ? 14  TYR A CD1 1 
ATOM   108  C CD2 . TYR A 1 14  ? 9.036   4.801   -11.982 1.00 11.63 ? 14  TYR A CD2 1 
ATOM   109  C CE1 . TYR A 1 14  ? 10.328  4.090   -14.279 1.00 12.00 ? 14  TYR A CE1 1 
ATOM   110  C CE2 . TYR A 1 14  ? 10.328  4.317   -11.950 1.00 11.53 ? 14  TYR A CE2 1 
ATOM   111  C CZ  . TYR A 1 14  ? 10.951  3.955   -13.106 1.00 11.46 ? 14  TYR A CZ  1 
ATOM   112  O OH  . TYR A 1 14  ? 12.214  3.485   -13.020 1.00 13.99 ? 14  TYR A OH  1 
ATOM   113  N N   . LEU A 1 15  ? 5.736   3.861   -10.934 1.00 10.03 ? 15  LEU A N   1 
ATOM   114  C CA  . LEU A 1 15  ? 5.954   3.001   -9.774  1.00 10.95 ? 15  LEU A CA  1 
ATOM   115  C C   . LEU A 1 15  ? 5.037   1.801   -9.663  1.00 11.93 ? 15  LEU A C   1 
ATOM   116  O O   . LEU A 1 15  ? 5.364   0.848   -9.043  1.00 13.76 ? 15  LEU A O   1 
ATOM   117  C CB  . LEU A 1 15  ? 5.938   3.829   -8.454  1.00 10.82 ? 15  LEU A CB  1 
ATOM   118  C CG  . LEU A 1 15  ? 7.078   4.848   -8.362  1.00 12.10 ? 15  LEU A CG  1 
ATOM   119  C CD1 . LEU A 1 15  ? 6.770   5.833   -7.251  1.00 12.03 ? 15  LEU A CD1 1 
ATOM   120  C CD2 . LEU A 1 15  ? 8.429   4.176   -8.170  1.00 12.05 ? 15  LEU A CD2 1 
ATOM   121  N N   . THR A 1 16  ? 3.877   1.882   -10.293 1.00 11.58 ? 16  THR A N   1 
ATOM   122  C CA  . THR A 1 16  ? 2.879   0.782   -10.238 1.00 12.26 ? 16  THR A CA  1 
ATOM   123  C C   . THR A 1 16  ? 2.845   -0.130  -11.477 1.00 13.45 ? 16  THR A C   1 
ATOM   124  O O   . THR A 1 16  ? 2.157   -1.085  -11.530 1.00 13.74 ? 16  THR A O   1 
ATOM   125  C CB  . THR A 1 16  ? 1.472   1.329   -9.977  1.00 13.22 ? 16  THR A CB  1 
ATOM   126  O OG1 . THR A 1 16  ? 1.119   2.236   -11.031 1.00 12.24 ? 16  THR A OG1 1 
ATOM   127  C CG2 . THR A 1 16  ? 1.421   2.023   -8.620  1.00 13.74 ? 16  THR A CG2 1 
ATOM   128  N N   . THR A 1 17  ? 3.635   0.216   -12.483 1.00 13.45 ? 17  THR A N   1 
ATOM   129  C CA  . THR A 1 17  ? 3.676   -0.591  -13.695 1.00 14.37 ? 17  THR A CA  1 
ATOM   130  C C   . THR A 1 17  ? 5.107   -0.829  -14.144 1.00 14.58 ? 17  THR A C   1 
ATOM   131  O O   . THR A 1 17  ? 5.742   -1.811  -13.759 1.00 15.65 ? 17  THR A O   1 
ATOM   132  C CB  . THR A 1 17  ? 2.892   0.075   -14.842 1.00 15.29 ? 17  THR A CB  1 
ATOM   133  O OG1 . THR A 1 17  ? 3.468   1.353   -15.140 1.00 18.03 ? 17  THR A OG1 1 
ATOM   134  C CG2 . THR A 1 17  ? 1.433   0.259   -14.454 1.00 17.17 ? 17  THR A CG2 1 
ATOM   135  N N   . THR A 1 18  ? 5.627   0.090   -14.949 1.00 16.26 ? 18  THR A N   1 
ATOM   136  C CA  . THR A 1 18  ? 6.986   -0.018  -15.469 1.00 19.98 ? 18  THR A CA  1 
ATOM   137  C C   . THR A 1 18  ? 7.987   -0.539  -14.435 1.00 19.14 ? 18  THR A C   1 
ATOM   138  O O   . THR A 1 18  ? 8.734   -1.479  -14.707 1.00 22.97 ? 18  THR A O   1 
ATOM   139  C CB  . THR A 1 18  ? 7.489   1.332   -16.013 1.00 19.31 ? 18  THR A CB  1 
ATOM   140  O OG1 . THR A 1 18  ? 6.508   1.889   -16.897 1.00 22.16 ? 18  THR A OG1 1 
ATOM   141  C CG2 . THR A 1 18  ? 8.797   1.150   -16.766 1.00 20.89 ? 18  THR A CG2 1 
ATOM   142  N N   . ALA A 1 19  ? 8.005   0.079   -13.257 1.00 15.93 ? 19  ALA A N   1 
ATOM   143  C CA  . ALA A 1 19  ? 8.967   -0.258  -12.246 1.00 14.95 ? 19  ALA A CA  1 
ATOM   144  C C   . ALA A 1 19  ? 8.520   -1.234  -11.164 1.00 16.76 ? 19  ALA A C   1 
ATOM   145  O O   . ALA A 1 19  ? 9.243   -1.535  -10.276 1.00 17.10 ? 19  ALA A O   1 
ATOM   146  C CB  . ALA A 1 19  ? 9.461   1.013   -11.601 1.00 17.73 ? 19  ALA A CB  1 
ATOM   147  N N   . ALA A 1 20  ? 7.301   -1.721  -11.279 1.00 15.36 ? 20  ALA A N   1 
ATOM   148  C CA  . ALA A 1 20  ? 6.766   -2.611  -10.285 1.00 15.54 ? 20  ALA A CA  1 
ATOM   149  C C   . ALA A 1 20  ? 7.250   -4.046  -10.380 1.00 16.61 ? 20  ALA A C   1 
ATOM   150  O O   . ALA A 1 20  ? 7.258   -4.723  -9.407  1.00 16.49 ? 20  ALA A O   1 
ATOM   151  C CB  . ALA A 1 20  ? 5.251   -2.574  -10.328 1.00 15.06 ? 20  ALA A CB  1 
ATOM   152  N N   . GLY A 1 21  ? 7.628   -4.489  -11.563 1.00 14.90 ? 21  GLY A N   1 
ATOM   153  C CA  . GLY A 1 21  ? 8.102   -5.849  -11.703 1.00 14.53 ? 21  GLY A CA  1 
ATOM   154  C C   . GLY A 1 21  ? 7.156   -6.842  -11.091 1.00 14.69 ? 21  GLY A C   1 
ATOM   155  O O   . GLY A 1 21  ? 6.023   -6.843  -11.305 1.00 14.46 ? 21  GLY A O   1 
ATOM   156  N N   . ASP A 1 22  ? 7.740   -7.691  -10.288 1.00 17.17 ? 22  ASP A N   1 
ATOM   157  C CA  . ASP A 1 22  ? 7.061   -8.748  -9.626  1.00 19.21 ? 22  ASP A CA  1 
ATOM   158  C C   . ASP A 1 22  ? 6.735   -8.433  -8.164  1.00 19.00 ? 22  ASP A C   1 
ATOM   159  O O   . ASP A 1 22  ? 6.231   -9.262  -7.469  1.00 19.49 ? 22  ASP A O   1 
ATOM   160  C CB  . ASP A 1 22  ? 8.015   -9.941  -9.655  1.00 21.13 ? 22  ASP A CB  1 
ATOM   161  C CG  . ASP A 1 22  ? 7.361   -11.181 -9.382  1.00 29.74 ? 22  ASP A CG  1 
ATOM   162  O OD1 . ASP A 1 22  ? 6.180   -11.298 -9.646  1.00 27.09 ? 22  ASP A OD1 1 
ATOM   163  O OD2 . ASP A 1 22  ? 8.075   -12.065 -8.850  1.00 37.26 ? 22  ASP A OD2 1 
ATOM   164  N N   . LYS A 1 23  ? 7.060   -7.219  -7.730  1.00 15.71 ? 23  LYS A N   1 
ATOM   165  C CA  . LYS A 1 23  ? 6.915   -6.838  -6.330  1.00 15.90 ? 23  LYS A CA  1 
ATOM   166  C C   . LYS A 1 23  ? 5.481   -6.489  -5.941  1.00 16.30 ? 23  LYS A C   1 
ATOM   167  O O   . LYS A 1 23  ? 4.701   -6.002  -6.760  1.00 16.14 ? 23  LYS A O   1 
ATOM   168  C CB  . LYS A 1 23  ? 7.844   -5.667  -5.998  1.00 17.95 ? 23  LYS A CB  1 
ATOM   169  C CG  . LYS A 1 23  ? 9.266   -5.838  -6.507  1.00 20.97 ? 23  LYS A CG  1 
ATOM   170  C CD  . LYS A 1 23  ? 10.084  -4.575  -6.298  1.00 23.29 ? 23  LYS A CD  1 
ATOM   171  C CE  . LYS A 1 23  ? 9.393   -3.363  -6.902  1.00 29.01 ? 23  LYS A CE  1 
ATOM   172  N NZ  . LYS A 1 23  ? 10.294  -2.606  -7.813  1.00 32.93 ? 23  LYS A NZ  1 
ATOM   173  N N   . LEU A 1 24  ? 5.148   -6.741  -4.679  1.00 17.23 ? 24  LEU A N   1 
ATOM   174  C CA  . LEU A 1 24  ? 3.854   -6.405  -4.139  1.00 16.01 ? 24  LEU A CA  1 
ATOM   175  C C   . LEU A 1 24  ? 3.935   -4.881  -3.948  1.00 13.81 ? 24  LEU A C   1 
ATOM   176  O O   . LEU A 1 24  ? 4.892   -4.394  -3.499  1.00 14.57 ? 24  LEU A O   1 
ATOM   177  C CB  . LEU A 1 24  ? 3.621   -7.063  -2.783  1.00 15.89 ? 24  LEU A CB  1 
ATOM   178  C CG  . LEU A 1 24  ? 3.352   -8.549  -2.804  1.00 16.23 ? 24  LEU A CG  1 
ATOM   179  C CD1 . LEU A 1 24  ? 3.182   -9.054  -1.378  1.00 17.52 ? 24  LEU A CD1 1 
ATOM   180  C CD2 . LEU A 1 24  ? 2.127   -8.844  -3.599  1.00 18.54 ? 24  LEU A CD2 1 
ATOM   181  N N   . ILE A 1 25  ? 2.895   -4.180  -4.342  1.00 14.34 ? 25  ILE A N   1 
ATOM   182  C CA  . ILE A 1 25  ? 2.864   -2.736  -4.207  1.00 13.88 ? 25  ILE A CA  1 
ATOM   183  C C   . ILE A 1 25  ? 1.756   -2.372  -3.226  1.00 13.74 ? 25  ILE A C   1 
ATOM   184  O O   . ILE A 1 25  ? 0.657   -2.654  -3.454  1.00 14.71 ? 25  ILE A O   1 
ATOM   185  C CB  . ILE A 1 25  ? 2.604   -2.042  -5.571  1.00 13.76 ? 25  ILE A CB  1 
ATOM   186  C CG1 . ILE A 1 25  ? 3.442   -2.661  -6.720  1.00 16.44 ? 25  ILE A CG1 1 
ATOM   187  C CG2 . ILE A 1 25  ? 2.858   -0.537  -5.461  1.00 16.87 ? 25  ILE A CG2 1 
ATOM   188  C CD1 . ILE A 1 25  ? 4.919   -2.396  -6.600  1.00 16.67 ? 25  ILE A CD1 1 
ATOM   189  N N   . VAL A 1 26  ? 2.135   -1.728  -2.148  1.00 12.09 ? 26  VAL A N   1 
ATOM   190  C CA  . VAL A 1 26  ? 1.186   -1.311  -1.160  1.00 14.19 ? 26  VAL A CA  1 
ATOM   191  C C   . VAL A 1 26  ? 0.843   0.158   -1.389  1.00 11.31 ? 26  VAL A C   1 
ATOM   192  O O   . VAL A 1 26  ? 1.673   0.966   -1.393  1.00 13.07 ? 26  VAL A O   1 
ATOM   193  C CB  . VAL A 1 26  ? 1.725   -1.497  0.274   1.00 15.28 ? 26  VAL A CB  1 
ATOM   194  C CG1 . VAL A 1 26  ? 0.736   -1.009  1.325   1.00 14.94 ? 26  VAL A CG1 1 
ATOM   195  C CG2 . VAL A 1 26  ? 2.049   -2.943  0.525   1.00 15.57 ? 26  VAL A CG2 1 
ATOM   196  N N   . LEU A 1 27  ? -0.445  0.397   -1.573  1.00 12.94 ? 27  LEU A N   1 
ATOM   197  C CA  . LEU A 1 27  ? -0.998  1.736   -1.738  1.00 12.81 ? 27  LEU A CA  1 
ATOM   198  C C   . LEU A 1 27  ? -1.704  2.084   -0.446  1.00 11.84 ? 27  LEU A C   1 
ATOM   199  O O   . LEU A 1 27  ? -2.656  1.482   -0.134  1.00 13.75 ? 27  LEU A O   1 
ATOM   200  C CB  . LEU A 1 27  ? -1.997  1.851   -2.895  1.00 13.28 ? 27  LEU A CB  1 
ATOM   201  C CG  . LEU A 1 27  ? -1.586  1.333   -4.257  1.00 14.93 ? 27  LEU A CG  1 
ATOM   202  C CD1 . LEU A 1 27  ? -2.609  1.691   -5.313  1.00 17.43 ? 27  LEU A CD1 1 
ATOM   203  C CD2 . LEU A 1 27  ? -0.226  1.864   -4.669  1.00 15.48 ? 27  LEU A CD2 1 
ATOM   204  N N   . TYR A 1 28  ? -1.157  3.080   0.228   1.00 12.32 ? 28  TYR A N   1 
ATOM   205  C CA  . TYR A 1 28  ? -1.695  3.597   1.474   1.00 12.84 ? 28  TYR A CA  1 
ATOM   206  C C   . TYR A 1 28  ? -2.328  4.968   1.219   1.00 13.28 ? 28  TYR A C   1 
ATOM   207  O O   . TYR A 1 28  ? -1.673  5.863   0.853   1.00 13.40 ? 28  TYR A O   1 
ATOM   208  C CB  . TYR A 1 28  ? -0.624  3.700   2.569   1.00 13.81 ? 28  TYR A CB  1 
ATOM   209  C CG  . TYR A 1 28  ? -1.080  4.512   3.799   1.00 15.39 ? 28  TYR A CG  1 
ATOM   210  C CD1 . TYR A 1 28  ? -2.180  4.125   4.564   1.00 15.78 ? 28  TYR A CD1 1 
ATOM   211  C CD2 . TYR A 1 28  ? -0.441  5.673   4.160   1.00 15.57 ? 28  TYR A CD2 1 
ATOM   212  C CE1 . TYR A 1 28  ? -2.601  4.882   5.630   1.00 18.49 ? 28  TYR A CE1 1 
ATOM   213  C CE2 . TYR A 1 28  ? -0.861  6.411   5.227   1.00 17.46 ? 28  TYR A CE2 1 
ATOM   214  C CZ  . TYR A 1 28  ? -1.945  6.001   5.959   1.00 19.72 ? 28  TYR A CZ  1 
ATOM   215  O OH  . TYR A 1 28  ? -2.349  6.772   7.015   1.00 24.09 ? 28  TYR A OH  1 
ATOM   216  N N   . PHE A 1 29  ? -3.643  5.054   1.408   1.00 13.71 ? 29  PHE A N   1 
ATOM   217  C CA  . PHE A 1 29  ? -4.396  6.275   1.218   1.00 15.78 ? 29  PHE A CA  1 
ATOM   218  C C   . PHE A 1 29  ? -4.682  6.912   2.565   1.00 13.31 ? 29  PHE A C   1 
ATOM   219  O O   . PHE A 1 29  ? -5.143  6.275   3.437   1.00 15.21 ? 29  PHE A O   1 
ATOM   220  C CB  . PHE A 1 29  ? -5.719  5.983   0.476   1.00 14.06 ? 29  PHE A CB  1 
ATOM   221  C CG  . PHE A 1 29  ? -5.539  5.550   -0.948  1.00 13.06 ? 29  PHE A CG  1 
ATOM   222  C CD1 . PHE A 1 29  ? -5.343  4.238   -1.237  1.00 14.35 ? 29  PHE A CD1 1 
ATOM   223  C CD2 . PHE A 1 29  ? -5.584  6.454   -1.962  1.00 14.01 ? 29  PHE A CD2 1 
ATOM   224  C CE1 . PHE A 1 29  ? -5.162  3.837   -2.533  1.00 14.93 ? 29  PHE A CE1 1 
ATOM   225  C CE2 . PHE A 1 29  ? -5.402  6.058   -3.255  1.00 14.73 ? 29  PHE A CE2 1 
ATOM   226  C CZ  . PHE A 1 29  ? -5.224  4.741   -3.534  1.00 14.89 ? 29  PHE A CZ  1 
ATOM   227  N N   . HIS A 1 30  ? -4.364  8.184   2.651   1.00 14.06 ? 30  HIS A N   1 
ATOM   228  C CA  . HIS A 1 30  ? -4.494  8.987   3.847   1.00 16.57 ? 30  HIS A CA  1 
ATOM   229  C C   . HIS A 1 30  ? -4.960  10.421  3.586   1.00 15.35 ? 30  HIS A C   1 
ATOM   230  O O   . HIS A 1 30  ? -4.900  10.911  2.535   1.00 14.81 ? 30  HIS A O   1 
ATOM   231  C CB  . HIS A 1 30  ? -3.114  9.013   4.564   1.00 17.36 ? 30  HIS A CB  1 
ATOM   232  C CG  . HIS A 1 30  ? -2.052  9.766   3.825   1.00 15.87 ? 30  HIS A CG  1 
ATOM   233  N ND1 . HIS A 1 30  ? -1.847  11.120  3.971   1.00 19.32 ? 30  HIS A ND1 1 
ATOM   234  C CD2 . HIS A 1 30  ? -1.106  9.342   2.964   1.00 17.31 ? 30  HIS A CD2 1 
ATOM   235  C CE1 . HIS A 1 30  ? -0.841  11.498  3.214   1.00 22.20 ? 30  HIS A CE1 1 
ATOM   236  N NE2 . HIS A 1 30  ? -0.378  10.438  2.590   1.00 18.27 ? 30  HIS A NE2 1 
ATOM   237  N N   . THR A 1 31  ? -5.441  11.062  4.641   1.00 16.04 ? 31  THR A N   1 
ATOM   238  C CA  . THR A 1 31  ? -5.826  12.457  4.580   1.00 15.80 ? 31  THR A CA  1 
ATOM   239  C C   . THR A 1 31  ? -5.531  13.070  5.942   1.00 17.16 ? 31  THR A C   1 
ATOM   240  O O   . THR A 1 31  ? -5.410  12.405  6.892   1.00 16.58 ? 31  THR A O   1 
ATOM   241  C CB  . THR A 1 31  ? -7.303  12.725  4.291   1.00 14.60 ? 31  THR A CB  1 
ATOM   242  O OG1 . THR A 1 31  ? -8.037  12.236  5.390   1.00 14.39 ? 31  THR A OG1 1 
ATOM   243  C CG2 . THR A 1 31  ? -7.778  12.092  2.986   1.00 14.87 ? 31  THR A CG2 1 
ATOM   244  N N   . SER A 1 32  ? -5.442  14.377  5.943   1.00 18.12 ? 32  SER A N   1 
ATOM   245  C CA  . SER A 1 32  ? -5.135  15.080  7.162   1.00 19.85 ? 32  SER A CA  1 
ATOM   246  C C   . SER A 1 32  ? -6.216  14.975  8.203   1.00 20.56 ? 32  SER A C   1 
ATOM   247  O O   . SER A 1 32  ? -5.937  15.122  9.324   1.00 23.55 ? 32  SER A O   1 
ATOM   248  C CB  . SER A 1 32  ? -4.903  16.528  6.892   1.00 24.26 ? 32  SER A CB  1 
ATOM   249  O OG  . SER A 1 32  ? -6.022  17.108  6.356   1.00 29.66 ? 32  SER A OG  1 
ATOM   250  N N   . TRP A 1 33  ? -7.438  14.710  7.796   1.00 17.35 ? 33  TRP A N   1 
ATOM   251  C CA  . TRP A 1 33  ? -8.560  14.578  8.730   1.00 17.03 ? 33  TRP A CA  1 
ATOM   252  C C   . TRP A 1 33  ? -8.772  13.147  9.216   1.00 17.55 ? 33  TRP A C   1 
ATOM   253  O O   . TRP A 1 33  ? -9.598  12.878  10.026  1.00 19.61 ? 33  TRP A O   1 
ATOM   254  C CB  . TRP A 1 33  ? -9.843  15.155  8.110   1.00 16.91 ? 33  TRP A CB  1 
ATOM   255  C CG  . TRP A 1 33  ? -10.143 14.681  6.707   1.00 16.40 ? 33  TRP A CG  1 
ATOM   256  C CD1 . TRP A 1 33  ? -9.743  15.259  5.581   1.00 16.24 ? 33  TRP A CD1 1 
ATOM   257  C CD2 . TRP A 1 33  ? -10.903 13.565  6.319   1.00 14.83 ? 33  TRP A CD2 1 
ATOM   258  N NE1 . TRP A 1 33  ? -10.164 14.582  4.504   1.00 14.94 ? 33  TRP A NE1 1 
ATOM   259  C CE2 . TRP A 1 33  ? -10.905 13.533  4.931   1.00 12.78 ? 33  TRP A CE2 1 
ATOM   260  C CE3 . TRP A 1 33  ? -11.592 12.576  7.006   1.00 13.85 ? 33  TRP A CE3 1 
ATOM   261  C CZ2 . TRP A 1 33  ? -11.541 12.570  4.229   1.00 14.37 ? 33  TRP A CZ2 1 
ATOM   262  C CZ3 . TRP A 1 33  ? -12.232 11.638  6.291   1.00 15.88 ? 33  TRP A CZ3 1 
ATOM   263  C CH2 . TRP A 1 33  ? -12.213 11.641  4.930   1.00 15.48 ? 33  TRP A CH2 1 
ATOM   264  N N   . ALA A 1 34  ? -7.991  12.240  8.666   1.00 17.71 ? 34  ALA A N   1 
ATOM   265  C CA  . ALA A 1 34  ? -8.032  10.867  9.059   1.00 18.34 ? 34  ALA A CA  1 
ATOM   266  C C   . ALA A 1 34  ? -6.599  10.409  9.434   1.00 17.61 ? 34  ALA A C   1 
ATOM   267  O O   . ALA A 1 34  ? -6.264  9.316   9.276   1.00 17.56 ? 34  ALA A O   1 
ATOM   268  C CB  . ALA A 1 34  ? -8.645  10.011  7.976   1.00 17.70 ? 34  ALA A CB  1 
ATOM   269  N N   . GLU A 1 35  ? -5.813  11.324  9.961   1.00 21.38 ? 35  GLU A N   1 
ATOM   270  C CA  . GLU A 1 35  ? -4.421  11.066  10.362  1.00 21.67 ? 35  GLU A CA  1 
ATOM   271  C C   . GLU A 1 35  ? -4.308  10.117  11.571  1.00 23.94 ? 35  GLU A C   1 
ATOM   272  O O   . GLU A 1 35  ? -4.933  10.301  12.551  1.00 23.85 ? 35  GLU A O   1 
ATOM   273  C CB  . GLU A 1 35  ? -3.730  12.382  10.696  1.00 25.97 ? 35  GLU A CB  1 
ATOM   274  C CG  . GLU A 1 35  ? -3.021  13.021  9.535   1.00 35.72 ? 35  GLU A CG  1 
ATOM   275  C CD  . GLU A 1 35  ? -1.893  12.160  9.071   1.00 30.00 ? 35  GLU A CD  1 
ATOM   276  O OE1 . GLU A 1 35  ? -2.071  11.522  8.084   1.00 43.38 ? 35  GLU A OE1 1 
ATOM   277  O OE2 . GLU A 1 35  ? -0.866  12.087  9.741   1.00 45.50 ? 35  GLU A OE2 1 
ATOM   278  N N   . PRO A 1 36  ? -3.500  9.095   11.433  1.00 22.96 ? 36  PRO A N   1 
ATOM   279  C CA  . PRO A 1 36  ? -3.241  8.146   12.519  1.00 24.99 ? 36  PRO A CA  1 
ATOM   280  C C   . PRO A 1 36  ? -2.288  8.757   13.536  1.00 25.80 ? 36  PRO A C   1 
ATOM   281  O O   . PRO A 1 36  ? -1.356  9.463   13.150  1.00 27.27 ? 36  PRO A O   1 
ATOM   282  C CB  . PRO A 1 36  ? -2.569  6.975   11.803  1.00 25.94 ? 36  PRO A CB  1 
ATOM   283  C CG  . PRO A 1 36  ? -3.109  7.031   10.416  1.00 24.48 ? 36  PRO A CG  1 
ATOM   284  C CD  . PRO A 1 36  ? -3.290  8.490   10.105  1.00 29.67 ? 36  PRO A CD  1 
ATOM   285  N N   . CYS A 1 37  ? -2.519  8.496   14.818  1.00 24.29 ? 37  CYS A N   1 
ATOM   286  C CA  . CYS A 1 37  ? -1.719  9.083   15.836  1.00 23.62 ? 37  CYS A CA  1 
ATOM   287  C C   . CYS A 1 37  ? -0.284  8.770   15.571  1.00 22.31 ? 37  CYS A C   1 
ATOM   288  O O   . CYS A 1 37  ? 0.060   7.865   14.875  1.00 20.95 ? 37  CYS A O   1 
ATOM   289  C CB  . CYS A 1 37  ? -2.143  8.650   17.210  1.00 22.87 ? 37  CYS A CB  1 
ATOM   290  S SG  . CYS A 1 37  ? -1.717  6.954   17.636  1.00 25.83 ? 37  CYS A SG  1 
ATOM   291  N N   . LYS A 1 38  ? 0.552   9.567   16.167  1.00 24.79 ? 38  LYS A N   1 
ATOM   292  C CA  . LYS A 1 38  ? 1.961   9.407   16.018  1.00 23.09 ? 38  LYS A CA  1 
ATOM   293  C C   . LYS A 1 38  ? 2.494   8.007   16.312  1.00 20.04 ? 38  LYS A C   1 
ATOM   294  O O   . LYS A 1 38  ? 3.285   7.533   15.589  1.00 20.51 ? 38  LYS A O   1 
ATOM   295  C CB  . LYS A 1 38  ? 2.683   10.393  16.922  1.00 29.57 ? 38  LYS A CB  1 
ATOM   296  C CG  . LYS A 1 38  ? 4.183   10.249  16.949  1.00 31.12 ? 38  LYS A CG  1 
ATOM   297  C CD  . LYS A 1 38  ? 4.818   10.663  15.656  1.00 36.95 ? 38  LYS A CD  1 
ATOM   298  C CE  . LYS A 1 38  ? 6.326   10.821  15.775  1.00 45.98 ? 38  LYS A CE  1 
ATOM   299  N NZ  . LYS A 1 38  ? 6.770   11.515  17.020  1.00 50.75 ? 38  LYS A NZ  1 
ATOM   300  N N   . ALA A 1 39  ? 2.054   7.414   17.419  1.00 21.96 ? 39  ALA A N   1 
ATOM   301  C CA  . ALA A 1 39  ? 2.533   6.099   17.827  1.00 23.68 ? 39  ALA A CA  1 
ATOM   302  C C   . ALA A 1 39  ? 2.217   5.067   16.756  1.00 21.14 ? 39  ALA A C   1 
ATOM   303  O O   . ALA A 1 39  ? 3.063   4.249   16.394  1.00 18.70 ? 39  ALA A O   1 
ATOM   304  C CB  . ALA A 1 39  ? 1.912   5.698   19.155  1.00 25.29 ? 39  ALA A CB  1 
ATOM   305  N N   . LEU A 1 40  ? 0.987   5.129   16.253  1.00 21.33 ? 40  LEU A N   1 
ATOM   306  C CA  . LEU A 1 40  ? 0.538   4.245   15.188  1.00 18.47 ? 40  LEU A CA  1 
ATOM   307  C C   . LEU A 1 40  ? 1.422   4.407   13.961  1.00 19.52 ? 40  LEU A C   1 
ATOM   308  O O   . LEU A 1 40  ? 1.929   3.423   13.421  1.00 18.64 ? 40  LEU A O   1 
ATOM   309  C CB  . LEU A 1 40  ? -0.921  4.535   14.828  1.00 23.36 ? 40  LEU A CB  1 
ATOM   310  C CG  . LEU A 1 40  ? -1.634  3.478   13.984  1.00 26.33 ? 40  LEU A CG  1 
ATOM   311  C CD1 . LEU A 1 40  ? -1.363  2.083   14.527  1.00 31.54 ? 40  LEU A CD1 1 
ATOM   312  C CD2 . LEU A 1 40  ? -3.129  3.755   13.926  1.00 26.36 ? 40  LEU A CD2 1 
ATOM   313  N N   . LYS A 1 41  ? 1.620   5.648   13.530  1.00 17.64 ? 41  LYS A N   1 
ATOM   314  C CA  . LYS A 1 41  ? 2.490   5.929   12.394  1.00 18.51 ? 41  LYS A CA  1 
ATOM   315  C C   . LYS A 1 41  ? 3.852   5.270   12.590  1.00 20.18 ? 41  LYS A C   1 
ATOM   316  O O   . LYS A 1 41  ? 4.427   4.717   11.652  1.00 19.08 ? 41  LYS A O   1 
ATOM   317  C CB  . LYS A 1 41  ? 2.655   7.438   12.204  1.00 23.14 ? 41  LYS A CB  1 
ATOM   318  C CG  . LYS A 1 41  ? 3.756   7.823   11.229  1.00 32.57 ? 41  LYS A CG  1 
ATOM   319  C CD  . LYS A 1 41  ? 3.226   8.731   10.131  1.00 42.45 ? 41  LYS A CD  1 
ATOM   320  C CE  . LYS A 1 41  ? 4.188   8.794   8.955   1.00 47.93 ? 41  LYS A CE  1 
ATOM   321  N NZ  . LYS A 1 41  ? 5.605   8.646   9.389   1.00 51.45 ? 41  LYS A NZ  1 
ATOM   322  N N   . GLN A 1 42  ? 4.359   5.333   13.816  1.00 19.41 ? 42  GLN A N   1 
ATOM   323  C CA  . GLN A 1 42  ? 5.623   4.730   14.153  1.00 20.05 ? 42  GLN A CA  1 
ATOM   324  C C   . GLN A 1 42  ? 5.585   3.183   14.009  1.00 15.84 ? 42  GLN A C   1 
ATOM   325  O O   . GLN A 1 42  ? 6.513   2.596   13.547  1.00 19.55 ? 42  GLN A O   1 
ATOM   326  C CB  . GLN A 1 42  ? 6.026   5.168   15.559  1.00 23.62 ? 42  GLN A CB  1 
ATOM   327  C CG  . GLN A 1 42  ? 6.476   6.615   15.608  1.00 26.36 ? 42  GLN A CG  1 
ATOM   328  C CD  . GLN A 1 42  ? 6.888   7.107   16.976  1.00 32.60 ? 42  GLN A CD  1 
ATOM   329  O OE1 . GLN A 1 42  ? 6.223   6.918   17.922  1.00 35.86 ? 42  GLN A OE1 1 
ATOM   330  N NE2 . GLN A 1 42  ? 7.982   7.789   17.030  1.00 38.60 ? 42  GLN A NE2 1 
ATOM   331  N N   . VAL A 1 43  ? 4.459   2.599   14.359  1.00 17.74 ? 43  VAL A N   1 
ATOM   332  C CA  . VAL A 1 43  ? 4.306   1.168   14.212  1.00 17.73 ? 43  VAL A CA  1 
ATOM   333  C C   . VAL A 1 43  ? 4.389   0.797   12.732  1.00 17.16 ? 43  VAL A C   1 
ATOM   334  O O   . VAL A 1 43  ? 5.066   -0.081  12.391  1.00 17.35 ? 43  VAL A O   1 
ATOM   335  C CB  . VAL A 1 43  ? 3.013   0.677   14.779  1.00 16.34 ? 43  VAL A CB  1 
ATOM   336  C CG1 . VAL A 1 43  ? 2.811   -0.806  14.459  1.00 16.27 ? 43  VAL A CG1 1 
ATOM   337  C CG2 . VAL A 1 43  ? 2.992   0.840   16.270  1.00 16.23 ? 43  VAL A CG2 1 
ATOM   338  N N   . PHE A 1 44  ? 3.686   1.525   11.886  1.00 18.91 ? 44  PHE A N   1 
ATOM   339  C CA  . PHE A 1 44  ? 3.705   1.253   10.467  1.00 18.02 ? 44  PHE A CA  1 
ATOM   340  C C   . PHE A 1 44  ? 5.029   1.555   9.821   1.00 17.49 ? 44  PHE A C   1 
ATOM   341  O O   . PHE A 1 44  ? 5.433   0.905   8.931   1.00 18.02 ? 44  PHE A O   1 
ATOM   342  C CB  . PHE A 1 44  ? 2.538   1.986   9.743   1.00 18.67 ? 44  PHE A CB  1 
ATOM   343  C CG  . PHE A 1 44  ? 1.220   1.270   9.822   1.00 17.94 ? 44  PHE A CG  1 
ATOM   344  C CD1 . PHE A 1 44  ? 0.886   0.322   8.905   1.00 18.18 ? 44  PHE A CD1 1 
ATOM   345  C CD2 . PHE A 1 44  ? 0.339   1.541   10.807  1.00 20.95 ? 44  PHE A CD2 1 
ATOM   346  C CE1 . PHE A 1 44  ? -0.299  -0.345  8.984   1.00 19.00 ? 44  PHE A CE1 1 
ATOM   347  C CE2 . PHE A 1 44  ? -0.857  0.866   10.909  1.00 20.23 ? 44  PHE A CE2 1 
ATOM   348  C CZ  . PHE A 1 44  ? -1.179  -0.060  9.974   1.00 18.52 ? 44  PHE A CZ  1 
ATOM   349  N N   . GLU A 1 45  ? 5.727   2.549   10.358  1.00 20.51 ? 45  GLU A N   1 
ATOM   350  C CA  . GLU A 1 45  ? 7.080   2.855   9.912   1.00 23.85 ? 45  GLU A CA  1 
ATOM   351  C C   . GLU A 1 45  ? 7.999   1.657   10.149  1.00 19.59 ? 45  GLU A C   1 
ATOM   352  O O   . GLU A 1 45  ? 8.862   1.352   9.325   1.00 22.79 ? 45  GLU A O   1 
ATOM   353  C CB  . GLU A 1 45  ? 7.621   4.086   10.639  1.00 27.72 ? 45  GLU A CB  1 
ATOM   354  C CG  . GLU A 1 45  ? 6.871   5.371   10.326  1.00 34.14 ? 45  GLU A CG  1 
ATOM   355  C CD  . GLU A 1 45  ? 6.396   5.432   8.889   1.00 40.03 ? 45  GLU A CD  1 
ATOM   356  O OE1 . GLU A 1 45  ? 5.178   5.595   8.671   1.00 45.79 ? 45  GLU A OE1 1 
ATOM   357  O OE2 . GLU A 1 45  ? 7.242   5.318   7.976   1.00 56.59 ? 45  GLU A OE2 1 
ATOM   358  N N   . ALA A 1 46  ? 7.804   0.979   11.277  1.00 21.69 ? 46  ALA A N   1 
ATOM   359  C CA  . ALA A 1 46  ? 8.584   -0.205  11.615  1.00 19.72 ? 46  ALA A CA  1 
ATOM   360  C C   . ALA A 1 46  ? 8.295   -1.338  10.624  1.00 16.12 ? 46  ALA A C   1 
ATOM   361  O O   . ALA A 1 46  ? 9.148   -1.955  10.153  1.00 17.49 ? 46  ALA A O   1 
ATOM   362  C CB  . ALA A 1 46  ? 8.279   -0.624  13.034  1.00 20.30 ? 46  ALA A CB  1 
ATOM   363  N N   . ILE A 1 47  ? 7.030   -1.537  10.330  1.00 18.33 ? 47  ILE A N   1 
ATOM   364  C CA  . ILE A 1 47  ? 6.608   -2.535  9.358   1.00 18.07 ? 47  ILE A CA  1 
ATOM   365  C C   . ILE A 1 47  ? 7.214   -2.286  7.976   1.00 19.00 ? 47  ILE A C   1 
ATOM   366  O O   . ILE A 1 47  ? 7.690   -3.146  7.370   1.00 17.82 ? 47  ILE A O   1 
ATOM   367  C CB  . ILE A 1 47  ? 5.065   -2.627  9.313   1.00 16.88 ? 47  ILE A CB  1 
ATOM   368  C CG1 . ILE A 1 47  ? 4.521   -3.146  10.645  1.00 17.43 ? 47  ILE A CG1 1 
ATOM   369  C CG2 . ILE A 1 47  ? 4.600   -3.591  8.234   1.00 20.97 ? 47  ILE A CG2 1 
ATOM   370  C CD1 . ILE A 1 47  ? 3.058   -2.885  10.819  1.00 18.26 ? 47  ILE A CD1 1 
ATOM   371  N N   . SER A 1 48  ? 7.195   -1.044  7.536   1.00 21.37 ? 48  SER A N   1 
ATOM   372  C CA  . SER A 1 48  ? 7.774   -0.676  6.263   1.00 22.62 ? 48  SER A CA  1 
ATOM   373  C C   . SER A 1 48  ? 9.280   -0.855  6.216   1.00 22.94 ? 48  SER A C   1 
ATOM   374  O O   . SER A 1 48  ? 9.776   -1.108  5.176   1.00 24.84 ? 48  SER A O   1 
ATOM   375  C CB  . SER A 1 48  ? 7.407   0.757   5.878   1.00 23.83 ? 48  SER A CB  1 
ATOM   376  O OG  . SER A 1 48  ? 8.148   1.730   6.556   1.00 29.53 ? 48  SER A OG  1 
ATOM   377  N N   . ASN A 1 49  ? 9.957   -0.728  7.369   1.00 23.10 ? 49  ASN A N   1 
ATOM   378  C CA  . ASN A 1 49  ? 11.397  -0.885  7.496   1.00 24.29 ? 49  ASN A CA  1 
ATOM   379  C C   . ASN A 1 49  ? 11.795  -2.279  7.843   1.00 25.45 ? 49  ASN A C   1 
ATOM   380  O O   . ASN A 1 49  ? 12.937  -2.572  7.948   1.00 29.10 ? 49  ASN A O   1 
ATOM   381  C CB  . ASN A 1 49  ? 11.965  -0.027  8.614   1.00 29.52 ? 49  ASN A CB  1 
ATOM   382  C CG  . ASN A 1 49  ? 12.000  1.424   8.271   1.00 30.72 ? 49  ASN A CG  1 
ATOM   383  O OD1 . ASN A 1 49  ? 12.153  1.768   7.139   1.00 33.24 ? 49  ASN A OD1 1 
ATOM   384  N ND2 . ASN A 1 49  ? 11.851  2.271   9.244   1.00 31.14 ? 49  ASN A ND2 1 
ATOM   385  N N   . GLU A 1 50  ? 10.819  -3.148  8.085   1.00 24.70 ? 50  GLU A N   1 
ATOM   386  C CA  . GLU A 1 50  ? 11.124  -4.526  8.465   1.00 27.01 ? 50  GLU A CA  1 
ATOM   387  C C   . GLU A 1 50  ? 11.890  -5.221  7.350   1.00 27.49 ? 50  GLU A C   1 
ATOM   388  O O   . GLU A 1 50  ? 11.472  -5.168  6.193   1.00 27.11 ? 50  GLU A O   1 
ATOM   389  C CB  . GLU A 1 50  ? 9.840   -5.294  8.781   1.00 26.88 ? 50  GLU A CB  1 
ATOM   390  C CG  . GLU A 1 50  ? 10.008  -6.803  8.802   1.00 37.40 ? 50  GLU A CG  1 
ATOM   391  C CD  . GLU A 1 50  ? 10.891  -7.275  9.940   1.00 35.46 ? 50  GLU A CD  1 
ATOM   392  O OE1 . GLU A 1 50  ? 11.111  -6.492  10.889  1.00 32.73 ? 50  GLU A OE1 1 
ATOM   393  O OE2 . GLU A 1 50  ? 11.367  -8.429  9.887   1.00 37.15 ? 50  GLU A OE2 1 
ATOM   394  N N   . PRO A 1 51  ? 12.986  -5.884  7.648   1.00 30.87 ? 51  PRO A N   1 
ATOM   395  C CA  . PRO A 1 51  ? 13.744  -6.523  6.577   1.00 27.12 ? 51  PRO A CA  1 
ATOM   396  C C   . PRO A 1 51  ? 13.029  -7.571  5.729   1.00 24.05 ? 51  PRO A C   1 
ATOM   397  O O   . PRO A 1 51  ? 13.347  -7.716  4.613   1.00 24.61 ? 51  PRO A O   1 
ATOM   398  C CB  . PRO A 1 51  ? 14.946  -7.133  7.319   1.00 32.61 ? 51  PRO A CB  1 
ATOM   399  C CG  . PRO A 1 51  ? 15.134  -6.250  8.472   1.00 37.07 ? 51  PRO A CG  1 
ATOM   400  C CD  . PRO A 1 51  ? 13.751  -5.849  8.904   1.00 35.36 ? 51  PRO A CD  1 
ATOM   401  N N   . SER A 1 52  ? 12.060  -8.276  6.259   1.00 24.85 ? 52  SER A N   1 
ATOM   402  C CA  . SER A 1 52  ? 11.309  -9.235  5.490   1.00 24.93 ? 52  SER A CA  1 
ATOM   403  C C   . SER A 1 52  ? 10.367  -8.603  4.441   1.00 23.41 ? 52  SER A C   1 
ATOM   404  O O   . SER A 1 52  ? 9.784   -9.273  3.670   1.00 22.75 ? 52  SER A O   1 
ATOM   405  C CB  . SER A 1 52  ? 10.446  -10.071 6.415   1.00 29.16 ? 52  SER A CB  1 
ATOM   406  O OG  . SER A 1 52  ? 9.594   -9.259  7.182   1.00 33.14 ? 52  SER A OG  1 
ATOM   407  N N   . ASN A 1 53  ? 10.240  -7.292  4.445   1.00 22.60 ? 53  ASN A N   1 
ATOM   408  C CA  . ASN A 1 53  ? 9.379   -6.618  3.474   1.00 20.05 ? 53  ASN A CA  1 
ATOM   409  C C   . ASN A 1 53  ? 10.217  -5.851  2.476   1.00 26.48 ? 53  ASN A C   1 
ATOM   410  O O   . ASN A 1 53  ? 9.731   -4.983  1.777   1.00 23.75 ? 53  ASN A O   1 
ATOM   411  C CB  . ASN A 1 53  ? 8.465   -5.671  4.189   1.00 20.16 ? 53  ASN A CB  1 
ATOM   412  C CG  . ASN A 1 53  ? 7.426   -6.375  4.994   1.00 18.73 ? 53  ASN A CG  1 
ATOM   413  O OD1 . ASN A 1 53  ? 6.989   -7.398  4.628   1.00 20.42 ? 53  ASN A OD1 1 
ATOM   414  N ND2 . ASN A 1 53  ? 7.013   -5.787  6.034   1.00 20.13 ? 53  ASN A ND2 1 
ATOM   415  N N   . SER A 1 54  ? 11.492  -6.216  2.438   1.00 29.72 ? 54  SER A N   1 
ATOM   416  C CA  . SER A 1 54  ? 12.479  -5.605  1.606   1.00 34.38 ? 54  SER A CA  1 
ATOM   417  C C   . SER A 1 54  ? 12.021  -5.481  0.165   1.00 30.81 ? 54  SER A C   1 
ATOM   418  O O   . SER A 1 54  ? 12.370  -4.570  -0.479  1.00 37.42 ? 54  SER A O   1 
ATOM   419  C CB  . SER A 1 54  ? 13.820  -6.400  1.696   1.00 28.14 ? 54  SER A CB  1 
ATOM   420  O OG  . SER A 1 54  ? 13.769  -7.612  0.979   1.00 35.62 ? 54  SER A OG  1 
ATOM   421  N N   . ASN A 1 55  ? 11.248  -6.419  -0.301  1.00 26.07 ? 55  ASN A N   1 
ATOM   422  C CA  . ASN A 1 55  ? 10.793  -6.483  -1.665  1.00 30.84 ? 55  ASN A CA  1 
ATOM   423  C C   . ASN A 1 55  ? 9.378   -5.982  -1.901  1.00 26.33 ? 55  ASN A C   1 
ATOM   424  O O   . ASN A 1 55  ? 8.832   -6.243  -2.894  1.00 29.66 ? 55  ASN A O   1 
ATOM   425  C CB  . ASN A 1 55  ? 10.847  -7.934  -2.106  1.00 35.68 ? 55  ASN A CB  1 
ATOM   426  C CG  . ASN A 1 55  ? 10.807  -8.114  -3.603  1.00 45.01 ? 55  ASN A CG  1 
ATOM   427  O OD1 . ASN A 1 55  ? 10.064  -8.952  -4.093  1.00 56.72 ? 55  ASN A OD1 1 
ATOM   428  N ND2 . ASN A 1 55  ? 11.603  -7.341  -4.334  1.00 46.22 ? 55  ASN A ND2 1 
ATOM   429  N N   . VAL A 1 56  ? 8.815   -5.305  -0.923  1.00 21.38 ? 56  VAL A N   1 
ATOM   430  C CA  . VAL A 1 56  ? 7.478   -4.756  -1.015  1.00 17.24 ? 56  VAL A CA  1 
ATOM   431  C C   . VAL A 1 56  ? 7.666   -3.262  -1.217  1.00 15.90 ? 56  VAL A C   1 
ATOM   432  O O   . VAL A 1 56  ? 8.416   -2.670  -0.547  1.00 19.49 ? 56  VAL A O   1 
ATOM   433  C CB  . VAL A 1 56  ? 6.701   -4.990  0.301   1.00 16.97 ? 56  VAL A CB  1 
ATOM   434  C CG1 . VAL A 1 56  ? 5.342   -4.278  0.287   1.00 17.35 ? 56  VAL A CG1 1 
ATOM   435  C CG2 . VAL A 1 56  ? 6.526   -6.489  0.525   1.00 18.05 ? 56  VAL A CG2 1 
ATOM   436  N N   . SER A 1 57  ? 6.943   -2.702  -2.159  1.00 14.74 ? 57  SER A N   1 
ATOM   437  C CA  . SER A 1 57  ? 7.023   -1.278  -2.426  1.00 14.10 ? 57  SER A CA  1 
ATOM   438  C C   . SER A 1 57  ? 5.893   -0.567  -1.661  1.00 15.02 ? 57  SER A C   1 
ATOM   439  O O   . SER A 1 57  ? 4.786   -0.869  -1.861  1.00 18.17 ? 57  SER A O   1 
ATOM   440  C CB  . SER A 1 57  ? 6.900   -1.046  -3.924  1.00 17.03 ? 57  SER A CB  1 
ATOM   441  O OG  . SER A 1 57  ? 6.917   0.309   -4.244  1.00 19.45 ? 57  SER A OG  1 
ATOM   442  N N   . PHE A 1 58  ? 6.224   0.370   -0.797  1.00 13.91 ? 58  PHE A N   1 
ATOM   443  C CA  . PHE A 1 58  ? 5.218   1.099   -0.031  1.00 14.27 ? 58  PHE A CA  1 
ATOM   444  C C   . PHE A 1 58  ? 5.018   2.498   -0.570  1.00 12.43 ? 58  PHE A C   1 
ATOM   445  O O   . PHE A 1 58  ? 5.879   3.263   -0.515  1.00 13.67 ? 58  PHE A O   1 
ATOM   446  C CB  . PHE A 1 58  ? 5.593   1.181   1.453   1.00 16.43 ? 58  PHE A CB  1 
ATOM   447  C CG  . PHE A 1 58  ? 5.635   -0.153  2.156   1.00 18.12 ? 58  PHE A CG  1 
ATOM   448  C CD1 . PHE A 1 58  ? 6.782   -0.871  2.198   1.00 21.14 ? 58  PHE A CD1 1 
ATOM   449  C CD2 . PHE A 1 58  ? 4.533   -0.667  2.782   1.00 20.08 ? 58  PHE A CD2 1 
ATOM   450  C CE1 . PHE A 1 58  ? 6.844   -2.094  2.851   1.00 20.96 ? 58  PHE A CE1 1 
ATOM   451  C CE2 . PHE A 1 58  ? 4.604   -1.904  3.446   1.00 19.26 ? 58  PHE A CE2 1 
ATOM   452  C CZ  . PHE A 1 58  ? 5.750   -2.590  3.451   1.00 19.98 ? 58  PHE A CZ  1 
ATOM   453  N N   . LEU A 1 59  ? 3.823   2.749   -1.084  1.00 12.83 ? 59  LEU A N   1 
ATOM   454  C CA  . LEU A 1 59  ? 3.435   4.025   -1.657  1.00 12.56 ? 59  LEU A CA  1 
ATOM   455  C C   . LEU A 1 59  ? 2.365   4.704   -0.801  1.00 15.22 ? 59  LEU A C   1 
ATOM   456  O O   . LEU A 1 59  ? 1.380   4.136   -0.541  1.00 18.38 ? 59  LEU A O   1 
ATOM   457  C CB  . LEU A 1 59  ? 2.956   3.870   -3.104  1.00 14.28 ? 59  LEU A CB  1 
ATOM   458  C CG  . LEU A 1 59  ? 3.828   3.061   -4.084  1.00 14.83 ? 59  LEU A CG  1 
ATOM   459  C CD1 . LEU A 1 59  ? 3.260   3.161   -5.485  1.00 15.22 ? 59  LEU A CD1 1 
ATOM   460  C CD2 . LEU A 1 59  ? 5.256   3.571   -4.082  1.00 14.32 ? 59  LEU A CD2 1 
ATOM   461  N N   . SER A 1 60  ? 2.624   5.937   -0.409  1.00 12.11 ? 60  SER A N   1 
ATOM   462  C CA  . SER A 1 60  ? 1.746   6.736   0.438   1.00 12.12 ? 60  SER A CA  1 
ATOM   463  C C   . SER A 1 60  ? 1.115   7.834   -0.375  1.00 12.05 ? 60  SER A C   1 
ATOM   464  O O   . SER A 1 60  ? 1.754   8.600   -0.981  1.00 13.35 ? 60  SER A O   1 
ATOM   465  C CB  . SER A 1 60  ? 2.538   7.277   1.620   1.00 12.84 ? 60  SER A CB  1 
ATOM   466  O OG  . SER A 1 60  ? 1.832   8.171   2.387   1.00 14.06 ? 60  SER A OG  1 
ATOM   467  N N   . ILE A 1 61  ? -0.200  7.846   -0.344  1.00 13.13 ? 61  ILE A N   1 
ATOM   468  C CA  . ILE A 1 61  ? -1.010  8.731   -1.141  1.00 13.72 ? 61  ILE A CA  1 
ATOM   469  C C   . ILE A 1 61  ? -2.056  9.567   -0.405  1.00 13.67 ? 61  ILE A C   1 
ATOM   470  O O   . ILE A 1 61  ? -2.933  9.056   0.141   1.00 14.17 ? 61  ILE A O   1 
ATOM   471  C CB  . ILE A 1 61  ? -1.771  7.918   -2.220  1.00 13.36 ? 61  ILE A CB  1 
ATOM   472  C CG1 . ILE A 1 61  ? -0.818  6.905   -2.900  1.00 15.32 ? 61  ILE A CG1 1 
ATOM   473  C CG2 . ILE A 1 61  ? -2.436  8.883   -3.196  1.00 15.85 ? 61  ILE A CG2 1 
ATOM   474  C CD1 . ILE A 1 61  ? -1.497  5.789   -3.662  1.00 18.22 ? 61  ILE A CD1 1 
ATOM   475  N N   . ASP A 1 62  ? -1.930  10.874  -0.459  1.00 14.94 ? 62  ASP A N   1 
ATOM   476  C CA  . ASP A 1 62  ? -2.934  11.748  0.136   1.00 15.97 ? 62  ASP A CA  1 
ATOM   477  C C   . ASP A 1 62  ? -4.125  11.721  -0.817  1.00 15.18 ? 62  ASP A C   1 
ATOM   478  O O   . ASP A 1 62  ? -4.058  12.188  -1.907  1.00 14.24 ? 62  ASP A O   1 
ATOM   479  C CB  . ASP A 1 62  ? -2.413  13.151  0.322   1.00 16.54 ? 62  ASP A CB  1 
ATOM   480  C CG  . ASP A 1 62  ? -3.416  14.068  1.000   1.00 17.75 ? 62  ASP A CG  1 
ATOM   481  O OD1 . ASP A 1 62  ? -4.510  14.145  0.569   1.00 16.57 ? 62  ASP A OD1 1 
ATOM   482  O OD2 . ASP A 1 62  ? -3.017  14.715  1.940   1.00 23.12 ? 62  ASP A OD2 1 
ATOM   483  N N   . ALA A 1 63  ? -5.204  11.156  -0.324  1.00 15.60 ? 63  ALA A N   1 
ATOM   484  C CA  . ALA A 1 63  ? -6.364  10.954  -1.127  1.00 14.50 ? 63  ALA A CA  1 
ATOM   485  C C   . ALA A 1 63  ? -7.040  12.240  -1.570  1.00 15.07 ? 63  ALA A C   1 
ATOM   486  O O   . ALA A 1 63  ? -7.659  12.237  -2.565  1.00 17.71 ? 63  ALA A O   1 
ATOM   487  C CB  . ALA A 1 63  ? -7.367  10.076  -0.400  1.00 15.83 ? 63  ALA A CB  1 
ATOM   488  N N   . ASP A 1 64  ? -6.891  13.315  -0.804  1.00 15.52 ? 64  ASP A N   1 
ATOM   489  C CA  . ASP A 1 64  ? -7.518  14.589  -1.146  1.00 17.98 ? 64  ASP A CA  1 
ATOM   490  C C   . ASP A 1 64  ? -6.688  15.379  -2.155  1.00 17.31 ? 64  ASP A C   1 
ATOM   491  O O   . ASP A 1 64  ? -7.230  16.093  -2.998  1.00 19.60 ? 64  ASP A O   1 
ATOM   492  C CB  . ASP A 1 64  ? -7.751  15.427  0.113   1.00 19.04 ? 64  ASP A CB  1 
ATOM   493  C CG  . ASP A 1 64  ? -8.938  14.945  0.924   1.00 20.05 ? 64  ASP A CG  1 
ATOM   494  O OD1 . ASP A 1 64  ? -9.739  14.148  0.391   1.00 20.21 ? 64  ASP A OD1 1 
ATOM   495  O OD2 . ASP A 1 64  ? -9.070  15.362  2.093   1.00 22.65 ? 64  ASP A OD2 1 
ATOM   496  N N   . GLU A 1 65  ? -5.370  15.243  -2.058  1.00 15.66 ? 65  GLU A N   1 
ATOM   497  C CA  . GLU A 1 65  ? -4.461  15.938  -2.922  1.00 17.32 ? 65  GLU A CA  1 
ATOM   498  C C   . GLU A 1 65  ? -4.199  15.198  -4.197  1.00 20.42 ? 65  GLU A C   1 
ATOM   499  O O   . GLU A 1 65  ? -3.705  15.759  -5.073  1.00 26.02 ? 65  GLU A O   1 
ATOM   500  C CB  . GLU A 1 65  ? -3.131  16.208  -2.232  1.00 19.78 ? 65  GLU A CB  1 
ATOM   501  C CG  . GLU A 1 65  ? -3.191  17.089  -0.994  1.00 27.42 ? 65  GLU A CG  1 
ATOM   502  C CD  . GLU A 1 65  ? -3.699  18.497  -1.250  1.00 33.61 ? 65  GLU A CD  1 
ATOM   503  O OE1 . GLU A 1 65  ? -3.239  19.195  -2.156  1.00 42.99 ? 65  GLU A OE1 1 
ATOM   504  O OE2 . GLU A 1 65  ? -4.578  18.943  -0.509  1.00 43.97 ? 65  GLU A OE2 1 
ATOM   505  N N   . ASN A 1 66  ? -4.514  13.907  -4.226  1.00 16.40 ? 66  ASN A N   1 
ATOM   506  C CA  . ASN A 1 66  ? -4.320  13.085  -5.412  1.00 17.12 ? 66  ASN A CA  1 
ATOM   507  C C   . ASN A 1 66  ? -5.657  12.525  -5.864  1.00 16.45 ? 66  ASN A C   1 
ATOM   508  O O   . ASN A 1 66  ? -5.857  11.311  -5.918  1.00 16.08 ? 66  ASN A O   1 
ATOM   509  C CB  . ASN A 1 66  ? -3.337  11.949  -5.127  1.00 16.53 ? 66  ASN A CB  1 
ATOM   510  C CG  . ASN A 1 66  ? -1.928  12.447  -4.874  1.00 18.11 ? 66  ASN A CG  1 
ATOM   511  O OD1 . ASN A 1 66  ? -1.182  12.738  -5.808  1.00 20.07 ? 66  ASN A OD1 1 
ATOM   512  N ND2 . ASN A 1 66  ? -1.556  12.549  -3.603  1.00 16.84 ? 66  ASN A ND2 1 
ATOM   513  N N   . SER A 1 67  ? -6.576  13.430  -6.178  1.00 18.53 ? 67  SER A N   1 
ATOM   514  C CA  . SER A 1 67  ? -7.928  13.078  -6.481  1.00 18.51 ? 67  SER A CA  1 
ATOM   515  C C   . SER A 1 67  ? -8.127  12.158  -7.661  1.00 16.00 ? 67  SER A C   1 
ATOM   516  O O   . SER A 1 67  ? -8.992  11.366  -7.645  1.00 18.02 ? 67  SER A O   1 
ATOM   517  C CB  . SER A 1 67  ? -8.815  14.340  -6.592  1.00 21.16 ? 67  SER A CB  1 
ATOM   518  O OG  . SER A 1 67  ? -8.557  15.006  -7.752  1.00 25.97 ? 67  SER A OG  1 
ATOM   519  N N   . GLU A 1 68  ? -7.291  12.286  -8.656  1.00 18.17 ? 68  GLU A N   1 
ATOM   520  C CA  . GLU A 1 68  ? -7.365  11.427  -9.804  1.00 15.89 ? 68  GLU A CA  1 
ATOM   521  C C   . GLU A 1 68  ? -7.100  9.968   -9.394  1.00 15.15 ? 68  GLU A C   1 
ATOM   522  O O   . GLU A 1 68  ? -7.788  9.136   -9.800  1.00 15.50 ? 68  GLU A O   1 
ATOM   523  C CB  . GLU A 1 68  ? -6.421  11.901  -10.897 1.00 20.21 ? 68  GLU A CB  1 
ATOM   524  C CG  . GLU A 1 68  ? -6.728  13.310  -11.383 1.00 24.07 ? 68  GLU A CG  1 
ATOM   525  C CD  . GLU A 1 68  ? -5.977  14.405  -10.657 1.00 26.61 ? 68  GLU A CD  1 
ATOM   526  O OE1 . GLU A 1 68  ? -6.051  15.494  -11.182 1.00 32.90 ? 68  GLU A OE1 1 
ATOM   527  O OE2 . GLU A 1 68  ? -5.369  14.194  -9.632  1.00 24.78 ? 68  GLU A OE2 1 
ATOM   528  N N   . ILE A 1 69  ? -6.088  9.726   -8.590  1.00 14.75 ? 69  ILE A N   1 
ATOM   529  C CA  . ILE A 1 69  ? -5.799  8.392   -8.125  1.00 14.13 ? 69  ILE A CA  1 
ATOM   530  C C   . ILE A 1 69  ? -6.920  7.869   -7.225  1.00 14.85 ? 69  ILE A C   1 
ATOM   531  O O   . ILE A 1 69  ? -7.363  6.805   -7.371  1.00 14.53 ? 69  ILE A O   1 
ATOM   532  C CB  . ILE A 1 69  ? -4.441  8.358   -7.373  1.00 14.54 ? 69  ILE A CB  1 
ATOM   533  C CG1 . ILE A 1 69  ? -3.313  8.760   -8.336  1.00 16.01 ? 69  ILE A CG1 1 
ATOM   534  C CG2 . ILE A 1 69  ? -4.174  6.981   -6.788  1.00 14.88 ? 69  ILE A CG2 1 
ATOM   535  C CD1 . ILE A 1 69  ? -1.992  9.035   -7.658  1.00 17.44 ? 69  ILE A CD1 1 
ATOM   536  N N   . SER A 1 70  ? -7.356  8.701   -6.285  1.00 16.14 ? 70  SER A N   1 
ATOM   537  C CA  . SER A 1 70  ? -8.436  8.324   -5.380  1.00 17.76 ? 70  SER A CA  1 
ATOM   538  C C   . SER A 1 70  ? -9.673  7.880   -6.158  1.00 15.79 ? 70  SER A C   1 
ATOM   539  O O   . SER A 1 70  ? -10.233 6.815   -5.902  1.00 16.83 ? 70  SER A O   1 
ATOM   540  C CB  . SER A 1 70  ? -8.787  9.487   -4.450  1.00 18.34 ? 70  SER A CB  1 
ATOM   541  O OG  . SER A 1 70  ? -9.879  9.156   -3.609  1.00 22.99 ? 70  SER A OG  1 
ATOM   542  N N   . GLU A 1 71  ? -10.091 8.710   -7.108  1.00 18.11 ? 71  GLU A N   1 
ATOM   543  C CA  . GLU A 1 71  ? -11.241 8.425   -7.932  1.00 18.39 ? 71  GLU A CA  1 
ATOM   544  C C   . GLU A 1 71  ? -11.065 7.160   -8.766  1.00 17.97 ? 71  GLU A C   1 
ATOM   545  O O   . GLU A 1 71  ? -11.961 6.429   -8.914  1.00 17.27 ? 71  GLU A O   1 
ATOM   546  C CB  . GLU A 1 71  ? -11.592 9.664   -8.776  1.00 21.75 ? 71  GLU A CB  1 
ATOM   547  C CG  . GLU A 1 71  ? -11.993 10.858  -7.893  1.00 28.86 ? 71  GLU A CG  1 
ATOM   548  C CD  . GLU A 1 71  ? -12.254 12.144  -8.636  1.00 35.99 ? 71  GLU A CD  1 
ATOM   549  O OE1 . GLU A 1 71  ? -12.231 12.161  -9.851  1.00 47.65 ? 71  GLU A OE1 1 
ATOM   550  O OE2 . GLU A 1 71  ? -12.490 13.166  -7.986  1.00 46.07 ? 71  GLU A OE2 1 
ATOM   551  N N   . LEU A 1 72  ? -9.858  6.936   -9.267  1.00 15.19 ? 72  LEU A N   1 
ATOM   552  C CA  . LEU A 1 72  ? -9.562  5.752   -10.056 1.00 15.39 ? 72  LEU A CA  1 
ATOM   553  C C   . LEU A 1 72  ? -9.872  4.486   -9.292  1.00 14.64 ? 72  LEU A C   1 
ATOM   554  O O   . LEU A 1 72  ? -10.417 3.600   -9.811  1.00 17.72 ? 72  LEU A O   1 
ATOM   555  C CB  . LEU A 1 72  ? -8.098  5.768   -10.481 1.00 15.08 ? 72  LEU A CB  1 
ATOM   556  C CG  . LEU A 1 72  ? -7.593  4.528   -11.182 1.00 15.86 ? 72  LEU A CG  1 
ATOM   557  C CD1 . LEU A 1 72  ? -8.306  4.336   -12.499 1.00 18.13 ? 72  LEU A CD1 1 
ATOM   558  C CD2 . LEU A 1 72  ? -6.086  4.584   -11.357 1.00 18.73 ? 72  LEU A CD2 1 
ATOM   559  N N   . PHE A 1 73  ? -9.491  4.449   -8.018  1.00 14.77 ? 73  PHE A N   1 
ATOM   560  C CA  . PHE A 1 73  ? -9.697  3.263   -7.188  1.00 15.24 ? 73  PHE A CA  1 
ATOM   561  C C   . PHE A 1 73  ? -11.019 3.313   -6.421  1.00 17.80 ? 73  PHE A C   1 
ATOM   562  O O   . PHE A 1 73  ? -11.347 2.397   -5.667  1.00 19.32 ? 73  PHE A O   1 
ATOM   563  C CB  . PHE A 1 73  ? -8.532  3.084   -6.212  1.00 14.55 ? 73  PHE A CB  1 
ATOM   564  C CG  . PHE A 1 73  ? -7.255  2.645   -6.868  1.00 15.52 ? 73  PHE A CG  1 
ATOM   565  C CD1 . PHE A 1 73  ? -7.031  1.310   -7.158  1.00 15.69 ? 73  PHE A CD1 1 
ATOM   566  C CD2 . PHE A 1 73  ? -6.276  3.569   -7.195  1.00 17.36 ? 73  PHE A CD2 1 
ATOM   567  C CE1 . PHE A 1 73  ? -5.857  0.903   -7.762  1.00 17.17 ? 73  PHE A CE1 1 
ATOM   568  C CE2 . PHE A 1 73  ? -5.099  3.170   -7.800  1.00 18.35 ? 73  PHE A CE2 1 
ATOM   569  C CZ  . PHE A 1 73  ? -4.889  1.834   -8.083  1.00 16.75 ? 73  PHE A CZ  1 
ATOM   570  N N   . GLU A 1 74  ? -11.768 4.390   -6.624  1.00 16.46 ? 74  GLU A N   1 
ATOM   571  C CA  . GLU A 1 74  ? -13.058 4.591   -5.970  1.00 20.04 ? 74  GLU A CA  1 
ATOM   572  C C   . GLU A 1 74  ? -12.944 4.557   -4.443  1.00 21.48 ? 74  GLU A C   1 
ATOM   573  O O   . GLU A 1 74  ? -13.674 3.927   -3.758  1.00 19.53 ? 74  GLU A O   1 
ATOM   574  C CB  . GLU A 1 74  ? -14.076 3.601   -6.547  1.00 27.20 ? 74  GLU A CB  1 
ATOM   575  C CG  . GLU A 1 74  ? -14.598 4.103   -7.901  1.00 30.72 ? 74  GLU A CG  1 
ATOM   576  C CD  . GLU A 1 74  ? -15.628 3.199   -8.589  1.00 39.68 ? 74  GLU A CD  1 
ATOM   577  O OE1 . GLU A 1 74  ? -16.249 3.685   -9.500  1.00 52.06 ? 74  GLU A OE1 1 
ATOM   578  O OE2 . GLU A 1 74  ? -15.801 2.038   -8.271  1.00 44.01 ? 74  GLU A OE2 1 
ATOM   579  N N   . ILE A 1 75  ? -11.946 5.266   -3.980  1.00 18.48 ? 75  ILE A N   1 
ATOM   580  C CA  . ILE A 1 75  ? -11.634 5.351   -2.582  1.00 17.52 ? 75  ILE A CA  1 
ATOM   581  C C   . ILE A 1 75  ? -12.854 5.937   -1.880  1.00 18.61 ? 75  ILE A C   1 
ATOM   582  O O   . ILE A 1 75  ? -13.233 6.981   -2.190  1.00 21.52 ? 75  ILE A O   1 
ATOM   583  C CB  . ILE A 1 75  ? -10.376 6.205   -2.351  1.00 17.78 ? 75  ILE A CB  1 
ATOM   584  C CG1 . ILE A 1 75  ? -9.121  5.501   -2.896  1.00 18.57 ? 75  ILE A CG1 1 
ATOM   585  C CG2 . ILE A 1 75  ? -10.177 6.450   -0.874  1.00 18.62 ? 75  ILE A CG2 1 
ATOM   586  C CD1 . ILE A 1 75  ? -8.911  4.094   -2.418  1.00 18.30 ? 75  ILE A CD1 1 
ATOM   587  N N   . SER A 1 76  ? -13.384 5.191   -0.932  1.00 19.46 ? 76  SER A N   1 
ATOM   588  C CA  . SER A 1 76  ? -14.575 5.538   -0.161  1.00 22.62 ? 76  SER A CA  1 
ATOM   589  C C   . SER A 1 76  ? -14.399 5.538   1.371   1.00 20.83 ? 76  SER A C   1 
ATOM   590  O O   . SER A 1 76  ? -15.368 5.630   2.076   1.00 19.98 ? 76  SER A O   1 
ATOM   591  C CB  . SER A 1 76  ? -15.704 4.608   -0.550  1.00 23.84 ? 76  SER A CB  1 
ATOM   592  O OG  . SER A 1 76  ? -15.508 3.292   -0.142  1.00 28.14 ? 76  SER A OG  1 
ATOM   593  N N   . ALA A 1 77  ? -13.163 5.426   1.844   1.00 16.22 ? 77  ALA A N   1 
ATOM   594  C CA  . ALA A 1 77  ? -12.910 5.403   3.279   1.00 15.46 ? 77  ALA A CA  1 
ATOM   595  C C   . ALA A 1 77  ? -11.422 5.329   3.604   1.00 15.60 ? 77  ALA A C   1 
ATOM   596  O O   . ALA A 1 77  ? -10.745 4.363   3.254   1.00 15.17 ? 77  ALA A O   1 
ATOM   597  C CB  . ALA A 1 77  ? -13.653 4.245   3.929   1.00 19.08 ? 77  ALA A CB  1 
ATOM   598  N N   . VAL A 1 78  ? -10.925 6.358   4.282   1.00 13.72 ? 78  VAL A N   1 
ATOM   599  C CA  . VAL A 1 78  ? -9.535  6.394   4.717   1.00 14.15 ? 78  VAL A CA  1 
ATOM   600  C C   . VAL A 1 78  ? -9.476  6.408   6.239   1.00 16.05 ? 78  VAL A C   1 
ATOM   601  O O   . VAL A 1 78  ? -10.407 6.870   6.899   1.00 15.33 ? 78  VAL A O   1 
ATOM   602  C CB  . VAL A 1 78  ? -8.802  7.631   4.168   1.00 15.66 ? 78  VAL A CB  1 
ATOM   603  C CG1 . VAL A 1 78  ? -8.574  7.492   2.671   1.00 16.52 ? 78  VAL A CG1 1 
ATOM   604  C CG2 . VAL A 1 78  ? -9.589  8.895   4.479   1.00 15.60 ? 78  VAL A CG2 1 
ATOM   605  N N   . PRO A 1 79  ? -8.381  5.910   6.802   1.00 13.88 ? 79  PRO A N   1 
ATOM   606  C CA  . PRO A 1 79  ? -7.276  5.370   6.008   1.00 14.49 ? 79  PRO A CA  1 
ATOM   607  C C   . PRO A 1 79  ? -7.697  4.132   5.228   1.00 14.85 ? 79  PRO A C   1 
ATOM   608  O O   . PRO A 1 79  ? -8.709  3.505   5.543   1.00 15.15 ? 79  PRO A O   1 
ATOM   609  C CB  . PRO A 1 79  ? -6.240  4.995   7.068   1.00 15.16 ? 79  PRO A CB  1 
ATOM   610  C CG  . PRO A 1 79  ? -6.507  5.933   8.195   1.00 17.32 ? 79  PRO A CG  1 
ATOM   611  C CD  . PRO A 1 79  ? -7.995  6.145   8.205   1.00 15.24 ? 79  PRO A CD  1 
ATOM   612  N N   . TYR A 1 80  ? -6.913  3.792   4.214   1.00 14.60 ? 80  TYR A N   1 
ATOM   613  C CA  . TYR A 1 80  ? -7.182  2.635   3.371   1.00 14.50 ? 80  TYR A CA  1 
ATOM   614  C C   . TYR A 1 80  ? -5.924  2.085   2.709   1.00 13.66 ? 80  TYR A C   1 
ATOM   615  O O   . TYR A 1 80  ? -4.991  2.828   2.402   1.00 15.53 ? 80  TYR A O   1 
ATOM   616  C CB  . TYR A 1 80  ? -8.224  2.982   2.305   1.00 15.05 ? 80  TYR A CB  1 
ATOM   617  C CG  . TYR A 1 80  ? -9.014  1.792   1.809   1.00 15.82 ? 80  TYR A CG  1 
ATOM   618  C CD1 . TYR A 1 80  ? -10.118 1.327   2.510   1.00 15.09 ? 80  TYR A CD1 1 
ATOM   619  C CD2 . TYR A 1 80  ? -8.654  1.132   0.641   1.00 17.27 ? 80  TYR A CD2 1 
ATOM   620  C CE1 . TYR A 1 80  ? -10.844 0.239   2.060   1.00 17.44 ? 80  TYR A CE1 1 
ATOM   621  C CE2 . TYR A 1 80  ? -9.373  0.045   0.184   1.00 17.47 ? 80  TYR A CE2 1 
ATOM   622  C CZ  . TYR A 1 80  ? -10.466 -0.398  0.897   1.00 18.58 ? 80  TYR A CZ  1 
ATOM   623  O OH  . TYR A 1 80  ? -11.185 -1.481  0.446   1.00 21.34 ? 80  TYR A OH  1 
ATOM   624  N N   . PHE A 1 81  ? -5.914  0.775   2.491   1.00 12.59 ? 81  PHE A N   1 
ATOM   625  C CA  . PHE A 1 81  ? -4.803  0.102   1.826   1.00 13.93 ? 81  PHE A CA  1 
ATOM   626  C C   . PHE A 1 81  ? -5.315  -0.732  0.670   1.00 13.24 ? 81  PHE A C   1 
ATOM   627  O O   . PHE A 1 81  ? -6.269  -1.377  0.773   1.00 14.40 ? 81  PHE A O   1 
ATOM   628  C CB  . PHE A 1 81  ? -4.064  -0.873  2.779   1.00 13.97 ? 81  PHE A CB  1 
ATOM   629  C CG  . PHE A 1 81  ? -3.364  -0.216  3.910   1.00 15.25 ? 81  PHE A CG  1 
ATOM   630  C CD1 . PHE A 1 81  ? -4.030  0.005   5.085   1.00 15.47 ? 81  PHE A CD1 1 
ATOM   631  C CD2 . PHE A 1 81  ? -2.068  0.168   3.811   1.00 16.15 ? 81  PHE A CD2 1 
ATOM   632  C CE1 . PHE A 1 81  ? -3.403  0.595   6.133   1.00 18.85 ? 81  PHE A CE1 1 
ATOM   633  C CE2 . PHE A 1 81  ? -1.435  0.737   4.862   1.00 18.47 ? 81  PHE A CE2 1 
ATOM   634  C CZ  . PHE A 1 81  ? -2.096  0.958   6.021   1.00 19.10 ? 81  PHE A CZ  1 
ATOM   635  N N   . ILE A 1 82  ? -4.550  -0.697  -0.402  1.00 13.62 ? 82  ILE A N   1 
ATOM   636  C CA  . ILE A 1 82  ? -4.771  -1.518  -1.579  1.00 14.53 ? 82  ILE A CA  1 
ATOM   637  C C   . ILE A 1 82  ? -3.432  -2.174  -1.957  1.00 14.01 ? 82  ILE A C   1 
ATOM   638  O O   . ILE A 1 82  ? -2.476  -1.534  -2.113  1.00 15.00 ? 82  ILE A O   1 
ATOM   639  C CB  . ILE A 1 82  ? -5.332  -0.716  -2.792  1.00 15.03 ? 82  ILE A CB  1 
ATOM   640  C CG1 . ILE A 1 82  ? -6.658  -0.041  -2.422  1.00 15.59 ? 82  ILE A CG1 1 
ATOM   641  C CG2 . ILE A 1 82  ? -5.495  -1.608  -4.002  1.00 16.68 ? 82  ILE A CG2 1 
ATOM   642  C CD1 . ILE A 1 82  ? -7.348  0.635   -3.587  1.00 16.20 ? 82  ILE A CD1 1 
ATOM   643  N N   . ILE A 1 83  ? -3.424  -3.486  -2.014  1.00 14.03 ? 83  ILE A N   1 
ATOM   644  C CA  . ILE A 1 83  ? -2.234  -4.211  -2.394  1.00 15.69 ? 83  ILE A CA  1 
ATOM   645  C C   . ILE A 1 83  ? -2.395  -4.724  -3.793  1.00 15.85 ? 83  ILE A C   1 
ATOM   646  O O   . ILE A 1 83  ? -3.302  -5.398  -4.081  1.00 15.55 ? 83  ILE A O   1 
ATOM   647  C CB  . ILE A 1 83  ? -1.906  -5.361  -1.428  1.00 16.30 ? 83  ILE A CB  1 
ATOM   648  C CG1 . ILE A 1 83  ? -1.818  -4.777  -0.003  1.00 18.43 ? 83  ILE A CG1 1 
ATOM   649  C CG2 . ILE A 1 83  ? -0.614  -6.011  -1.880  1.00 17.55 ? 83  ILE A CG2 1 
ATOM   650  C CD1 . ILE A 1 83  ? -1.343  -5.713  1.078   1.00 25.60 ? 83  ILE A CD1 1 
ATOM   651  N N   . ILE A 1 84  ? -1.446  -4.333  -4.618  1.00 16.38 ? 84  ILE A N   1 
ATOM   652  C CA  . ILE A 1 84  ? -1.395  -4.670  -6.016  1.00 17.33 ? 84  ILE A CA  1 
ATOM   653  C C   . ILE A 1 84  ? -0.213  -5.551  -6.359  1.00 16.61 ? 84  ILE A C   1 
ATOM   654  O O   . ILE A 1 84  ? 0.779   -5.518  -5.746  1.00 16.31 ? 84  ILE A O   1 
ATOM   655  C CB  . ILE A 1 84  ? -1.341  -3.359  -6.821  1.00 19.46 ? 84  ILE A CB  1 
ATOM   656  C CG1 . ILE A 1 84  ? -2.745  -2.864  -6.881  1.00 22.90 ? 84  ILE A CG1 1 
ATOM   657  C CG2 . ILE A 1 84  ? -0.815  -3.521  -8.231  1.00 24.31 ? 84  ILE A CG2 1 
ATOM   658  C CD1 . ILE A 1 84  ? -2.847  -1.422  -7.007  1.00 27.55 ? 84  ILE A CD1 1 
ATOM   659  N N   . HIS A 1 85  ? -0.403  -6.282  -7.431  1.00 16.60 ? 85  HIS A N   1 
ATOM   660  C CA  . HIS A 1 85  ? 0.638   -7.132  -7.982  1.00 15.79 ? 85  HIS A CA  1 
ATOM   661  C C   . HIS A 1 85  ? 0.425   -7.263  -9.492  1.00 15.54 ? 85  HIS A C   1 
ATOM   662  O O   . HIS A 1 85  ? -0.625  -7.581  -9.929  1.00 17.26 ? 85  HIS A O   1 
ATOM   663  C CB  . HIS A 1 85  ? 0.679   -8.509  -7.299  1.00 18.18 ? 85  HIS A CB  1 
ATOM   664  C CG  . HIS A 1 85  ? 1.770   -9.388  -7.789  1.00 18.99 ? 85  HIS A CG  1 
ATOM   665  N ND1 . HIS A 1 85  ? 1.531   -10.507 -8.535  1.00 24.61 ? 85  HIS A ND1 1 
ATOM   666  C CD2 . HIS A 1 85  ? 3.103   -9.284  -7.693  1.00 18.34 ? 85  HIS A CD2 1 
ATOM   667  C CE1 . HIS A 1 85  ? 2.667   -11.077 -8.831  1.00 19.88 ? 85  HIS A CE1 1 
ATOM   668  N NE2 . HIS A 1 85  ? 3.638   -10.370 -8.328  1.00 22.81 ? 85  HIS A NE2 1 
ATOM   669  N N   . LYS A 1 86  ? 1.458   -6.997  -10.254 1.00 16.92 ? 86  LYS A N   1 
ATOM   670  C CA  . LYS A 1 86  ? 1.356   -7.101  -11.699 1.00 16.86 ? 86  LYS A CA  1 
ATOM   671  C C   . LYS A 1 86  ? 0.138   -6.447  -12.292 1.00 22.08 ? 86  LYS A C   1 
ATOM   672  O O   . LYS A 1 86  ? -0.539  -6.985  -13.090 1.00 22.21 ? 86  LYS A O   1 
ATOM   673  C CB  . LYS A 1 86  ? 1.392   -8.561  -12.097 1.00 18.91 ? 86  LYS A CB  1 
ATOM   674  C CG  . LYS A 1 86  ? 2.740   -9.115  -12.092 1.00 23.62 ? 86  LYS A CG  1 
ATOM   675  C CD  . LYS A 1 86  ? 2.638   -10.534 -12.627 1.00 29.41 ? 86  LYS A CD  1 
ATOM   676  C CE  . LYS A 1 86  ? 3.952   -11.253 -12.540 1.00 39.51 ? 86  LYS A CE  1 
ATOM   677  N NZ  . LYS A 1 86  ? 5.107   -10.386 -12.869 1.00 44.61 ? 86  LYS A NZ  1 
ATOM   678  N N   . GLY A 1 87  ? -0.096  -5.239  -11.879 1.00 17.76 ? 87  GLY A N   1 
ATOM   679  C CA  . GLY A 1 87  ? -1.186  -4.466  -12.392 1.00 24.69 ? 87  GLY A CA  1 
ATOM   680  C C   . GLY A 1 87  ? -2.603  -4.815  -12.001 1.00 27.65 ? 87  GLY A C   1 
ATOM   681  O O   . GLY A 1 87  ? -3.511  -4.334  -12.605 1.00 30.94 ? 87  GLY A O   1 
ATOM   682  N N   . THR A 1 88  ? -2.781  -5.657  -11.020 1.00 21.63 ? 88  THR A N   1 
ATOM   683  C CA  . THR A 1 88  ? -4.089  -6.008  -10.554 1.00 25.06 ? 88  THR A CA  1 
ATOM   684  C C   . THR A 1 88  ? -4.140  -5.938  -9.013  1.00 21.58 ? 88  THR A C   1 
ATOM   685  O O   . THR A 1 88  ? -3.180  -6.152  -8.335  1.00 19.41 ? 88  THR A O   1 
ATOM   686  C CB  . THR A 1 88  ? -4.515  -7.413  -10.998 1.00 26.44 ? 88  THR A CB  1 
ATOM   687  O OG1 . THR A 1 88  ? -3.902  -8.377  -10.179 1.00 36.86 ? 88  THR A OG1 1 
ATOM   688  C CG2 . THR A 1 88  ? -4.114  -7.694  -12.392 1.00 26.25 ? 88  THR A CG2 1 
ATOM   689  N N   . ILE A 1 89  ? -5.315  -5.622  -8.517  1.00 20.33 ? 89  ILE A N   1 
ATOM   690  C CA  . ILE A 1 89  ? -5.518  -5.568  -7.110  1.00 18.94 ? 89  ILE A CA  1 
ATOM   691  C C   . ILE A 1 89  ? -5.674  -6.982  -6.548  1.00 21.58 ? 89  ILE A C   1 
ATOM   692  O O   . ILE A 1 89  ? -6.460  -7.756  -7.055  1.00 23.90 ? 89  ILE A O   1 
ATOM   693  C CB  . ILE A 1 89  ? -6.778  -4.768  -6.791  1.00 17.63 ? 89  ILE A CB  1 
ATOM   694  C CG1 . ILE A 1 89  ? -6.631  -3.297  -7.193  1.00 19.18 ? 89  ILE A CG1 1 
ATOM   695  C CG2 . ILE A 1 89  ? -7.106  -4.848  -5.324  1.00 17.80 ? 89  ILE A CG2 1 
ATOM   696  C CD1 . ILE A 1 89  ? -7.915  -2.546  -7.162  1.00 17.62 ? 89  ILE A CD1 1 
ATOM   697  N N   . LEU A 1 90  ? -4.918  -7.296  -5.510  1.00 18.64 ? 90  LEU A N   1 
ATOM   698  C CA  . LEU A 1 90  ? -5.016  -8.568  -4.822  1.00 19.38 ? 90  LEU A CA  1 
ATOM   699  C C   . LEU A 1 90  ? -5.949  -8.465  -3.663  1.00 21.13 ? 90  LEU A C   1 
ATOM   700  O O   . LEU A 1 90  ? -6.823  -9.224  -3.554  1.00 24.87 ? 90  LEU A O   1 
ATOM   701  C CB  . LEU A 1 90  ? -3.696  -9.028  -4.276  1.00 22.60 ? 90  LEU A CB  1 
ATOM   702  C CG  . LEU A 1 90  ? -2.590  -9.426  -5.197  1.00 24.44 ? 90  LEU A CG  1 
ATOM   703  C CD1 . LEU A 1 90  ? -1.387  -9.840  -4.342  1.00 24.38 ? 90  LEU A CD1 1 
ATOM   704  C CD2 . LEU A 1 90  ? -3.066  -10.510 -6.137  1.00 32.27 ? 90  LEU A CD2 1 
ATOM   705  N N   . LYS A 1 91  ? -5.729  -7.506  -2.779  1.00 21.15 ? 91  LYS A N   1 
ATOM   706  C CA  . LYS A 1 91  ? -6.562  -7.327  -1.615  1.00 22.79 ? 91  LYS A CA  1 
ATOM   707  C C   . LYS A 1 91  ? -6.669  -5.861  -1.227  1.00 20.58 ? 91  LYS A C   1 
ATOM   708  O O   . LYS A 1 91  ? -5.815  -5.097  -1.532  1.00 16.97 ? 91  LYS A O   1 
ATOM   709  C CB  . LYS A 1 91  ? -5.967  -8.023  -0.394  1.00 26.66 ? 91  LYS A CB  1 
ATOM   710  C CG  . LYS A 1 91  ? -6.065  -9.515  -0.296  1.00 36.85 ? 91  LYS A CG  1 
ATOM   711  C CD  . LYS A 1 91  ? -7.372  -10.097 0.249   1.00 41.00 ? 91  LYS A CD  1 
ATOM   712  C CE  . LYS A 1 91  ? -7.607  -9.946  1.759   1.00 50.21 ? 91  LYS A CE  1 
ATOM   713  N NZ  . LYS A 1 91  ? -8.746  -10.736 2.358   1.00 54.10 ? 91  LYS A NZ  1 
ATOM   714  N N   . GLU A 1 92  ? -7.739  -5.541  -0.510  1.00 19.48 ? 92  GLU A N   1 
ATOM   715  C CA  . GLU A 1 92  ? -7.988  -4.212  0.026   1.00 18.25 ? 92  GLU A CA  1 
ATOM   716  C C   . GLU A 1 92  ? -8.264  -4.304  1.520   1.00 19.53 ? 92  GLU A C   1 
ATOM   717  O O   . GLU A 1 92  ? -8.688  -5.291  1.969   1.00 22.68 ? 92  GLU A O   1 
ATOM   718  C CB  . GLU A 1 92  ? -9.158  -3.484  -0.682  1.00 19.22 ? 92  GLU A CB  1 
ATOM   719  C CG  . GLU A 1 92  ? -9.055  -3.431  -2.191  1.00 21.10 ? 92  GLU A CG  1 
ATOM   720  C CD  . GLU A 1 92  ? -9.966  -2.457  -2.906  1.00 20.55 ? 92  GLU A CD  1 
ATOM   721  O OE1 . GLU A 1 92  ? -10.660 -1.687  -2.340  1.00 22.90 ? 92  GLU A OE1 1 
ATOM   722  O OE2 . GLU A 1 92  ? -9.925  -2.438  -4.104  1.00 28.62 ? 92  GLU A OE2 1 
ATOM   723  N N   . LEU A 1 93  ? -7.973  -3.250  2.255   1.00 17.70 ? 93  LEU A N   1 
ATOM   724  C CA  . LEU A 1 93  ? -8.216  -3.200  3.695   1.00 17.34 ? 93  LEU A CA  1 
ATOM   725  C C   . LEU A 1 93  ? -8.587  -1.809  4.120   1.00 16.80 ? 93  LEU A C   1 
ATOM   726  O O   . LEU A 1 93  ? -7.905  -0.891  3.853   1.00 17.13 ? 93  LEU A O   1 
ATOM   727  C CB  . LEU A 1 93  ? -6.992  -3.625  4.494   1.00 21.65 ? 93  LEU A CB  1 
ATOM   728  C CG  . LEU A 1 93  ? -6.985  -3.475  6.027   1.00 20.81 ? 93  LEU A CG  1 
ATOM   729  C CD1 . LEU A 1 93  ? -7.993  -4.416  6.655   1.00 22.70 ? 93  LEU A CD1 1 
ATOM   730  C CD2 . LEU A 1 93  ? -5.592  -3.747  6.593   1.00 23.27 ? 93  LEU A CD2 1 
ATOM   731  N N   . SER A 1 94  ? -9.708  -1.688  4.817   1.00 17.16 ? 94  SER A N   1 
ATOM   732  C CA  . SER A 1 94  ? -10.131 -0.446  5.372   1.00 16.15 ? 94  SER A CA  1 
ATOM   733  C C   . SER A 1 94  ? -9.534  -0.300  6.784   1.00 16.51 ? 94  SER A C   1 
ATOM   734  O O   . SER A 1 94  ? -9.511  -1.210  7.537   1.00 20.10 ? 94  SER A O   1 
ATOM   735  C CB  . SER A 1 94  ? -11.677 -0.419  5.429   1.00 19.30 ? 94  SER A CB  1 
ATOM   736  O OG  . SER A 1 94  ? -12.153 0.813   5.839   1.00 20.45 ? 94  SER A OG  1 
ATOM   737  N N   . GLY A 1 95  ? -9.033  0.864   7.103   1.00 16.04 ? 95  GLY A N   1 
ATOM   738  C CA  . GLY A 1 95  ? -8.502  1.138   8.406   1.00 17.10 ? 95  GLY A CA  1 
ATOM   739  C C   . GLY A 1 95  ? -7.018  0.924   8.562   1.00 16.93 ? 95  GLY A C   1 
ATOM   740  O O   . GLY A 1 95  ? -6.410  0.565   7.645   1.00 21.97 ? 95  GLY A O   1 
ATOM   741  N N   . ALA A 1 96  ? -6.486  1.179   9.741   1.00 17.46 ? 96  ALA A N   1 
ATOM   742  C CA  . ALA A 1 96  ? -5.078  1.039   9.988   1.00 17.76 ? 96  ALA A CA  1 
ATOM   743  C C   . ALA A 1 96  ? -4.766  0.203   11.238  1.00 18.97 ? 96  ALA A C   1 
ATOM   744  O O   . ALA A 1 96  ? -4.055  0.613   12.079  1.00 20.57 ? 96  ALA A O   1 
ATOM   745  C CB  . ALA A 1 96  ? -4.448  2.412   10.104  1.00 20.18 ? 96  ALA A CB  1 
ATOM   746  N N   . ASP A 1 97  ? -5.346  -0.972  11.313  1.00 18.03 ? 97  ASP A N   1 
ATOM   747  C CA  . ASP A 1 97  ? -5.057  -1.900  12.359  1.00 20.18 ? 97  ASP A CA  1 
ATOM   748  C C   . ASP A 1 97  ? -3.785  -2.616  11.903  1.00 18.23 ? 97  ASP A C   1 
ATOM   749  O O   . ASP A 1 97  ? -3.759  -3.282  10.916  1.00 18.87 ? 97  ASP A O   1 
ATOM   750  C CB  . ASP A 1 97  ? -6.141  -2.914  12.519  1.00 22.18 ? 97  ASP A CB  1 
ATOM   751  C CG  . ASP A 1 97  ? -5.846  -3.849  13.644  1.00 25.80 ? 97  ASP A CG  1 
ATOM   752  O OD1 . ASP A 1 97  ? -4.815  -4.430  13.670  1.00 23.37 ? 97  ASP A OD1 1 
ATOM   753  O OD2 . ASP A 1 97  ? -6.662  -3.973  14.502  1.00 35.34 ? 97  ASP A OD2 1 
ATOM   754  N N   . PRO A 1 98  ? -2.713  -2.423  12.664  1.00 16.95 ? 98  PRO A N   1 
ATOM   755  C CA  . PRO A 1 98  ? -1.407  -2.993  12.318  1.00 19.53 ? 98  PRO A CA  1 
ATOM   756  C C   . PRO A 1 98  ? -1.468  -4.504  12.123  1.00 18.98 ? 98  PRO A C   1 
ATOM   757  O O   . PRO A 1 98  ? -0.898  -5.029  11.167  1.00 18.69 ? 98  PRO A O   1 
ATOM   758  C CB  . PRO A 1 98  ? -0.548  -2.656  13.539  1.00 22.03 ? 98  PRO A CB  1 
ATOM   759  C CG  . PRO A 1 98  ? -1.166  -1.419  14.094  1.00 24.03 ? 98  PRO A CG  1 
ATOM   760  C CD  . PRO A 1 98  ? -2.643  -1.554  13.852  1.00 21.99 ? 98  PRO A CD  1 
ATOM   761  N N   . LYS A 1 99  ? -2.151  -5.197  13.029  1.00 18.77 ? 99  LYS A N   1 
ATOM   762  C CA  . LYS A 1 99  ? -2.264  -6.649  12.956  1.00 19.18 ? 99  LYS A CA  1 
ATOM   763  C C   . LYS A 1 99  ? -2.970  -7.092  11.679  1.00 18.15 ? 99  LYS A C   1 
ATOM   764  O O   . LYS A 1 99  ? -2.546  -8.043  11.021  1.00 19.08 ? 99  LYS A O   1 
ATOM   765  C CB  . LYS A 1 99  ? -3.004  -7.190  14.181  1.00 28.94 ? 99  LYS A CB  1 
ATOM   766  C CG  . LYS A 1 99  ? -2.799  -8.677  14.424  1.00 34.46 ? 99  LYS A CG  1 
ATOM   767  C CD  . LYS A 1 99  ? -3.848  -9.504  13.699  1.00 39.24 ? 99  LYS A CD  1 
ATOM   768  C CE  . LYS A 1 99  ? -5.254  -9.100  14.113  1.00 47.33 ? 99  LYS A CE  1 
ATOM   769  N NZ  . LYS A 1 99  ? -6.285  -9.658  13.196  1.00 49.44 ? 99  LYS A NZ  1 
ATOM   770  N N   . GLU A 1 100 ? -4.048  -6.397  11.335  1.00 17.87 ? 100 GLU A N   1 
ATOM   771  C CA  . GLU A 1 100 ? -4.818  -6.715  10.157  1.00 17.30 ? 100 GLU A CA  1 
ATOM   772  C C   . GLU A 1 100 ? -3.981  -6.450  8.902   1.00 18.17 ? 100 GLU A C   1 
ATOM   773  O O   . GLU A 1 100 ? -4.030  -7.209  7.991   1.00 16.79 ? 100 GLU A O   1 
ATOM   774  C CB  . GLU A 1 100 ? -6.095  -5.896  10.082  1.00 21.56 ? 100 GLU A CB  1 
ATOM   775  C CG  . GLU A 1 100 ? -7.048  -6.164  11.224  1.00 27.20 ? 100 GLU A CG  1 
ATOM   776  C CD  . GLU A 1 100 ? -8.392  -5.548  11.004  1.00 32.35 ? 100 GLU A CD  1 
ATOM   777  O OE1 . GLU A 1 100 ? -8.557  -4.623  10.230  1.00 27.96 ? 100 GLU A OE1 1 
ATOM   778  O OE2 . GLU A 1 100 ? -9.314  -6.029  11.633  1.00 41.84 ? 100 GLU A OE2 1 
ATOM   779  N N   . PHE A 1 101 ? -3.212  -5.375  8.928   1.00 15.25 ? 101 PHE A N   1 
ATOM   780  C CA  . PHE A 1 101 ? -2.356  -5.078  7.801   1.00 15.74 ? 101 PHE A CA  1 
ATOM   781  C C   . PHE A 1 101 ? -1.264  -6.134  7.584   1.00 16.53 ? 101 PHE A C   1 
ATOM   782  O O   . PHE A 1 101 ? -1.058  -6.584  6.496   1.00 16.35 ? 101 PHE A O   1 
ATOM   783  C CB  . PHE A 1 101 ? -1.717  -3.708  7.900   1.00 15.30 ? 101 PHE A CB  1 
ATOM   784  C CG  . PHE A 1 101 ? -0.795  -3.426  6.739   1.00 15.28 ? 101 PHE A CG  1 
ATOM   785  C CD1 . PHE A 1 101 ? -1.297  -3.090  5.519   1.00 14.75 ? 101 PHE A CD1 1 
ATOM   786  C CD2 . PHE A 1 101 ? 0.543   -3.611  6.858   1.00 17.51 ? 101 PHE A CD2 1 
ATOM   787  C CE1 . PHE A 1 101 ? -0.466  -2.927  4.448   1.00 15.67 ? 101 PHE A CE1 1 
ATOM   788  C CE2 . PHE A 1 101 ? 1.372   -3.463  5.810   1.00 17.02 ? 101 PHE A CE2 1 
ATOM   789  C CZ  . PHE A 1 101 ? 0.877   -3.113  4.599   1.00 17.31 ? 101 PHE A CZ  1 
ATOM   790  N N   . VAL A 1 102 ? -0.577  -6.506  8.637   1.00 15.46 ? 102 VAL A N   1 
ATOM   791  C CA  . VAL A 1 102 ? 0.444   -7.498  8.523   1.00 15.51 ? 102 VAL A CA  1 
ATOM   792  C C   . VAL A 1 102 ? -0.162  -8.825  8.027   1.00 16.39 ? 102 VAL A C   1 
ATOM   793  O O   . VAL A 1 102 ? 0.450   -9.496  7.256   1.00 15.88 ? 102 VAL A O   1 
ATOM   794  C CB  . VAL A 1 102 ? 1.215   -7.629  9.849   1.00 18.39 ? 102 VAL A CB  1 
ATOM   795  C CG1 . VAL A 1 102 ? 2.058   -8.875  9.862   1.00 23.40 ? 102 VAL A CG1 1 
ATOM   796  C CG2 . VAL A 1 102 ? 2.083   -6.404  10.038  1.00 19.03 ? 102 VAL A CG2 1 
ATOM   797  N N   . SER A 1 103 ? -1.352  -9.167  8.489   1.00 16.77 ? 103 SER A N   1 
ATOM   798  C CA  . SER A 1 103 ? -2.006  -10.374 8.012   1.00 18.35 ? 103 SER A CA  1 
ATOM   799  C C   . SER A 1 103 ? -2.274  -10.321 6.539   1.00 19.32 ? 103 SER A C   1 
ATOM   800  O O   . SER A 1 103 ? -2.095  -11.263 5.879   1.00 20.11 ? 103 SER A O   1 
ATOM   801  C CB  . SER A 1 103 ? -3.329  -10.628 8.686   1.00 24.86 ? 103 SER A CB  1 
ATOM   802  O OG  . SER A 1 103 ? -3.172  -11.101 9.943   1.00 31.80 ? 103 SER A OG  1 
ATOM   803  N N   . LEU A 1 104 ? -2.759  -9.192  6.082   1.00 18.49 ? 104 LEU A N   1 
ATOM   804  C CA  . LEU A 1 104 ? -3.110  -9.011  4.682   1.00 19.52 ? 104 LEU A CA  1 
ATOM   805  C C   . LEU A 1 104 ? -1.865  -9.043  3.812   1.00 18.95 ? 104 LEU A C   1 
ATOM   806  O O   . LEU A 1 104 ? -1.890  -9.560  2.695   1.00 17.86 ? 104 LEU A O   1 
ATOM   807  C CB  . LEU A 1 104 ? -3.858  -7.691  4.483   1.00 21.04 ? 104 LEU A CB  1 
ATOM   808  C CG  . LEU A 1 104 ? -4.368  -7.407  3.069   1.00 32.39 ? 104 LEU A CG  1 
ATOM   809  C CD1 . LEU A 1 104 ? -5.875  -7.591  2.994   1.00 33.25 ? 104 LEU A CD1 1 
ATOM   810  C CD2 . LEU A 1 104 ? -3.973  -6.005  2.626   1.00 39.99 ? 104 LEU A CD2 1 
ATOM   811  N N   . LEU A 1 105 ? -0.772  -8.490  4.328   1.00 15.52 ? 105 LEU A N   1 
ATOM   812  C CA  . LEU A 1 105 ? 0.445   -8.492  3.605   1.00 16.20 ? 105 LEU A CA  1 
ATOM   813  C C   . LEU A 1 105 ? 0.988   -9.921  3.480   1.00 16.91 ? 105 LEU A C   1 
ATOM   814  O O   . LEU A 1 105 ? 1.394   -10.318 2.441   1.00 15.86 ? 105 LEU A O   1 
ATOM   815  C CB  . LEU A 1 105 ? 1.444   -7.512  4.217   1.00 19.03 ? 105 LEU A CB  1 
ATOM   816  C CG  . LEU A 1 105 ? 2.737   -7.312  3.455   1.00 19.36 ? 105 LEU A CG  1 
ATOM   817  C CD1 . LEU A 1 105 ? 2.544   -6.892  2.014   1.00 21.27 ? 105 LEU A CD1 1 
ATOM   818  C CD2 . LEU A 1 105 ? 3.680   -6.358  4.170   1.00 19.50 ? 105 LEU A CD2 1 
ATOM   819  N N   . GLU A 1 106 ? 0.936   -10.668 4.567   1.00 17.44 ? 106 GLU A N   1 
ATOM   820  C CA  . GLU A 1 106 ? 1.405   -12.050 4.558   1.00 18.57 ? 106 GLU A CA  1 
ATOM   821  C C   . GLU A 1 106 ? 0.565   -12.912 3.654   1.00 17.59 ? 106 GLU A C   1 
ATOM   822  O O   . GLU A 1 106 ? 1.095   -13.735 2.848   1.00 17.69 ? 106 GLU A O   1 
ATOM   823  C CB  . GLU A 1 106 ? 1.450   -12.566 6.010   1.00 22.88 ? 106 GLU A CB  1 
ATOM   824  C CG  . GLU A 1 106 ? 2.593   -11.895 6.786   1.00 28.56 ? 106 GLU A CG  1 
ATOM   825  C CD  . GLU A 1 106 ? 4.029   -12.032 6.154   1.00 33.66 ? 106 GLU A CD  1 
ATOM   826  O OE1 . GLU A 1 106 ? 4.709   -10.972 5.839   1.00 30.73 ? 106 GLU A OE1 1 
ATOM   827  O OE2 . GLU A 1 106 ? 4.464   -13.216 5.910   1.00 31.85 ? 106 GLU A OE2 1 
ATOM   828  N N   . ASP A 1 107 ? -0.719  -12.717 3.669   1.00 17.96 ? 107 ASP A N   1 
ATOM   829  C CA  . ASP A 1 107 ? -1.594  -13.413 2.730   1.00 18.32 ? 107 ASP A CA  1 
ATOM   830  C C   . ASP A 1 107 ? -1.227  -13.141 1.249   1.00 17.87 ? 107 ASP A C   1 
ATOM   831  O O   . ASP A 1 107 ? -1.246  -14.002 0.412   1.00 18.60 ? 107 ASP A O   1 
ATOM   832  C CB  . ASP A 1 107 ? -3.065  -13.055 2.951   1.00 20.01 ? 107 ASP A CB  1 
ATOM   833  C CG  . ASP A 1 107 ? -3.663  -13.651 4.223   1.00 27.47 ? 107 ASP A CG  1 
ATOM   834  O OD1 . ASP A 1 107 ? -3.075  -14.496 4.863   1.00 28.90 ? 107 ASP A OD1 1 
ATOM   835  O OD2 . ASP A 1 107 ? -4.741  -13.202 4.548   1.00 30.21 ? 107 ASP A OD2 1 
ATOM   836  N N   . CYS A 1 108 ? -0.909  -11.905 0.957   1.00 16.89 ? 108 CYS A N   1 
ATOM   837  C CA  . CYS A 1 108 ? -0.540  -11.519 -0.396  1.00 16.30 ? 108 CYS A CA  1 
ATOM   838  C C   . CYS A 1 108 ? 0.746   -12.128 -0.787  1.00 15.80 ? 108 CYS A C   1 
ATOM   839  O O   . CYS A 1 108 ? 0.871   -12.525 -1.951  1.00 17.36 ? 108 CYS A O   1 
ATOM   840  C CB  . CYS A 1 108 ? -0.552  -9.997  -0.531  1.00 17.58 ? 108 CYS A CB  1 
ATOM   841  S SG  . CYS A 1 108 ? -2.187  -9.252  -0.510  1.00 18.25 ? 108 CYS A SG  1 
ATOM   842  N N   . LYS A 1 109 ? 1.724   -12.208 0.085   1.00 14.92 ? 109 LYS A N   1 
ATOM   843  C CA  . LYS A 1 109 ? 2.984   -12.843 -0.235  1.00 15.42 ? 109 LYS A CA  1 
ATOM   844  C C   . LYS A 1 109 ? 2.751   -14.339 -0.594  1.00 17.17 ? 109 LYS A C   1 
ATOM   845  O O   . LYS A 1 109 ? 3.331   -14.858 -1.483  1.00 19.10 ? 109 LYS A O   1 
ATOM   846  C CB  . LYS A 1 109 ? 3.955   -12.743 0.930   1.00 17.90 ? 109 LYS A CB  1 
ATOM   847  C CG  . LYS A 1 109 ? 4.521   -11.354 1.205   1.00 18.94 ? 109 LYS A CG  1 
ATOM   848  C CD  . LYS A 1 109 ? 5.471   -11.390 2.363   1.00 21.58 ? 109 LYS A CD  1 
ATOM   849  C CE  . LYS A 1 109 ? 5.998   -10.007 2.653   1.00 20.99 ? 109 LYS A CE  1 
ATOM   850  N NZ  . LYS A 1 109 ? 6.768   -10.015 3.918   1.00 22.73 ? 109 LYS A NZ  1 
ATOM   851  N N   . ASN A 1 110 ? 1.882   -14.980 0.147   1.00 17.28 ? 110 ASN A N   1 
ATOM   852  C CA  . ASN A 1 110 ? 1.575   -16.364 -0.113  1.00 16.83 ? 110 ASN A CA  1 
ATOM   853  C C   . ASN A 1 110 ? 0.873   -16.496 -1.441  1.00 19.54 ? 110 ASN A C   1 
ATOM   854  O O   . ASN A 1 110 ? 1.151   -17.416 -2.179  1.00 20.23 ? 110 ASN A O   1 
ATOM   855  C CB  . ASN A 1 110 ? 0.750   -16.953 1.009   1.00 16.71 ? 110 ASN A CB  1 
ATOM   856  C CG  . ASN A 1 110 ? 1.549   -17.213 2.249   1.00 20.92 ? 110 ASN A CG  1 
ATOM   857  O OD1 . ASN A 1 110 ? 2.759   -17.367 2.222   1.00 28.99 ? 110 ASN A OD1 1 
ATOM   858  N ND2 . ASN A 1 110 ? 0.860   -17.277 3.344   1.00 26.03 ? 110 ASN A ND2 1 
ATOM   859  N N   . SER A 1 111 ? -0.020  -15.578 -1.745  1.00 18.06 ? 111 SER A N   1 
ATOM   860  C CA  . SER A 1 111 ? -0.778  -15.630 -2.979  1.00 19.73 ? 111 SER A CA  1 
ATOM   861  C C   . SER A 1 111 ? 0.072   -15.587 -4.225  1.00 21.61 ? 111 SER A C   1 
ATOM   862  O O   . SER A 1 111 ? -0.258  -16.236 -5.197  1.00 22.05 ? 111 SER A O   1 
ATOM   863  C CB  . SER A 1 111 ? -1.797  -14.471 -3.054  1.00 24.18 ? 111 SER A CB  1 
ATOM   864  O OG  . SER A 1 111 ? -2.880  -14.725 -2.204  1.00 36.08 ? 111 SER A OG  1 
ATOM   865  N N   . VAL A 1 112 ? 1.131   -14.798 -4.180  1.00 18.72 ? 112 VAL A N   1 
ATOM   866  C CA  . VAL A 1 112 ? 2.012   -14.648 -5.305  1.00 19.99 ? 112 VAL A CA  1 
ATOM   867  C C   . VAL A 1 112 ? 3.137   -15.682 -5.371  1.00 19.02 ? 112 VAL A C   1 
ATOM   868  O O   . VAL A 1 112 ? 3.928   -15.630 -6.247  1.00 20.23 ? 112 VAL A O   1 
ATOM   869  C CB  . VAL A 1 112 ? 2.509   -13.203 -5.472  1.00 22.14 ? 112 VAL A CB  1 
ATOM   870  C CG1 . VAL A 1 112 ? 1.341   -12.244 -5.424  1.00 23.89 ? 112 VAL A CG1 1 
ATOM   871  C CG2 . VAL A 1 112 ? 3.553   -12.859 -4.448  1.00 21.94 ? 112 VAL A CG2 1 
ATOM   872  N N   . ASN A 1 113 ? 3.187   -16.628 -4.449  1.00 17.09 ? 113 ASN A N   1 
ATOM   873  C CA  . ASN A 1 113 ? 4.152   -17.717 -4.551  1.00 16.35 ? 113 ASN A CA  1 
ATOM   874  C C   . ASN A 1 113 ? 3.395   -18.800 -5.295  1.00 16.62 ? 113 ASN A C   1 
ATOM   875  O O   . ASN A 1 113 ? 2.553   -19.454 -4.757  1.00 17.54 ? 113 ASN A O   1 
ATOM   876  C CB  . ASN A 1 113 ? 4.671   -18.168 -3.188  1.00 17.35 ? 113 ASN A CB  1 
ATOM   877  C CG  . ASN A 1 113 ? 5.612   -19.359 -3.294  1.00 18.85 ? 113 ASN A CG  1 
ATOM   878  O OD1 . ASN A 1 113 ? 5.711   -19.951 -4.320  1.00 19.53 ? 113 ASN A OD1 1 
ATOM   879  N ND2 . ASN A 1 113 ? 6.268   -19.684 -2.232  1.00 19.62 ? 113 ASN A ND2 1 
ATOM   880  N N   . SER A 1 114 ? 3.679   -18.915 -6.580  1.00 16.60 ? 114 SER A N   1 
ATOM   881  C CA  . SER A 1 114 ? 2.994   -19.870 -7.432  1.00 16.76 ? 114 SER A CA  1 
ATOM   882  C C   . SER A 1 114 ? 3.556   -21.281 -7.364  1.00 17.73 ? 114 SER A C   1 
ATOM   883  O O   . SER A 1 114 ? 3.025   -22.178 -7.939  1.00 20.06 ? 114 SER A O   1 
ATOM   884  C CB  . SER A 1 114 ? 3.031   -19.403 -8.890  1.00 18.34 ? 114 SER A CB  1 
ATOM   885  O OG  . SER A 1 114 ? 4.313   -19.375 -9.415  1.00 19.31 ? 114 SER A OG  1 
ATOM   886  N N   . LEU A 1 115 ? 4.655   -21.413 -6.654  1.00 17.53 ? 115 LEU A N   1 
ATOM   887  C CA  . LEU A 1 115 ? 5.336   -22.688 -6.617  1.00 17.94 ? 115 LEU A CA  1 
ATOM   888  C C   . LEU A 1 115 ? 5.123   -23.566 -5.435  1.00 22.25 ? 115 LEU A C   1 
ATOM   889  O O   . LEU A 1 115 ? 5.407   -24.730 -5.467  1.00 19.80 ? 115 LEU A O   1 
ATOM   890  C CB  . LEU A 1 115 ? 6.852   -22.432 -6.762  1.00 19.88 ? 115 LEU A CB  1 
ATOM   891  C CG  . LEU A 1 115 ? 7.375   -21.704 -7.971  1.00 21.29 ? 115 LEU A CG  1 
ATOM   892  C CD1 . LEU A 1 115 ? 8.837   -21.395 -7.859  1.00 22.92 ? 115 LEU A CD1 1 
ATOM   893  C CD2 . LEU A 1 115 ? 7.070   -22.387 -9.272  1.00 20.50 ? 115 LEU A CD2 1 
ATOM   894  N N   . GLU A 1 116 ? 4.661   -22.988 -4.374  1.00 23.19 ? 116 GLU A N   1 
ATOM   895  C CA  . GLU A 1 116 ? 4.477   -23.707 -3.159  1.00 21.57 ? 116 GLU A CA  1 
ATOM   896  C C   . GLU A 1 116 ? 3.323   -23.080 -2.469  1.00 22.87 ? 116 GLU A C   1 
ATOM   897  O O   . GLU A 1 116 ? 3.278   -21.903 -2.289  1.00 24.67 ? 116 GLU A O   1 
ATOM   898  C CB  . GLU A 1 116 ? 5.727   -23.599 -2.292  1.00 25.87 ? 116 GLU A CB  1 
ATOM   899  C CG  . GLU A 1 116 ? 5.742   -24.577 -1.148  1.00 30.37 ? 116 GLU A CG  1 
ATOM   900  C CD  . GLU A 1 116 ? 7.136   -24.937 -0.679  1.00 33.18 ? 116 GLU A CD  1 
ATOM   901  O OE1 . GLU A 1 116 ? 8.022   -24.125 -0.733  1.00 25.46 ? 116 GLU A OE1 1 
ATOM   902  O OE2 . GLU A 1 116 ? 7.305   -26.049 -0.188  1.00 37.80 ? 116 GLU A OE2 1 
ATOM   903  N N   . HIS A 1 117 ? 2.400   -23.905 -2.069  1.00 25.61 ? 117 HIS A N   1 
ATOM   904  C CA  . HIS A 1 117 ? 1.246   -23.364 -1.435  1.00 27.76 ? 117 HIS A CA  1 
ATOM   905  C C   . HIS A 1 117 ? 1.450   -23.255 0.104   1.00 27.05 ? 117 HIS A C   1 
ATOM   906  O O   . HIS A 1 117 ? 1.668   -24.242 0.783   1.00 26.50 ? 117 HIS A O   1 
ATOM   907  C CB  . HIS A 1 117 ? 0.071   -24.217 -1.763  1.00 30.77 ? 117 HIS A CB  1 
ATOM   908  C CG  . HIS A 1 117 ? -1.104  -23.911 -0.925  1.00 32.37 ? 117 HIS A CG  1 
ATOM   909  N ND1 . HIS A 1 117 ? -1.703  -22.664 -0.913  1.00 39.14 ? 117 HIS A ND1 1 
ATOM   910  C CD2 . HIS A 1 117 ? -1.736  -24.663 -0.003  1.00 32.50 ? 117 HIS A CD2 1 
ATOM   911  C CE1 . HIS A 1 117 ? -2.678  -22.676 -0.010  1.00 36.65 ? 117 HIS A CE1 1 
ATOM   912  N NE2 . HIS A 1 117 ? -2.721  -23.878 0.545   1.00 35.52 ? 117 HIS A NE2 1 
ATOM   913  N N   . HIS A 1 118 ? 1.406   -22.053 0.625   1.00 27.57 ? 118 HIS A N   1 
ATOM   914  C CA  . HIS A 1 118 ? 1.422   -21.874 2.074   1.00 27.60 ? 118 HIS A CA  1 
ATOM   915  C C   . HIS A 1 118 ? 0.007   -21.369 2.341   1.00 31.81 ? 118 HIS A C   1 
ATOM   916  O O   . HIS A 1 118 ? -0.438  -20.317 1.741   1.00 29.68 ? 118 HIS A O   1 
ATOM   917  C CB  . HIS A 1 118 ? 2.481   -20.873 2.458   1.00 29.36 ? 118 HIS A CB  1 
ATOM   918  C CG  . HIS A 1 118 ? 3.859   -21.280 2.063   1.00 31.77 ? 118 HIS A CG  1 
ATOM   919  N ND1 . HIS A 1 118 ? 4.492   -22.387 2.602   1.00 36.36 ? 118 HIS A ND1 1 
ATOM   920  C CD2 . HIS A 1 118 ? 4.738   -20.723 1.202   1.00 34.34 ? 118 HIS A CD2 1 
ATOM   921  C CE1 . HIS A 1 118 ? 5.702   -22.479 2.094   1.00 36.28 ? 118 HIS A CE1 1 
ATOM   922  N NE2 . HIS A 1 118 ? 5.885   -21.470 1.266   1.00 34.32 ? 118 HIS A NE2 1 
HETATM 923  C C1  . GOL B 2 .   ? -3.399  1.706   -12.362 1.00 32.65 ? 201 GOL A C1  1 
HETATM 924  O O1  . GOL B 2 .   ? -4.505  1.164   -11.692 1.00 31.21 ? 201 GOL A O1  1 
HETATM 925  C C2  . GOL B 2 .   ? -2.157  1.229   -11.673 1.00 31.97 ? 201 GOL A C2  1 
HETATM 926  O O2  . GOL B 2 .   ? -1.143  1.968   -12.320 1.00 31.86 ? 201 GOL A O2  1 
HETATM 927  C C3  . GOL B 2 .   ? -1.942  -0.291  -11.648 1.00 30.78 ? 201 GOL A C3  1 
HETATM 928  O O3  . GOL B 2 .   ? -2.861  -0.869  -10.714 1.00 31.87 ? 201 GOL A O3  1 
HETATM 929  C C1  . GOL C 2 .   ? -12.342 11.928  -1.066  1.00 33.02 ? 202 GOL A C1  1 
HETATM 930  O O1  . GOL C 2 .   ? -12.174 11.870  -2.487  1.00 41.51 ? 202 GOL A O1  1 
HETATM 931  C C2  . GOL C 2 .   ? -11.666 10.722  -0.425  1.00 30.36 ? 202 GOL A C2  1 
HETATM 932  O O2  . GOL C 2 .   ? -10.263 10.975  -0.291  1.00 30.62 ? 202 GOL A O2  1 
HETATM 933  C C3  . GOL C 2 .   ? -12.270 10.475  0.953   1.00 21.21 ? 202 GOL A C3  1 
HETATM 934  O O3  . GOL C 2 .   ? -12.549 9.078   1.108   1.00 29.73 ? 202 GOL A O3  1 
HETATM 935  O O   . HOH D 3 .   ? -4.617  -0.566  -11.489 1.00 27.53 ? 301 HOH A O   1 
HETATM 936  O O   . HOH D 3 .   ? -10.323 12.659  -3.586  1.00 32.16 ? 302 HOH A O   1 
HETATM 937  O O   . HOH D 3 .   ? 9.195   -3.668  -13.904 1.00 27.56 ? 303 HOH A O   1 
HETATM 938  O O   . HOH D 3 .   ? -12.019 -3.143  1.980   1.00 35.42 ? 304 HOH A O   1 
HETATM 939  O O   . HOH D 3 .   ? 8.780   2.720   -1.104  1.00 31.18 ? 305 HOH A O   1 
HETATM 940  O O   . HOH D 3 .   ? 11.194  -2.903  4.297   1.00 30.78 ? 306 HOH A O   1 
HETATM 941  O O   . HOH D 3 .   ? -2.579  12.745  5.882   1.00 31.51 ? 307 HOH A O   1 
HETATM 942  O O   . HOH D 3 .   ? -1.027  8.962   7.393   1.00 28.06 ? 308 HOH A O   1 
HETATM 943  O O   . HOH D 3 .   ? 7.025   -8.121  -3.022  1.00 30.62 ? 309 HOH A O   1 
HETATM 944  O O   . HOH D 3 .   ? -6.637  13.849  11.495  1.00 33.33 ? 310 HOH A O   1 
HETATM 945  O O   . HOH D 3 .   ? 7.798   11.768  -3.310  1.00 27.20 ? 311 HOH A O   1 
HETATM 946  O O   . HOH D 3 .   ? -11.178 14.248  11.599  1.00 24.04 ? 312 HOH A O   1 
HETATM 947  O O   . HOH D 3 .   ? -3.806  15.881  -8.375  1.00 33.56 ? 313 HOH A O   1 
HETATM 948  O O   . HOH D 3 .   ? -11.054 3.384   6.752   1.00 21.12 ? 314 HOH A O   1 
HETATM 949  O O   . HOH D 3 .   ? 9.737   -0.063  -7.329  1.00 30.48 ? 315 HOH A O   1 
HETATM 950  O O   . HOH D 3 .   ? 0.516   12.219  -1.201  1.00 16.21 ? 316 HOH A O   1 
HETATM 951  O O   . HOH D 3 .   ? -0.038  8.492   -15.865 1.00 22.60 ? 317 HOH A O   1 
HETATM 952  O O   . HOH D 3 .   ? -12.358 14.394  0.847   1.00 26.58 ? 318 HOH A O   1 
HETATM 953  O O   . HOH D 3 .   ? 5.837   -14.296 -2.234  1.00 24.70 ? 319 HOH A O   1 
HETATM 954  O O   . HOH D 3 .   ? 5.691   -26.228 -7.674  1.00 21.64 ? 320 HOH A O   1 
HETATM 955  O O   . HOH D 3 .   ? -5.427  8.622   6.821   1.00 24.21 ? 321 HOH A O   1 
HETATM 956  O O   . HOH D 3 .   ? 6.937   -9.728  7.055   1.00 34.05 ? 322 HOH A O   1 
HETATM 957  O O   . HOH D 3 .   ? -4.110  12.056  -8.533  1.00 17.44 ? 323 HOH A O   1 
HETATM 958  O O   . HOH D 3 .   ? -1.334  12.631  -8.533  1.00 21.59 ? 324 HOH A O   1 
HETATM 959  O O   . HOH D 3 .   ? 8.427   -21.816 -2.137  1.00 22.66 ? 325 HOH A O   1 
HETATM 960  O O   . HOH D 3 .   ? 5.630   9.677   3.214   1.00 20.00 ? 326 HOH A O   1 
HETATM 961  O O   . HOH D 3 .   ? -12.563 3.321   -11.493 1.00 33.65 ? 327 HOH A O   1 
HETATM 962  O O   . HOH D 3 .   ? 2.063   -19.749 -1.056  1.00 28.00 ? 328 HOH A O   1 
HETATM 963  O O   . HOH D 3 .   ? -14.736 0.901   4.909   1.00 31.54 ? 329 HOH A O   1 
HETATM 964  O O   . HOH D 3 .   ? 6.064   13.545  -13.681 1.00 32.79 ? 330 HOH A O   1 
HETATM 965  O O   . HOH D 3 .   ? -12.516 8.848   -4.319  1.00 29.32 ? 331 HOH A O   1 
HETATM 966  O O   . HOH D 3 .   ? -10.495 -0.206  -5.881  1.00 30.68 ? 332 HOH A O   1 
HETATM 967  O O   . HOH D 3 .   ? -0.877  1.969   -15.063 1.00 29.62 ? 333 HOH A O   1 
HETATM 968  O O   . HOH D 3 .   ? 3.946   -5.839  -9.407  1.00 15.86 ? 334 HOH A O   1 
HETATM 969  O O   . HOH D 3 .   ? 4.788   -27.029 -4.055  1.00 22.31 ? 335 HOH A O   1 
HETATM 970  O O   . HOH D 3 .   ? -11.221 7.425   9.489   1.00 21.78 ? 336 HOH A O   1 
HETATM 971  O O   . HOH D 3 .   ? -1.312  4.164   -14.588 1.00 25.53 ? 337 HOH A O   1 
HETATM 972  O O   . HOH D 3 .   ? -7.641  -2.046  9.725   1.00 24.60 ? 338 HOH A O   1 
HETATM 973  O O   . HOH D 3 .   ? -5.284  15.561  3.430   1.00 29.16 ? 339 HOH A O   1 
HETATM 974  O O   . HOH D 3 .   ? -6.297  -8.706  7.387   1.00 30.22 ? 340 HOH A O   1 
HETATM 975  O O   . HOH D 3 .   ? -9.638  -6.740  4.150   1.00 34.40 ? 341 HOH A O   1 
HETATM 976  O O   . HOH D 3 .   ? 2.244   8.110   5.144   1.00 32.17 ? 342 HOH A O   1 
HETATM 977  O O   . HOH D 3 .   ? 11.551  -2.704  11.360  0.50 25.32 ? 343 HOH A O   1 
HETATM 978  O O   . HOH D 3 .   ? -6.984  -0.121  -11.819 1.00 25.48 ? 344 HOH A O   1 
HETATM 979  O O   . HOH D 3 .   ? 6.694   -10.586 -5.048  1.00 28.60 ? 345 HOH A O   1 
HETATM 980  O O   . HOH D 3 .   ? 7.324   0.459   -7.011  1.00 19.46 ? 346 HOH A O   1 
HETATM 981  O O   . HOH D 3 .   ? -2.968  -16.229 0.506   1.00 31.95 ? 347 HOH A O   1 
HETATM 982  O O   . HOH D 3 .   ? -9.788  -7.472  -0.324  1.00 31.38 ? 348 HOH A O   1 
HETATM 983  O O   . HOH D 3 .   ? 10.490  -7.762  -9.621  1.00 28.91 ? 349 HOH A O   1 
HETATM 984  O O   . HOH D 3 .   ? 9.716   -8.855  0.869   1.00 27.89 ? 350 HOH A O   1 
HETATM 985  O O   . HOH D 3 .   ? 4.931   7.346   -16.027 1.00 21.33 ? 351 HOH A O   1 
HETATM 986  O O   . HOH D 3 .   ? 10.262  6.018   4.599   1.00 24.51 ? 352 HOH A O   1 
HETATM 987  O O   . HOH D 3 .   ? 9.588   1.090   -3.586  1.00 31.90 ? 353 HOH A O   1 
HETATM 988  O O   . HOH D 3 .   ? -2.718  13.727  4.788   1.00 27.85 ? 354 HOH A O   1 
HETATM 989  O O   . HOH D 3 .   ? 5.617   4.619   -16.925 1.00 28.06 ? 355 HOH A O   1 
HETATM 990  O O   . HOH D 3 .   ? 10.130  -2.139  1.886   1.00 30.89 ? 356 HOH A O   1 
HETATM 991  O O   . HOH D 3 .   ? -4.352  -12.414 -1.316  1.00 39.37 ? 357 HOH A O   1 
HETATM 992  O O   . HOH D 3 .   ? 1.925   -3.721  -10.385 1.00 17.68 ? 358 HOH A O   1 
HETATM 993  O O   . HOH D 3 .   ? 5.998   -28.244 -1.535  1.00 34.02 ? 359 HOH A O   1 
HETATM 994  O O   . HOH D 3 .   ? -8.045  1.920   12.057  1.00 31.52 ? 360 HOH A O   1 
HETATM 995  O O   . HOH D 3 .   ? -1.998  -16.934 3.631   1.00 30.74 ? 361 HOH A O   1 
HETATM 996  O O   . HOH D 3 .   ? -0.106  14.624  -11.887 1.00 35.46 ? 362 HOH A O   1 
HETATM 997  O O   . HOH D 3 .   ? 9.377   -2.103  -17.464 1.00 30.62 ? 363 HOH A O   1 
HETATM 998  O O   . HOH D 3 .   ? -12.175 2.623   -0.315  1.00 25.97 ? 364 HOH A O   1 
HETATM 999  O O   . HOH D 3 .   ? -1.112  -11.064 -9.654  1.00 39.63 ? 365 HOH A O   1 
HETATM 1000 O O   . HOH D 3 .   ? -8.240  -7.421  13.973  1.00 35.37 ? 366 HOH A O   1 
HETATM 1001 O O   . HOH D 3 .   ? 7.000   -13.101 -6.300  1.00 34.50 ? 367 HOH A O   1 
HETATM 1002 O O   . HOH D 3 .   ? 5.329   13.702  -6.681  1.00 30.97 ? 368 HOH A O   1 
HETATM 1003 O O   . HOH D 3 .   ? -4.701  6.635   15.572  1.00 30.28 ? 369 HOH A O   1 
HETATM 1004 O O   . HOH D 3 .   ? -11.592 -3.953  5.176   1.00 26.75 ? 370 HOH A O   1 
HETATM 1005 O O   . HOH D 3 .   ? 9.025   1.418   -0.534  1.00 35.43 ? 371 HOH A O   1 
HETATM 1006 O O   . HOH D 3 .   ? -5.696  -1.747  -10.869 1.00 29.58 ? 372 HOH A O   1 
HETATM 1007 O O   . HOH D 3 .   ? -4.972  0.979   14.914  1.00 29.98 ? 373 HOH A O   1 
HETATM 1008 O O   . HOH D 3 .   ? -2.926  -4.266  16.027  1.00 38.19 ? 374 HOH A O   1 
HETATM 1009 O O   . HOH D 3 .   ? 0.617   8.835   19.679  1.00 31.79 ? 375 HOH A O   1 
HETATM 1010 O O   . HOH D 3 .   ? 5.243   -7.454  7.860   1.00 45.94 ? 376 HOH A O   1 
HETATM 1011 O O   . HOH D 3 .   ? -11.440 1.295   -2.827  1.00 30.35 ? 377 HOH A O   1 
HETATM 1012 O O   . HOH D 3 .   ? -14.222 13.661  -0.948  1.00 34.67 ? 378 HOH A O   1 
HETATM 1013 O O   . HOH D 3 .   ? -0.495  16.004  -5.601  1.00 28.41 ? 379 HOH A O   1 
HETATM 1014 O O   . HOH D 3 .   ? 15.177  2.011   2.018   1.00 34.97 ? 380 HOH A O   1 
HETATM 1015 O O   . HOH D 3 .   ? -0.737  -19.989 -2.693  1.00 35.44 ? 381 HOH A O   1 
HETATM 1016 O O   . HOH D 3 .   ? 4.047   -24.432 5.212   1.00 42.60 ? 382 HOH A O   1 
HETATM 1017 O O   . HOH D 3 .   ? -0.589  11.914  18.270  1.00 42.69 ? 383 HOH A O   1 
HETATM 1018 O O   . HOH D 3 .   ? -12.328 0.925   -9.142  1.00 33.13 ? 384 HOH A O   1 
HETATM 1019 O O   . HOH D 3 .   ? 13.675  2.154   -1.509  1.00 23.63 ? 385 HOH A O   1 
HETATM 1020 O O   . HOH D 3 .   ? -2.296  -21.341 4.569   1.00 40.93 ? 386 HOH A O   1 
HETATM 1021 O O   . HOH D 3 .   ? 2.388   -23.540 5.495   1.00 40.52 ? 387 HOH A O   1 
HETATM 1022 O O   . HOH D 3 .   ? 16.264  4.670   2.678   1.00 38.82 ? 388 HOH A O   1 
HETATM 1023 O O   . HOH D 3 .   ? 0.935   5.377   8.467   1.00 38.41 ? 389 HOH A O   1 
HETATM 1024 O O   . HOH D 3 .   ? 3.763   2.701   5.916   1.00 27.05 ? 390 HOH A O   1 
HETATM 1025 O O   . HOH D 3 .   ? 5.301   7.850   5.488   1.00 34.08 ? 391 HOH A O   1 
HETATM 1026 O O   . HOH D 3 .   ? 14.089  -1.100  4.505   1.00 37.77 ? 392 HOH A O   1 
HETATM 1027 O O   . HOH D 3 .   ? 11.380  -6.610  -9.257  1.00 36.40 ? 393 HOH A O   1 
HETATM 1028 O O   . HOH D 3 .   ? -9.477  -0.878  11.563  1.00 35.67 ? 394 HOH A O   1 
HETATM 1029 O O   . HOH D 3 .   ? -1.075  -20.877 5.711   1.00 36.01 ? 395 HOH A O   1 
HETATM 1030 O O   . HOH D 3 .   ? -11.229 12.666  13.762  1.00 34.89 ? 396 HOH A O   1 
HETATM 1031 O O   . HOH D 3 .   ? 0.987   11.362  -19.024 1.00 36.65 ? 397 HOH A O   1 
HETATM 1032 O O   . HOH D 3 .   ? 1.065   -23.609 4.882   1.00 37.92 ? 398 HOH A O   1 
HETATM 1033 O O   . HOH D 3 .   ? 2.716   8.107   -17.581 1.00 28.03 ? 399 HOH A O   1 
HETATM 1034 O O   . HOH D 3 .   ? 2.806   2.787   3.291   1.00 32.20 ? 400 HOH A O   1 
HETATM 1035 O O   . HOH D 3 .   ? 7.375   -9.691  -0.624  1.00 32.01 ? 401 HOH A O   1 
HETATM 1036 O O   . HOH D 3 .   ? 1.910   3.062   5.120   1.00 30.18 ? 402 HOH A O   1 
# 
loop_
_pdbx_poly_seq_scheme.asym_id 
_pdbx_poly_seq_scheme.entity_id 
_pdbx_poly_seq_scheme.seq_id 
_pdbx_poly_seq_scheme.mon_id 
_pdbx_poly_seq_scheme.ndb_seq_num 
_pdbx_poly_seq_scheme.pdb_seq_num 
_pdbx_poly_seq_scheme.auth_seq_num 
_pdbx_poly_seq_scheme.pdb_mon_id 
_pdbx_poly_seq_scheme.auth_mon_id 
_pdbx_poly_seq_scheme.pdb_strand_id 
_pdbx_poly_seq_scheme.pdb_ins_code 
_pdbx_poly_seq_scheme.hetero 
A 1 1   MET 1   1   ?   ?   ?   A . n 
A 1 2   PRO 2   2   2   PRO PRO A . n 
A 1 3   VAL 3   3   3   VAL VAL A . n 
A 1 4   ILE 4   4   4   ILE ILE A . n 
A 1 5   GLU 5   5   5   GLU GLU A . n 
A 1 6   ILE 6   6   6   ILE ILE A . n 
A 1 7   ASN 7   7   7   ASN ASN A . n 
A 1 8   ASP 8   8   8   ASP ASP A . n 
A 1 9   GLN 9   9   9   GLN GLN A . n 
A 1 10  GLU 10  10  10  GLU GLU A . n 
A 1 11  GLN 11  11  11  GLN GLN A . n 
A 1 12  PHE 12  12  12  PHE PHE A . n 
A 1 13  THR 13  13  13  THR THR A . n 
A 1 14  TYR 14  14  14  TYR TYR A . n 
A 1 15  LEU 15  15  15  LEU LEU A . n 
A 1 16  THR 16  16  16  THR THR A . n 
A 1 17  THR 17  17  17  THR THR A . n 
A 1 18  THR 18  18  18  THR THR A . n 
A 1 19  ALA 19  19  19  ALA ALA A . n 
A 1 20  ALA 20  20  20  ALA ALA A . n 
A 1 21  GLY 21  21  21  GLY GLY A . n 
A 1 22  ASP 22  22  22  ASP ASP A . n 
A 1 23  LYS 23  23  23  LYS LYS A . n 
A 1 24  LEU 24  24  24  LEU LEU A . n 
A 1 25  ILE 25  25  25  ILE ILE A . n 
A 1 26  VAL 26  26  26  VAL VAL A . n 
A 1 27  LEU 27  27  27  LEU LEU A . n 
A 1 28  TYR 28  28  28  TYR TYR A . n 
A 1 29  PHE 29  29  29  PHE PHE A . n 
A 1 30  HIS 30  30  30  HIS HIS A . n 
A 1 31  THR 31  31  31  THR THR A . n 
A 1 32  SER 32  32  32  SER SER A . n 
A 1 33  TRP 33  33  33  TRP TRP A . n 
A 1 34  ALA 34  34  34  ALA ALA A . n 
A 1 35  GLU 35  35  35  GLU GLU A . n 
A 1 36  PRO 36  36  36  PRO PRO A . n 
A 1 37  CYS 37  37  37  CYS CYS A . n 
A 1 38  LYS 38  38  38  LYS LYS A . n 
A 1 39  ALA 39  39  39  ALA ALA A . n 
A 1 40  LEU 40  40  40  LEU LEU A . n 
A 1 41  LYS 41  41  41  LYS LYS A . n 
A 1 42  GLN 42  42  42  GLN GLN A . n 
A 1 43  VAL 43  43  43  VAL VAL A . n 
A 1 44  PHE 44  44  44  PHE PHE A . n 
A 1 45  GLU 45  45  45  GLU GLU A . n 
A 1 46  ALA 46  46  46  ALA ALA A . n 
A 1 47  ILE 47  47  47  ILE ILE A . n 
A 1 48  SER 48  48  48  SER SER A . n 
A 1 49  ASN 49  49  49  ASN ASN A . n 
A 1 50  GLU 50  50  50  GLU GLU A . n 
A 1 51  PRO 51  51  51  PRO PRO A . n 
A 1 52  SER 52  52  52  SER SER A . n 
A 1 53  ASN 53  53  53  ASN ASN A . n 
A 1 54  SER 54  54  54  SER SER A . n 
A 1 55  ASN 55  55  55  ASN ASN A . n 
A 1 56  VAL 56  56  56  VAL VAL A . n 
A 1 57  SER 57  57  57  SER SER A . n 
A 1 58  PHE 58  58  58  PHE PHE A . n 
A 1 59  LEU 59  59  59  LEU LEU A . n 
A 1 60  SER 60  60  60  SER SER A . n 
A 1 61  ILE 61  61  61  ILE ILE A . n 
A 1 62  ASP 62  62  62  ASP ASP A . n 
A 1 63  ALA 63  63  63  ALA ALA A . n 
A 1 64  ASP 64  64  64  ASP ASP A . n 
A 1 65  GLU 65  65  65  GLU GLU A . n 
A 1 66  ASN 66  66  66  ASN ASN A . n 
A 1 67  SER 67  67  67  SER SER A . n 
A 1 68  GLU 68  68  68  GLU GLU A . n 
A 1 69  ILE 69  69  69  ILE ILE A . n 
A 1 70  SER 70  70  70  SER SER A . n 
A 1 71  GLU 71  71  71  GLU GLU A . n 
A 1 72  LEU 72  72  72  LEU LEU A . n 
A 1 73  PHE 73  73  73  PHE PHE A . n 
A 1 74  GLU 74  74  74  GLU GLU A . n 
A 1 75  ILE 75  75  75  ILE ILE A . n 
A 1 76  SER 76  76  76  SER SER A . n 
A 1 77  ALA 77  77  77  ALA ALA A . n 
A 1 78  VAL 78  78  78  VAL VAL A . n 
A 1 79  PRO 79  79  79  PRO PRO A . n 
A 1 80  TYR 80  80  80  TYR TYR A . n 
A 1 81  PHE 81  81  81  PHE PHE A . n 
A 1 82  ILE 82  82  82  ILE ILE A . n 
A 1 83  ILE 83  83  83  ILE ILE A . n 
A 1 84  ILE 84  84  84  ILE ILE A . n 
A 1 85  HIS 85  85  85  HIS HIS A . n 
A 1 86  LYS 86  86  86  LYS LYS A . n 
A 1 87  GLY 87  87  87  GLY GLY A . n 
A 1 88  THR 88  88  88  THR THR A . n 
A 1 89  ILE 89  89  89  ILE ILE A . n 
A 1 90  LEU 90  90  90  LEU LEU A . n 
A 1 91  LYS 91  91  91  LYS LYS A . n 
A 1 92  GLU 92  92  92  GLU GLU A . n 
A 1 93  LEU 93  93  93  LEU LEU A . n 
A 1 94  SER 94  94  94  SER SER A . n 
A 1 95  GLY 95  95  95  GLY GLY A . n 
A 1 96  ALA 96  96  96  ALA ALA A . n 
A 1 97  ASP 97  97  97  ASP ASP A . n 
A 1 98  PRO 98  98  98  PRO PRO A . n 
A 1 99  LYS 99  99  99  LYS LYS A . n 
A 1 100 GLU 100 100 100 GLU GLU A . n 
A 1 101 PHE 101 101 101 PHE PHE A . n 
A 1 102 VAL 102 102 102 VAL VAL A . n 
A 1 103 SER 103 103 103 SER SER A . n 
A 1 104 LEU 104 104 104 LEU LEU A . n 
A 1 105 LEU 105 105 105 LEU LEU A . n 
A 1 106 GLU 106 106 106 GLU GLU A . n 
A 1 107 ASP 107 107 107 ASP ASP A . n 
A 1 108 CYS 108 108 108 CYS CYS A . n 
A 1 109 LYS 109 109 109 LYS LYS A . n 
A 1 110 ASN 110 110 110 ASN ASN A . n 
A 1 111 SER 111 111 111 SER SER A . n 
A 1 112 VAL 112 112 112 VAL VAL A . n 
A 1 113 ASN 113 113 113 ASN ASN A . n 
A 1 114 SER 114 114 114 SER SER A . n 
A 1 115 LEU 115 115 115 LEU LEU A . n 
A 1 116 GLU 116 116 116 GLU GLU A . n 
A 1 117 HIS 117 117 117 HIS HIS A . n 
A 1 118 HIS 118 118 118 HIS HIS A . n 
A 1 119 HIS 119 119 ?   ?   ?   A . n 
A 1 120 HIS 120 120 ?   ?   ?   A . n 
A 1 121 HIS 121 121 ?   ?   ?   A . n 
A 1 122 HIS 122 122 ?   ?   ?   A . n 
# 
loop_
_pdbx_nonpoly_scheme.asym_id 
_pdbx_nonpoly_scheme.entity_id 
_pdbx_nonpoly_scheme.mon_id 
_pdbx_nonpoly_scheme.ndb_seq_num 
_pdbx_nonpoly_scheme.pdb_seq_num 
_pdbx_nonpoly_scheme.auth_seq_num 
_pdbx_nonpoly_scheme.pdb_mon_id 
_pdbx_nonpoly_scheme.auth_mon_id 
_pdbx_nonpoly_scheme.pdb_strand_id 
_pdbx_nonpoly_scheme.pdb_ins_code 
B 2 GOL 1   201 120 GOL GOL A . 
C 2 GOL 1   202 121 GOL GOL A . 
D 3 HOH 1   301 219 HOH HOH A . 
D 3 HOH 2   302 242 HOH HOH A . 
D 3 HOH 3   303 167 HOH HOH A . 
D 3 HOH 4   304 231 HOH HOH A . 
D 3 HOH 5   305 300 HOH HOH A . 
D 3 HOH 6   306 221 HOH HOH A . 
D 3 HOH 7   307 232 HOH HOH A . 
D 3 HOH 8   308 163 HOH HOH A . 
D 3 HOH 9   309 176 HOH HOH A . 
D 3 HOH 10  310 310 HOH HOH A . 
D 3 HOH 11  311 159 HOH HOH A . 
D 3 HOH 12  312 152 HOH HOH A . 
D 3 HOH 13  313 197 HOH HOH A . 
D 3 HOH 14  314 151 HOH HOH A . 
D 3 HOH 15  315 174 HOH HOH A . 
D 3 HOH 16  316 153 HOH HOH A . 
D 3 HOH 17  317 162 HOH HOH A . 
D 3 HOH 18  318 138 HOH HOH A . 
D 3 HOH 19  319 156 HOH HOH A . 
D 3 HOH 20  320 147 HOH HOH A . 
D 3 HOH 21  321 143 HOH HOH A . 
D 3 HOH 22  322 246 HOH HOH A . 
D 3 HOH 23  323 130 HOH HOH A . 
D 3 HOH 24  324 136 HOH HOH A . 
D 3 HOH 25  325 144 HOH HOH A . 
D 3 HOH 26  326 135 HOH HOH A . 
D 3 HOH 27  327 280 HOH HOH A . 
D 3 HOH 28  328 166 HOH HOH A . 
D 3 HOH 29  329 249 HOH HOH A . 
D 3 HOH 30  330 216 HOH HOH A . 
D 3 HOH 31  331 158 HOH HOH A . 
D 3 HOH 32  332 185 HOH HOH A . 
D 3 HOH 33  333 157 HOH HOH A . 
D 3 HOH 34  334 132 HOH HOH A . 
D 3 HOH 35  335 145 HOH HOH A . 
D 3 HOH 36  336 149 HOH HOH A . 
D 3 HOH 37  337 140 HOH HOH A . 
D 3 HOH 38  338 142 HOH HOH A . 
D 3 HOH 39  339 175 HOH HOH A . 
D 3 HOH 40  340 299 HOH HOH A . 
D 3 HOH 41  341 253 HOH HOH A . 
D 3 HOH 42  342 220 HOH HOH A . 
D 3 HOH 43  343 137 HOH HOH A . 
D 3 HOH 44  344 236 HOH HOH A . 
D 3 HOH 45  345 150 HOH HOH A . 
D 3 HOH 46  346 134 HOH HOH A . 
D 3 HOH 47  347 296 HOH HOH A . 
D 3 HOH 48  348 173 HOH HOH A . 
D 3 HOH 49  349 181 HOH HOH A . 
D 3 HOH 50  350 161 HOH HOH A . 
D 3 HOH 51  351 139 HOH HOH A . 
D 3 HOH 52  352 154 HOH HOH A . 
D 3 HOH 53  353 202 HOH HOH A . 
D 3 HOH 54  354 155 HOH HOH A . 
D 3 HOH 55  355 169 HOH HOH A . 
D 3 HOH 56  356 168 HOH HOH A . 
D 3 HOH 57  357 171 HOH HOH A . 
D 3 HOH 58  358 133 HOH HOH A . 
D 3 HOH 59  359 279 HOH HOH A . 
D 3 HOH 60  360 293 HOH HOH A . 
D 3 HOH 61  361 206 HOH HOH A . 
D 3 HOH 62  362 305 HOH HOH A . 
D 3 HOH 63  363 194 HOH HOH A . 
D 3 HOH 64  364 141 HOH HOH A . 
D 3 HOH 65  365 281 HOH HOH A . 
D 3 HOH 66  366 244 HOH HOH A . 
D 3 HOH 67  367 274 HOH HOH A . 
D 3 HOH 68  368 227 HOH HOH A . 
D 3 HOH 69  369 170 HOH HOH A . 
D 3 HOH 70  370 290 HOH HOH A . 
D 3 HOH 71  371 263 HOH HOH A . 
D 3 HOH 72  372 230 HOH HOH A . 
D 3 HOH 73  373 165 HOH HOH A . 
D 3 HOH 74  374 247 HOH HOH A . 
D 3 HOH 75  375 292 HOH HOH A . 
D 3 HOH 76  376 278 HOH HOH A . 
D 3 HOH 77  377 172 HOH HOH A . 
D 3 HOH 78  378 252 HOH HOH A . 
D 3 HOH 79  379 160 HOH HOH A . 
D 3 HOH 80  380 209 HOH HOH A . 
D 3 HOH 81  381 259 HOH HOH A . 
D 3 HOH 82  382 211 HOH HOH A . 
D 3 HOH 83  383 295 HOH HOH A . 
D 3 HOH 84  384 183 HOH HOH A . 
D 3 HOH 85  385 146 HOH HOH A . 
D 3 HOH 86  386 178 HOH HOH A . 
D 3 HOH 87  387 217 HOH HOH A . 
D 3 HOH 88  388 323 HOH HOH A . 
D 3 HOH 89  389 243 HOH HOH A . 
D 3 HOH 90  390 182 HOH HOH A . 
D 3 HOH 91  391 184 HOH HOH A . 
D 3 HOH 92  392 282 HOH HOH A . 
D 3 HOH 93  393 210 HOH HOH A . 
D 3 HOH 94  394 265 HOH HOH A . 
D 3 HOH 95  395 238 HOH HOH A . 
D 3 HOH 96  396 268 HOH HOH A . 
D 3 HOH 97  397 285 HOH HOH A . 
D 3 HOH 98  398 177 HOH HOH A . 
D 3 HOH 99  399 164 HOH HOH A . 
D 3 HOH 100 400 179 HOH HOH A . 
D 3 HOH 101 401 148 HOH HOH A . 
D 3 HOH 102 402 190 HOH HOH A . 
# 
_pdbx_struct_assembly.id                   1 
_pdbx_struct_assembly.details              author_and_software_defined_assembly 
_pdbx_struct_assembly.method_details       PISA 
_pdbx_struct_assembly.oligomeric_details   dimeric 
_pdbx_struct_assembly.oligomeric_count     2 
# 
_pdbx_struct_assembly_gen.assembly_id       1 
_pdbx_struct_assembly_gen.oper_expression   1,2 
_pdbx_struct_assembly_gen.asym_id_list      A,B,C,D 
# 
loop_
_pdbx_struct_assembly_prop.biol_id 
_pdbx_struct_assembly_prop.type 
_pdbx_struct_assembly_prop.value 
_pdbx_struct_assembly_prop.details 
1 'ABSA (A^2)' 2110  ? 
1 MORE         -15   ? 
1 'SSA (A^2)'  12650 ? 
# 
loop_
_pdbx_struct_oper_list.id 
_pdbx_struct_oper_list.type 
_pdbx_struct_oper_list.name 
_pdbx_struct_oper_list.symmetry_operation 
_pdbx_struct_oper_list.matrix[1][1] 
_pdbx_struct_oper_list.matrix[1][2] 
_pdbx_struct_oper_list.matrix[1][3] 
_pdbx_struct_oper_list.vector[1] 
_pdbx_struct_oper_list.matrix[2][1] 
_pdbx_struct_oper_list.matrix[2][2] 
_pdbx_struct_oper_list.matrix[2][3] 
_pdbx_struct_oper_list.vector[2] 
_pdbx_struct_oper_list.matrix[3][1] 
_pdbx_struct_oper_list.matrix[3][2] 
_pdbx_struct_oper_list.matrix[3][3] 
_pdbx_struct_oper_list.vector[3] 
1 'identity operation'         1_555 x,y,z        1.0000000000 0.0000000000  0.0000000000  0.0000000000  0.0000000000  1.0000000000  0.0000000000 0.0000000000  0.0000000000  0.0000000000 1.0000000000  0.0000000000  
2 'crystal symmetry operation' 8_555 -y,-x,-z+1/2 0.7171453198 -0.0321116604 -0.6961834755 11.0888977965 -0.0321116604 -0.9993994924 0.0130190538 -5.1847357542 -0.6961834755 0.0130190538 -0.7177458274 27.5900536323 
# 
_pdbx_struct_special_symmetry.id              1 
_pdbx_struct_special_symmetry.PDB_model_num   1 
_pdbx_struct_special_symmetry.auth_asym_id    A 
_pdbx_struct_special_symmetry.auth_comp_id    HOH 
_pdbx_struct_special_symmetry.auth_seq_id     343 
_pdbx_struct_special_symmetry.PDB_ins_code    ? 
_pdbx_struct_special_symmetry.label_asym_id   D 
_pdbx_struct_special_symmetry.label_comp_id   HOH 
_pdbx_struct_special_symmetry.label_seq_id    . 
# 
loop_
_pdbx_audit_revision_history.ordinal 
_pdbx_audit_revision_history.data_content_type 
_pdbx_audit_revision_history.major_revision 
_pdbx_audit_revision_history.minor_revision 
_pdbx_audit_revision_history.revision_date 
1 'Structure model' 1 0 2018-08-15 
2 'Structure model' 1 1 2019-08-28 
3 'Structure model' 1 2 2023-11-22 
# 
_pdbx_audit_revision_details.ordinal             1 
_pdbx_audit_revision_details.revision_ordinal    1 
_pdbx_audit_revision_details.data_content_type   'Structure model' 
_pdbx_audit_revision_details.provider            repository 
_pdbx_audit_revision_details.type                'Initial release' 
_pdbx_audit_revision_details.description         ? 
_pdbx_audit_revision_details.details             ? 
# 
loop_
_pdbx_audit_revision_group.ordinal 
_pdbx_audit_revision_group.revision_ordinal 
_pdbx_audit_revision_group.data_content_type 
_pdbx_audit_revision_group.group 
1 2 'Structure model' 'Data collection'        
2 2 'Structure model' 'Database references'    
3 3 'Structure model' 'Data collection'        
4 3 'Structure model' 'Database references'    
5 3 'Structure model' 'Refinement description' 
# 
loop_
_pdbx_audit_revision_category.ordinal 
_pdbx_audit_revision_category.revision_ordinal 
_pdbx_audit_revision_category.data_content_type 
_pdbx_audit_revision_category.category 
1 2 'Structure model' citation                      
2 2 'Structure model' citation_author               
3 3 'Structure model' chem_comp_atom                
4 3 'Structure model' chem_comp_bond                
5 3 'Structure model' database_2                    
6 3 'Structure model' pdbx_initial_refinement_model 
# 
loop_
_pdbx_audit_revision_item.ordinal 
_pdbx_audit_revision_item.revision_ordinal 
_pdbx_audit_revision_item.data_content_type 
_pdbx_audit_revision_item.item 
1  2 'Structure model' '_citation.country'                   
2  2 'Structure model' '_citation.journal_abbrev'            
3  2 'Structure model' '_citation.journal_id_ASTM'           
4  2 'Structure model' '_citation.journal_id_CSD'            
5  2 'Structure model' '_citation.journal_id_ISSN'           
6  2 'Structure model' '_citation.journal_volume'            
7  2 'Structure model' '_citation.page_first'                
8  2 'Structure model' '_citation.page_last'                 
9  2 'Structure model' '_citation.pdbx_database_id_DOI'      
10 2 'Structure model' '_citation.pdbx_database_id_PubMed'   
11 2 'Structure model' '_citation.title'                     
12 2 'Structure model' '_citation.year'                      
13 2 'Structure model' '_citation_author.name'               
14 3 'Structure model' '_database_2.pdbx_DOI'                
15 3 'Structure model' '_database_2.pdbx_database_accession' 
# 
loop_
_software.citation_id 
_software.classification 
_software.compiler_name 
_software.compiler_version 
_software.contact_author 
_software.contact_author_email 
_software.date 
_software.description 
_software.dependencies 
_software.hardware 
_software.language 
_software.location 
_software.mods 
_software.name 
_software.os 
_software.os_version 
_software.type 
_software.version 
_software.pdbx_ordinal 
? refinement       ? ? ? ? ? ? ? ? ? ? ? REFMAC   ? ? ? 5.7.0032 1 
? 'data reduction' ? ? ? ? ? ? ? ? ? ? ? HKL-2000 ? ? ? .        2 
? 'data scaling'   ? ? ? ? ? ? ? ? ? ? ? HKL-2000 ? ? ? .        3 
? phasing          ? ? ? ? ? ? ? ? ? ? ? MOLREP   ? ? ? .        4 
# 
loop_
_pdbx_validate_close_contact.id 
_pdbx_validate_close_contact.PDB_model_num 
_pdbx_validate_close_contact.auth_atom_id_1 
_pdbx_validate_close_contact.auth_asym_id_1 
_pdbx_validate_close_contact.auth_comp_id_1 
_pdbx_validate_close_contact.auth_seq_id_1 
_pdbx_validate_close_contact.PDB_ins_code_1 
_pdbx_validate_close_contact.label_alt_id_1 
_pdbx_validate_close_contact.auth_atom_id_2 
_pdbx_validate_close_contact.auth_asym_id_2 
_pdbx_validate_close_contact.auth_comp_id_2 
_pdbx_validate_close_contact.auth_seq_id_2 
_pdbx_validate_close_contact.PDB_ins_code_2 
_pdbx_validate_close_contact.label_alt_id_2 
_pdbx_validate_close_contact.dist 
1  1 O  A HOH 305 ? ? O A HOH 371 ? ? 1.44 
2  1 O  A HOH 387 ? ? O A HOH 398 ? ? 1.46 
3  1 O  A HOH 307 ? ? O A HOH 354 ? ? 1.48 
4  1 O  A HOH 349 ? ? O A HOH 393 ? ? 1.50 
5  1 O  A HOH 301 ? ? O A HOH 372 ? ? 1.72 
6  1 O  A HOH 386 ? ? O A HOH 395 ? ? 1.74 
7  1 O1 A GOL 201 ? ? O A HOH 301 ? ? 1.75 
8  1 O  A HOH 382 ? ? O A HOH 387 ? ? 1.90 
9  1 O3 A GOL 201 ? ? O A HOH 301 ? ? 1.94 
10 1 O  A HOH 390 ? ? O A HOH 402 ? ? 2.05 
11 1 O  A HOH 400 ? ? O A HOH 402 ? ? 2.05 
# 
loop_
_pdbx_validate_symm_contact.id 
_pdbx_validate_symm_contact.PDB_model_num 
_pdbx_validate_symm_contact.auth_atom_id_1 
_pdbx_validate_symm_contact.auth_asym_id_1 
_pdbx_validate_symm_contact.auth_comp_id_1 
_pdbx_validate_symm_contact.auth_seq_id_1 
_pdbx_validate_symm_contact.PDB_ins_code_1 
_pdbx_validate_symm_contact.label_alt_id_1 
_pdbx_validate_symm_contact.site_symmetry_1 
_pdbx_validate_symm_contact.auth_atom_id_2 
_pdbx_validate_symm_contact.auth_asym_id_2 
_pdbx_validate_symm_contact.auth_comp_id_2 
_pdbx_validate_symm_contact.auth_seq_id_2 
_pdbx_validate_symm_contact.PDB_ins_code_2 
_pdbx_validate_symm_contact.label_alt_id_2 
_pdbx_validate_symm_contact.site_symmetry_2 
_pdbx_validate_symm_contact.dist 
1 1 CG A PRO 2   ? ? 1_555 O A HOH 344 ? ? 4_544 1.80 
2 1 O  A HOH 330 ? ? 1_555 O A HOH 355 ? ? 4_544 1.98 
3 1 CD A PRO 2   ? ? 1_555 O A HOH 344 ? ? 4_544 2.17 
# 
_pdbx_validate_rmsd_bond.id                        1 
_pdbx_validate_rmsd_bond.PDB_model_num             1 
_pdbx_validate_rmsd_bond.auth_atom_id_1            CD 
_pdbx_validate_rmsd_bond.auth_asym_id_1            A 
_pdbx_validate_rmsd_bond.auth_comp_id_1            GLU 
_pdbx_validate_rmsd_bond.auth_seq_id_1             92 
_pdbx_validate_rmsd_bond.PDB_ins_code_1            ? 
_pdbx_validate_rmsd_bond.label_alt_id_1            ? 
_pdbx_validate_rmsd_bond.auth_atom_id_2            OE1 
_pdbx_validate_rmsd_bond.auth_asym_id_2            A 
_pdbx_validate_rmsd_bond.auth_comp_id_2            GLU 
_pdbx_validate_rmsd_bond.auth_seq_id_2             92 
_pdbx_validate_rmsd_bond.PDB_ins_code_2            ? 
_pdbx_validate_rmsd_bond.label_alt_id_2            ? 
_pdbx_validate_rmsd_bond.bond_value                1.181 
_pdbx_validate_rmsd_bond.bond_target_value         1.252 
_pdbx_validate_rmsd_bond.bond_deviation            -0.071 
_pdbx_validate_rmsd_bond.bond_standard_deviation   0.011 
_pdbx_validate_rmsd_bond.linker_flag               N 
# 
loop_
_pdbx_validate_torsion.id 
_pdbx_validate_torsion.PDB_model_num 
_pdbx_validate_torsion.auth_comp_id 
_pdbx_validate_torsion.auth_asym_id 
_pdbx_validate_torsion.auth_seq_id 
_pdbx_validate_torsion.PDB_ins_code 
_pdbx_validate_torsion.label_alt_id 
_pdbx_validate_torsion.phi 
_pdbx_validate_torsion.psi 
1 1 THR A 17 ? ? -134.44 -88.28 
2 1 ASN A 66 ? ? -119.75 59.94  
3 1 ALA A 77 ? ? -177.56 117.89 
# 
loop_
_pdbx_unobs_or_zero_occ_residues.id 
_pdbx_unobs_or_zero_occ_residues.PDB_model_num 
_pdbx_unobs_or_zero_occ_residues.polymer_flag 
_pdbx_unobs_or_zero_occ_residues.occupancy_flag 
_pdbx_unobs_or_zero_occ_residues.auth_asym_id 
_pdbx_unobs_or_zero_occ_residues.auth_comp_id 
_pdbx_unobs_or_zero_occ_residues.auth_seq_id 
_pdbx_unobs_or_zero_occ_residues.PDB_ins_code 
_pdbx_unobs_or_zero_occ_residues.label_asym_id 
_pdbx_unobs_or_zero_occ_residues.label_comp_id 
_pdbx_unobs_or_zero_occ_residues.label_seq_id 
1 1 Y 1 A MET 1   ? A MET 1   
2 1 Y 1 A HIS 119 ? A HIS 119 
3 1 Y 1 A HIS 120 ? A HIS 120 
4 1 Y 1 A HIS 121 ? A HIS 121 
5 1 Y 1 A HIS 122 ? A HIS 122 
# 
loop_
_chem_comp_atom.comp_id 
_chem_comp_atom.atom_id 
_chem_comp_atom.type_symbol 
_chem_comp_atom.pdbx_aromatic_flag 
_chem_comp_atom.pdbx_stereo_config 
_chem_comp_atom.pdbx_ordinal 
ALA N    N N N 1   
ALA CA   C N S 2   
ALA C    C N N 3   
ALA O    O N N 4   
ALA CB   C N N 5   
ALA OXT  O N N 6   
ALA H    H N N 7   
ALA H2   H N N 8   
ALA HA   H N N 9   
ALA HB1  H N N 10  
ALA HB2  H N N 11  
ALA HB3  H N N 12  
ALA HXT  H N N 13  
ASN N    N N N 14  
ASN CA   C N S 15  
ASN C    C N N 16  
ASN O    O N N 17  
ASN CB   C N N 18  
ASN CG   C N N 19  
ASN OD1  O N N 20  
ASN ND2  N N N 21  
ASN OXT  O N N 22  
ASN H    H N N 23  
ASN H2   H N N 24  
ASN HA   H N N 25  
ASN HB2  H N N 26  
ASN HB3  H N N 27  
ASN HD21 H N N 28  
ASN HD22 H N N 29  
ASN HXT  H N N 30  
ASP N    N N N 31  
ASP CA   C N S 32  
ASP C    C N N 33  
ASP O    O N N 34  
ASP CB   C N N 35  
ASP CG   C N N 36  
ASP OD1  O N N 37  
ASP OD2  O N N 38  
ASP OXT  O N N 39  
ASP H    H N N 40  
ASP H2   H N N 41  
ASP HA   H N N 42  
ASP HB2  H N N 43  
ASP HB3  H N N 44  
ASP HD2  H N N 45  
ASP HXT  H N N 46  
CYS N    N N N 47  
CYS CA   C N R 48  
CYS C    C N N 49  
CYS O    O N N 50  
CYS CB   C N N 51  
CYS SG   S N N 52  
CYS OXT  O N N 53  
CYS H    H N N 54  
CYS H2   H N N 55  
CYS HA   H N N 56  
CYS HB2  H N N 57  
CYS HB3  H N N 58  
CYS HG   H N N 59  
CYS HXT  H N N 60  
GLN N    N N N 61  
GLN CA   C N S 62  
GLN C    C N N 63  
GLN O    O N N 64  
GLN CB   C N N 65  
GLN CG   C N N 66  
GLN CD   C N N 67  
GLN OE1  O N N 68  
GLN NE2  N N N 69  
GLN OXT  O N N 70  
GLN H    H N N 71  
GLN H2   H N N 72  
GLN HA   H N N 73  
GLN HB2  H N N 74  
GLN HB3  H N N 75  
GLN HG2  H N N 76  
GLN HG3  H N N 77  
GLN HE21 H N N 78  
GLN HE22 H N N 79  
GLN HXT  H N N 80  
GLU N    N N N 81  
GLU CA   C N S 82  
GLU C    C N N 83  
GLU O    O N N 84  
GLU CB   C N N 85  
GLU CG   C N N 86  
GLU CD   C N N 87  
GLU OE1  O N N 88  
GLU OE2  O N N 89  
GLU OXT  O N N 90  
GLU H    H N N 91  
GLU H2   H N N 92  
GLU HA   H N N 93  
GLU HB2  H N N 94  
GLU HB3  H N N 95  
GLU HG2  H N N 96  
GLU HG3  H N N 97  
GLU HE2  H N N 98  
GLU HXT  H N N 99  
GLY N    N N N 100 
GLY CA   C N N 101 
GLY C    C N N 102 
GLY O    O N N 103 
GLY OXT  O N N 104 
GLY H    H N N 105 
GLY H2   H N N 106 
GLY HA2  H N N 107 
GLY HA3  H N N 108 
GLY HXT  H N N 109 
GOL C1   C N N 110 
GOL O1   O N N 111 
GOL C2   C N N 112 
GOL O2   O N N 113 
GOL C3   C N N 114 
GOL O3   O N N 115 
GOL H11  H N N 116 
GOL H12  H N N 117 
GOL HO1  H N N 118 
GOL H2   H N N 119 
GOL HO2  H N N 120 
GOL H31  H N N 121 
GOL H32  H N N 122 
GOL HO3  H N N 123 
HIS N    N N N 124 
HIS CA   C N S 125 
HIS C    C N N 126 
HIS O    O N N 127 
HIS CB   C N N 128 
HIS CG   C Y N 129 
HIS ND1  N Y N 130 
HIS CD2  C Y N 131 
HIS CE1  C Y N 132 
HIS NE2  N Y N 133 
HIS OXT  O N N 134 
HIS H    H N N 135 
HIS H2   H N N 136 
HIS HA   H N N 137 
HIS HB2  H N N 138 
HIS HB3  H N N 139 
HIS HD1  H N N 140 
HIS HD2  H N N 141 
HIS HE1  H N N 142 
HIS HE2  H N N 143 
HIS HXT  H N N 144 
HOH O    O N N 145 
HOH H1   H N N 146 
HOH H2   H N N 147 
ILE N    N N N 148 
ILE CA   C N S 149 
ILE C    C N N 150 
ILE O    O N N 151 
ILE CB   C N S 152 
ILE CG1  C N N 153 
ILE CG2  C N N 154 
ILE CD1  C N N 155 
ILE OXT  O N N 156 
ILE H    H N N 157 
ILE H2   H N N 158 
ILE HA   H N N 159 
ILE HB   H N N 160 
ILE HG12 H N N 161 
ILE HG13 H N N 162 
ILE HG21 H N N 163 
ILE HG22 H N N 164 
ILE HG23 H N N 165 
ILE HD11 H N N 166 
ILE HD12 H N N 167 
ILE HD13 H N N 168 
ILE HXT  H N N 169 
LEU N    N N N 170 
LEU CA   C N S 171 
LEU C    C N N 172 
LEU O    O N N 173 
LEU CB   C N N 174 
LEU CG   C N N 175 
LEU CD1  C N N 176 
LEU CD2  C N N 177 
LEU OXT  O N N 178 
LEU H    H N N 179 
LEU H2   H N N 180 
LEU HA   H N N 181 
LEU HB2  H N N 182 
LEU HB3  H N N 183 
LEU HG   H N N 184 
LEU HD11 H N N 185 
LEU HD12 H N N 186 
LEU HD13 H N N 187 
LEU HD21 H N N 188 
LEU HD22 H N N 189 
LEU HD23 H N N 190 
LEU HXT  H N N 191 
LYS N    N N N 192 
LYS CA   C N S 193 
LYS C    C N N 194 
LYS O    O N N 195 
LYS CB   C N N 196 
LYS CG   C N N 197 
LYS CD   C N N 198 
LYS CE   C N N 199 
LYS NZ   N N N 200 
LYS OXT  O N N 201 
LYS H    H N N 202 
LYS H2   H N N 203 
LYS HA   H N N 204 
LYS HB2  H N N 205 
LYS HB3  H N N 206 
LYS HG2  H N N 207 
LYS HG3  H N N 208 
LYS HD2  H N N 209 
LYS HD3  H N N 210 
LYS HE2  H N N 211 
LYS HE3  H N N 212 
LYS HZ1  H N N 213 
LYS HZ2  H N N 214 
LYS HZ3  H N N 215 
LYS HXT  H N N 216 
MET N    N N N 217 
MET CA   C N S 218 
MET C    C N N 219 
MET O    O N N 220 
MET CB   C N N 221 
MET CG   C N N 222 
MET SD   S N N 223 
MET CE   C N N 224 
MET OXT  O N N 225 
MET H    H N N 226 
MET H2   H N N 227 
MET HA   H N N 228 
MET HB2  H N N 229 
MET HB3  H N N 230 
MET HG2  H N N 231 
MET HG3  H N N 232 
MET HE1  H N N 233 
MET HE2  H N N 234 
MET HE3  H N N 235 
MET HXT  H N N 236 
PHE N    N N N 237 
PHE CA   C N S 238 
PHE C    C N N 239 
PHE O    O N N 240 
PHE CB   C N N 241 
PHE CG   C Y N 242 
PHE CD1  C Y N 243 
PHE CD2  C Y N 244 
PHE CE1  C Y N 245 
PHE CE2  C Y N 246 
PHE CZ   C Y N 247 
PHE OXT  O N N 248 
PHE H    H N N 249 
PHE H2   H N N 250 
PHE HA   H N N 251 
PHE HB2  H N N 252 
PHE HB3  H N N 253 
PHE HD1  H N N 254 
PHE HD2  H N N 255 
PHE HE1  H N N 256 
PHE HE2  H N N 257 
PHE HZ   H N N 258 
PHE HXT  H N N 259 
PRO N    N N N 260 
PRO CA   C N S 261 
PRO C    C N N 262 
PRO O    O N N 263 
PRO CB   C N N 264 
PRO CG   C N N 265 
PRO CD   C N N 266 
PRO OXT  O N N 267 
PRO H    H N N 268 
PRO HA   H N N 269 
PRO HB2  H N N 270 
PRO HB3  H N N 271 
PRO HG2  H N N 272 
PRO HG3  H N N 273 
PRO HD2  H N N 274 
PRO HD3  H N N 275 
PRO HXT  H N N 276 
SER N    N N N 277 
SER CA   C N S 278 
SER C    C N N 279 
SER O    O N N 280 
SER CB   C N N 281 
SER OG   O N N 282 
SER OXT  O N N 283 
SER H    H N N 284 
SER H2   H N N 285 
SER HA   H N N 286 
SER HB2  H N N 287 
SER HB3  H N N 288 
SER HG   H N N 289 
SER HXT  H N N 290 
THR N    N N N 291 
THR CA   C N S 292 
THR C    C N N 293 
THR O    O N N 294 
THR CB   C N R 295 
THR OG1  O N N 296 
THR CG2  C N N 297 
THR OXT  O N N 298 
THR H    H N N 299 
THR H2   H N N 300 
THR HA   H N N 301 
THR HB   H N N 302 
THR HG1  H N N 303 
THR HG21 H N N 304 
THR HG22 H N N 305 
THR HG23 H N N 306 
THR HXT  H N N 307 
TRP N    N N N 308 
TRP CA   C N S 309 
TRP C    C N N 310 
TRP O    O N N 311 
TRP CB   C N N 312 
TRP CG   C Y N 313 
TRP CD1  C Y N 314 
TRP CD2  C Y N 315 
TRP NE1  N Y N 316 
TRP CE2  C Y N 317 
TRP CE3  C Y N 318 
TRP CZ2  C Y N 319 
TRP CZ3  C Y N 320 
TRP CH2  C Y N 321 
TRP OXT  O N N 322 
TRP H    H N N 323 
TRP H2   H N N 324 
TRP HA   H N N 325 
TRP HB2  H N N 326 
TRP HB3  H N N 327 
TRP HD1  H N N 328 
TRP HE1  H N N 329 
TRP HE3  H N N 330 
TRP HZ2  H N N 331 
TRP HZ3  H N N 332 
TRP HH2  H N N 333 
TRP HXT  H N N 334 
TYR N    N N N 335 
TYR CA   C N S 336 
TYR C    C N N 337 
TYR O    O N N 338 
TYR CB   C N N 339 
TYR CG   C Y N 340 
TYR CD1  C Y N 341 
TYR CD2  C Y N 342 
TYR CE1  C Y N 343 
TYR CE2  C Y N 344 
TYR CZ   C Y N 345 
TYR OH   O N N 346 
TYR OXT  O N N 347 
TYR H    H N N 348 
TYR H2   H N N 349 
TYR HA   H N N 350 
TYR HB2  H N N 351 
TYR HB3  H N N 352 
TYR HD1  H N N 353 
TYR HD2  H N N 354 
TYR HE1  H N N 355 
TYR HE2  H N N 356 
TYR HH   H N N 357 
TYR HXT  H N N 358 
VAL N    N N N 359 
VAL CA   C N S 360 
VAL C    C N N 361 
VAL O    O N N 362 
VAL CB   C N N 363 
VAL CG1  C N N 364 
VAL CG2  C N N 365 
VAL OXT  O N N 366 
VAL H    H N N 367 
VAL H2   H N N 368 
VAL HA   H N N 369 
VAL HB   H N N 370 
VAL HG11 H N N 371 
VAL HG12 H N N 372 
VAL HG13 H N N 373 
VAL HG21 H N N 374 
VAL HG22 H N N 375 
VAL HG23 H N N 376 
VAL HXT  H N N 377 
# 
loop_
_chem_comp_bond.comp_id 
_chem_comp_bond.atom_id_1 
_chem_comp_bond.atom_id_2 
_chem_comp_bond.value_order 
_chem_comp_bond.pdbx_aromatic_flag 
_chem_comp_bond.pdbx_stereo_config 
_chem_comp_bond.pdbx_ordinal 
ALA N   CA   sing N N 1   
ALA N   H    sing N N 2   
ALA N   H2   sing N N 3   
ALA CA  C    sing N N 4   
ALA CA  CB   sing N N 5   
ALA CA  HA   sing N N 6   
ALA C   O    doub N N 7   
ALA C   OXT  sing N N 8   
ALA CB  HB1  sing N N 9   
ALA CB  HB2  sing N N 10  
ALA CB  HB3  sing N N 11  
ALA OXT HXT  sing N N 12  
ASN N   CA   sing N N 13  
ASN N   H    sing N N 14  
ASN N   H2   sing N N 15  
ASN CA  C    sing N N 16  
ASN CA  CB   sing N N 17  
ASN CA  HA   sing N N 18  
ASN C   O    doub N N 19  
ASN C   OXT  sing N N 20  
ASN CB  CG   sing N N 21  
ASN CB  HB2  sing N N 22  
ASN CB  HB3  sing N N 23  
ASN CG  OD1  doub N N 24  
ASN CG  ND2  sing N N 25  
ASN ND2 HD21 sing N N 26  
ASN ND2 HD22 sing N N 27  
ASN OXT HXT  sing N N 28  
ASP N   CA   sing N N 29  
ASP N   H    sing N N 30  
ASP N   H2   sing N N 31  
ASP CA  C    sing N N 32  
ASP CA  CB   sing N N 33  
ASP CA  HA   sing N N 34  
ASP C   O    doub N N 35  
ASP C   OXT  sing N N 36  
ASP CB  CG   sing N N 37  
ASP CB  HB2  sing N N 38  
ASP CB  HB3  sing N N 39  
ASP CG  OD1  doub N N 40  
ASP CG  OD2  sing N N 41  
ASP OD2 HD2  sing N N 42  
ASP OXT HXT  sing N N 43  
CYS N   CA   sing N N 44  
CYS N   H    sing N N 45  
CYS N   H2   sing N N 46  
CYS CA  C    sing N N 47  
CYS CA  CB   sing N N 48  
CYS CA  HA   sing N N 49  
CYS C   O    doub N N 50  
CYS C   OXT  sing N N 51  
CYS CB  SG   sing N N 52  
CYS CB  HB2  sing N N 53  
CYS CB  HB3  sing N N 54  
CYS SG  HG   sing N N 55  
CYS OXT HXT  sing N N 56  
GLN N   CA   sing N N 57  
GLN N   H    sing N N 58  
GLN N   H2   sing N N 59  
GLN CA  C    sing N N 60  
GLN CA  CB   sing N N 61  
GLN CA  HA   sing N N 62  
GLN C   O    doub N N 63  
GLN C   OXT  sing N N 64  
GLN CB  CG   sing N N 65  
GLN CB  HB2  sing N N 66  
GLN CB  HB3  sing N N 67  
GLN CG  CD   sing N N 68  
GLN CG  HG2  sing N N 69  
GLN CG  HG3  sing N N 70  
GLN CD  OE1  doub N N 71  
GLN CD  NE2  sing N N 72  
GLN NE2 HE21 sing N N 73  
GLN NE2 HE22 sing N N 74  
GLN OXT HXT  sing N N 75  
GLU N   CA   sing N N 76  
GLU N   H    sing N N 77  
GLU N   H2   sing N N 78  
GLU CA  C    sing N N 79  
GLU CA  CB   sing N N 80  
GLU CA  HA   sing N N 81  
GLU C   O    doub N N 82  
GLU C   OXT  sing N N 83  
GLU CB  CG   sing N N 84  
GLU CB  HB2  sing N N 85  
GLU CB  HB3  sing N N 86  
GLU CG  CD   sing N N 87  
GLU CG  HG2  sing N N 88  
GLU CG  HG3  sing N N 89  
GLU CD  OE1  doub N N 90  
GLU CD  OE2  sing N N 91  
GLU OE2 HE2  sing N N 92  
GLU OXT HXT  sing N N 93  
GLY N   CA   sing N N 94  
GLY N   H    sing N N 95  
GLY N   H2   sing N N 96  
GLY CA  C    sing N N 97  
GLY CA  HA2  sing N N 98  
GLY CA  HA3  sing N N 99  
GLY C   O    doub N N 100 
GLY C   OXT  sing N N 101 
GLY OXT HXT  sing N N 102 
GOL C1  O1   sing N N 103 
GOL C1  C2   sing N N 104 
GOL C1  H11  sing N N 105 
GOL C1  H12  sing N N 106 
GOL O1  HO1  sing N N 107 
GOL C2  O2   sing N N 108 
GOL C2  C3   sing N N 109 
GOL C2  H2   sing N N 110 
GOL O2  HO2  sing N N 111 
GOL C3  O3   sing N N 112 
GOL C3  H31  sing N N 113 
GOL C3  H32  sing N N 114 
GOL O3  HO3  sing N N 115 
HIS N   CA   sing N N 116 
HIS N   H    sing N N 117 
HIS N   H2   sing N N 118 
HIS CA  C    sing N N 119 
HIS CA  CB   sing N N 120 
HIS CA  HA   sing N N 121 
HIS C   O    doub N N 122 
HIS C   OXT  sing N N 123 
HIS CB  CG   sing N N 124 
HIS CB  HB2  sing N N 125 
HIS CB  HB3  sing N N 126 
HIS CG  ND1  sing Y N 127 
HIS CG  CD2  doub Y N 128 
HIS ND1 CE1  doub Y N 129 
HIS ND1 HD1  sing N N 130 
HIS CD2 NE2  sing Y N 131 
HIS CD2 HD2  sing N N 132 
HIS CE1 NE2  sing Y N 133 
HIS CE1 HE1  sing N N 134 
HIS NE2 HE2  sing N N 135 
HIS OXT HXT  sing N N 136 
HOH O   H1   sing N N 137 
HOH O   H2   sing N N 138 
ILE N   CA   sing N N 139 
ILE N   H    sing N N 140 
ILE N   H2   sing N N 141 
ILE CA  C    sing N N 142 
ILE CA  CB   sing N N 143 
ILE CA  HA   sing N N 144 
ILE C   O    doub N N 145 
ILE C   OXT  sing N N 146 
ILE CB  CG1  sing N N 147 
ILE CB  CG2  sing N N 148 
ILE CB  HB   sing N N 149 
ILE CG1 CD1  sing N N 150 
ILE CG1 HG12 sing N N 151 
ILE CG1 HG13 sing N N 152 
ILE CG2 HG21 sing N N 153 
ILE CG2 HG22 sing N N 154 
ILE CG2 HG23 sing N N 155 
ILE CD1 HD11 sing N N 156 
ILE CD1 HD12 sing N N 157 
ILE CD1 HD13 sing N N 158 
ILE OXT HXT  sing N N 159 
LEU N   CA   sing N N 160 
LEU N   H    sing N N 161 
LEU N   H2   sing N N 162 
LEU CA  C    sing N N 163 
LEU CA  CB   sing N N 164 
LEU CA  HA   sing N N 165 
LEU C   O    doub N N 166 
LEU C   OXT  sing N N 167 
LEU CB  CG   sing N N 168 
LEU CB  HB2  sing N N 169 
LEU CB  HB3  sing N N 170 
LEU CG  CD1  sing N N 171 
LEU CG  CD2  sing N N 172 
LEU CG  HG   sing N N 173 
LEU CD1 HD11 sing N N 174 
LEU CD1 HD12 sing N N 175 
LEU CD1 HD13 sing N N 176 
LEU CD2 HD21 sing N N 177 
LEU CD2 HD22 sing N N 178 
LEU CD2 HD23 sing N N 179 
LEU OXT HXT  sing N N 180 
LYS N   CA   sing N N 181 
LYS N   H    sing N N 182 
LYS N   H2   sing N N 183 
LYS CA  C    sing N N 184 
LYS CA  CB   sing N N 185 
LYS CA  HA   sing N N 186 
LYS C   O    doub N N 187 
LYS C   OXT  sing N N 188 
LYS CB  CG   sing N N 189 
LYS CB  HB2  sing N N 190 
LYS CB  HB3  sing N N 191 
LYS CG  CD   sing N N 192 
LYS CG  HG2  sing N N 193 
LYS CG  HG3  sing N N 194 
LYS CD  CE   sing N N 195 
LYS CD  HD2  sing N N 196 
LYS CD  HD3  sing N N 197 
LYS CE  NZ   sing N N 198 
LYS CE  HE2  sing N N 199 
LYS CE  HE3  sing N N 200 
LYS NZ  HZ1  sing N N 201 
LYS NZ  HZ2  sing N N 202 
LYS NZ  HZ3  sing N N 203 
LYS OXT HXT  sing N N 204 
MET N   CA   sing N N 205 
MET N   H    sing N N 206 
MET N   H2   sing N N 207 
MET CA  C    sing N N 208 
MET CA  CB   sing N N 209 
MET CA  HA   sing N N 210 
MET C   O    doub N N 211 
MET C   OXT  sing N N 212 
MET CB  CG   sing N N 213 
MET CB  HB2  sing N N 214 
MET CB  HB3  sing N N 215 
MET CG  SD   sing N N 216 
MET CG  HG2  sing N N 217 
MET CG  HG3  sing N N 218 
MET SD  CE   sing N N 219 
MET CE  HE1  sing N N 220 
MET CE  HE2  sing N N 221 
MET CE  HE3  sing N N 222 
MET OXT HXT  sing N N 223 
PHE N   CA   sing N N 224 
PHE N   H    sing N N 225 
PHE N   H2   sing N N 226 
PHE CA  C    sing N N 227 
PHE CA  CB   sing N N 228 
PHE CA  HA   sing N N 229 
PHE C   O    doub N N 230 
PHE C   OXT  sing N N 231 
PHE CB  CG   sing N N 232 
PHE CB  HB2  sing N N 233 
PHE CB  HB3  sing N N 234 
PHE CG  CD1  doub Y N 235 
PHE CG  CD2  sing Y N 236 
PHE CD1 CE1  sing Y N 237 
PHE CD1 HD1  sing N N 238 
PHE CD2 CE2  doub Y N 239 
PHE CD2 HD2  sing N N 240 
PHE CE1 CZ   doub Y N 241 
PHE CE1 HE1  sing N N 242 
PHE CE2 CZ   sing Y N 243 
PHE CE2 HE2  sing N N 244 
PHE CZ  HZ   sing N N 245 
PHE OXT HXT  sing N N 246 
PRO N   CA   sing N N 247 
PRO N   CD   sing N N 248 
PRO N   H    sing N N 249 
PRO CA  C    sing N N 250 
PRO CA  CB   sing N N 251 
PRO CA  HA   sing N N 252 
PRO C   O    doub N N 253 
PRO C   OXT  sing N N 254 
PRO CB  CG   sing N N 255 
PRO CB  HB2  sing N N 256 
PRO CB  HB3  sing N N 257 
PRO CG  CD   sing N N 258 
PRO CG  HG2  sing N N 259 
PRO CG  HG3  sing N N 260 
PRO CD  HD2  sing N N 261 
PRO CD  HD3  sing N N 262 
PRO OXT HXT  sing N N 263 
SER N   CA   sing N N 264 
SER N   H    sing N N 265 
SER N   H2   sing N N 266 
SER CA  C    sing N N 267 
SER CA  CB   sing N N 268 
SER CA  HA   sing N N 269 
SER C   O    doub N N 270 
SER C   OXT  sing N N 271 
SER CB  OG   sing N N 272 
SER CB  HB2  sing N N 273 
SER CB  HB3  sing N N 274 
SER OG  HG   sing N N 275 
SER OXT HXT  sing N N 276 
THR N   CA   sing N N 277 
THR N   H    sing N N 278 
THR N   H2   sing N N 279 
THR CA  C    sing N N 280 
THR CA  CB   sing N N 281 
THR CA  HA   sing N N 282 
THR C   O    doub N N 283 
THR C   OXT  sing N N 284 
THR CB  OG1  sing N N 285 
THR CB  CG2  sing N N 286 
THR CB  HB   sing N N 287 
THR OG1 HG1  sing N N 288 
THR CG2 HG21 sing N N 289 
THR CG2 HG22 sing N N 290 
THR CG2 HG23 sing N N 291 
THR OXT HXT  sing N N 292 
TRP N   CA   sing N N 293 
TRP N   H    sing N N 294 
TRP N   H2   sing N N 295 
TRP CA  C    sing N N 296 
TRP CA  CB   sing N N 297 
TRP CA  HA   sing N N 298 
TRP C   O    doub N N 299 
TRP C   OXT  sing N N 300 
TRP CB  CG   sing N N 301 
TRP CB  HB2  sing N N 302 
TRP CB  HB3  sing N N 303 
TRP CG  CD1  doub Y N 304 
TRP CG  CD2  sing Y N 305 
TRP CD1 NE1  sing Y N 306 
TRP CD1 HD1  sing N N 307 
TRP CD2 CE2  doub Y N 308 
TRP CD2 CE3  sing Y N 309 
TRP NE1 CE2  sing Y N 310 
TRP NE1 HE1  sing N N 311 
TRP CE2 CZ2  sing Y N 312 
TRP CE3 CZ3  doub Y N 313 
TRP CE3 HE3  sing N N 314 
TRP CZ2 CH2  doub Y N 315 
TRP CZ2 HZ2  sing N N 316 
TRP CZ3 CH2  sing Y N 317 
TRP CZ3 HZ3  sing N N 318 
TRP CH2 HH2  sing N N 319 
TRP OXT HXT  sing N N 320 
TYR N   CA   sing N N 321 
TYR N   H    sing N N 322 
TYR N   H2   sing N N 323 
TYR CA  C    sing N N 324 
TYR CA  CB   sing N N 325 
TYR CA  HA   sing N N 326 
TYR C   O    doub N N 327 
TYR C   OXT  sing N N 328 
TYR CB  CG   sing N N 329 
TYR CB  HB2  sing N N 330 
TYR CB  HB3  sing N N 331 
TYR CG  CD1  doub Y N 332 
TYR CG  CD2  sing Y N 333 
TYR CD1 CE1  sing Y N 334 
TYR CD1 HD1  sing N N 335 
TYR CD2 CE2  doub Y N 336 
TYR CD2 HD2  sing N N 337 
TYR CE1 CZ   doub Y N 338 
TYR CE1 HE1  sing N N 339 
TYR CE2 CZ   sing Y N 340 
TYR CE2 HE2  sing N N 341 
TYR CZ  OH   sing N N 342 
TYR OH  HH   sing N N 343 
TYR OXT HXT  sing N N 344 
VAL N   CA   sing N N 345 
VAL N   H    sing N N 346 
VAL N   H2   sing N N 347 
VAL CA  C    sing N N 348 
VAL CA  CB   sing N N 349 
VAL CA  HA   sing N N 350 
VAL C   O    doub N N 351 
VAL C   OXT  sing N N 352 
VAL CB  CG1  sing N N 353 
VAL CB  CG2  sing N N 354 
VAL CB  HB   sing N N 355 
VAL CG1 HG11 sing N N 356 
VAL CG1 HG12 sing N N 357 
VAL CG1 HG13 sing N N 358 
VAL CG2 HG21 sing N N 359 
VAL CG2 HG22 sing N N 360 
VAL CG2 HG23 sing N N 361 
VAL OXT HXT  sing N N 362 
# 
loop_
_pdbx_audit_support.funding_organization 
_pdbx_audit_support.country 
_pdbx_audit_support.grant_number 
_pdbx_audit_support.ordinal 
'Ministry of Science and Technology of China' China 2012CB911002 1 
'National Natural Science Foundation'         China 31400629     2 
# 
loop_
_pdbx_entity_nonpoly.entity_id 
_pdbx_entity_nonpoly.name 
_pdbx_entity_nonpoly.comp_id 
2 GLYCEROL GOL 
3 water    HOH 
# 
_pdbx_initial_refinement_model.id               1 
_pdbx_initial_refinement_model.entity_id_list   ? 
_pdbx_initial_refinement_model.type             'experimental model' 
_pdbx_initial_refinement_model.source_name      PDB 
_pdbx_initial_refinement_model.accession_code   3D6I 
_pdbx_initial_refinement_model.details          ? 
# 
_pdbx_struct_assembly_auth_evidence.id                     1 
_pdbx_struct_assembly_auth_evidence.assembly_id            1 
_pdbx_struct_assembly_auth_evidence.experimental_support   'gel filtration' 
_pdbx_struct_assembly_auth_evidence.details                ? 
# 
